data_1Z6T
#
_entry.id   1Z6T
#
_cell.length_a   75.955
_cell.length_b   92.883
_cell.length_c   94.988
_cell.angle_alpha   62.96
_cell.angle_beta   89.99
_cell.angle_gamma   90.05
#
_symmetry.space_group_name_H-M   'P 1'
#
loop_
_entity.id
_entity.type
_entity.pdbx_description
1 polymer 'Apoptotic protease activating factor 1'
2 non-polymer "ADENOSINE-5'-DIPHOSPHATE"
3 water water
#
_entity_poly.entity_id   1
_entity_poly.type   'polypeptide(L)'
_entity_poly.pdbx_seq_one_letter_code
;MDAKARNCLLQHREALEKDIKTSYIMDHMISDGFLTISEEEKVRNEPTQQQRAAMLIKMILKKDNDSYVSFYNALLHEGY
KDLAALLHDGIPVVSSSSGKDSVSGITSYVRTVLCEGGVPQRPVVFVTRKKLVNAIQQKLSKLKGEPGWVTIHGMAGCGK
SVLAAEAVRDHSLLEGCFPGGVHWVSVGKQDKSGLLMKLQNLCTRLDQDESFSQRLPLNIEEAKDRLRILMLRKHPRSLL
ILDDVWDSWVLKAFDSQCQILLTTRDKSVTDSVMGPKYVVPVESSLGKEKGLEILSLFVNMKKADLPEQAHSIIKECKGS
PLVVSLIGALLRDFPNRWEYYLKQLQNKQFKRIRKSSSYDYEALDEAMSISVEMLREDIKDYYTDLSILQKDVKVPTKVL
CILWDMETEEVEDILQEFVNKSLLFCDRNGKSFRYYLHDLQVDFLTEKNCSQLQDLHKKIITQFQRYHQPHTLSPDQEDC
MYWYNFLAYHMASAKMHKELCALMFSLDWIKAKTELVGPAHLIHEFVEYRHILDEKDCAVSENFQEFLSLNGHLLGRQPF
PNIVQLGLCEPETSEVYQQAKLQAKQEVDNG
;
_entity_poly.pdbx_strand_id   A,B,C,D
#
# COMPACT_ATOMS: atom_id res chain seq x y z
N MET A 1 1.24 -31.95 -37.62
CA MET A 1 0.06 -31.66 -36.74
C MET A 1 -0.75 -32.95 -36.42
N ASP A 2 -1.77 -32.80 -35.59
CA ASP A 2 -2.67 -33.88 -35.20
C ASP A 2 -3.48 -34.37 -36.38
N ALA A 3 -3.96 -35.60 -36.27
CA ALA A 3 -4.72 -36.24 -37.36
C ALA A 3 -6.08 -35.60 -37.45
N LYS A 4 -6.67 -35.31 -36.29
CA LYS A 4 -7.90 -34.54 -36.22
C LYS A 4 -7.72 -33.27 -37.03
N ALA A 5 -6.59 -32.60 -36.77
CA ALA A 5 -6.33 -31.26 -37.30
C ALA A 5 -6.31 -31.29 -38.82
N ARG A 6 -5.39 -32.09 -39.36
CA ARG A 6 -5.22 -32.25 -40.80
C ARG A 6 -6.52 -32.67 -41.51
N ASN A 7 -7.16 -33.72 -41.00
CA ASN A 7 -8.42 -34.23 -41.60
C ASN A 7 -9.43 -33.11 -41.68
N CYS A 8 -9.52 -32.37 -40.59
CA CYS A 8 -10.37 -31.20 -40.47
C CYS A 8 -9.93 -30.09 -41.45
N LEU A 9 -8.62 -29.85 -41.51
CA LEU A 9 -8.06 -28.86 -42.44
C LEU A 9 -8.37 -29.28 -43.88
N LEU A 10 -7.90 -30.49 -44.24
CA LEU A 10 -8.11 -31.08 -45.56
C LEU A 10 -9.57 -31.09 -45.93
N GLN A 11 -10.43 -31.29 -44.94
CA GLN A 11 -11.88 -31.38 -45.16
C GLN A 11 -12.55 -30.07 -45.53
N HIS A 12 -11.99 -28.94 -45.08
CA HIS A 12 -12.65 -27.62 -45.23
C HIS A 12 -11.88 -26.70 -46.16
N ARG A 13 -10.97 -27.30 -46.90
CA ARG A 13 -9.99 -26.59 -47.70
C ARG A 13 -10.66 -25.77 -48.79
N GLU A 14 -11.60 -26.39 -49.47
CA GLU A 14 -12.25 -25.79 -50.62
C GLU A 14 -13.15 -24.64 -50.20
N ALA A 15 -13.81 -24.80 -49.06
CA ALA A 15 -14.50 -23.70 -48.34
C ALA A 15 -13.55 -22.54 -48.00
N LEU A 16 -12.36 -22.89 -47.50
CA LEU A 16 -11.41 -21.87 -47.12
C LEU A 16 -10.91 -21.12 -48.34
N GLU A 17 -10.36 -21.88 -49.31
CA GLU A 17 -9.85 -21.38 -50.59
C GLU A 17 -10.82 -20.47 -51.29
N LYS A 18 -12.08 -20.84 -51.25
CA LYS A 18 -13.15 -20.10 -51.92
C LYS A 18 -13.30 -18.70 -51.36
N ASP A 19 -13.15 -18.53 -50.05
CA ASP A 19 -13.62 -17.32 -49.39
C ASP A 19 -12.54 -16.41 -48.84
N ILE A 20 -11.41 -16.95 -48.37
CA ILE A 20 -10.49 -16.11 -47.60
C ILE A 20 -9.59 -15.20 -48.45
N LYS A 21 -9.41 -13.97 -47.97
CA LYS A 21 -8.35 -13.07 -48.45
C LYS A 21 -7.13 -13.24 -47.52
N THR A 22 -5.97 -13.41 -48.12
CA THR A 22 -4.80 -13.92 -47.38
C THR A 22 -3.99 -12.81 -46.70
N SER A 23 -4.08 -11.59 -47.22
CA SER A 23 -3.14 -10.54 -46.81
C SER A 23 -3.08 -10.31 -45.30
N TYR A 24 -4.20 -9.92 -44.70
CA TYR A 24 -4.23 -9.63 -43.23
C TYR A 24 -4.16 -10.94 -42.41
N ILE A 25 -4.67 -12.05 -42.92
CA ILE A 25 -4.42 -13.35 -42.26
C ILE A 25 -2.91 -13.60 -42.11
N MET A 26 -2.13 -13.37 -43.15
CA MET A 26 -0.69 -13.64 -43.09
C MET A 26 0.03 -12.66 -42.16
N ASP A 27 -0.43 -11.41 -42.13
CA ASP A 27 0.14 -10.42 -41.21
C ASP A 27 0.11 -10.93 -39.76
N HIS A 28 -1.01 -11.52 -39.36
CA HIS A 28 -1.16 -12.14 -38.04
C HIS A 28 -0.24 -13.33 -37.81
N MET A 29 -0.23 -14.24 -38.77
CA MET A 29 0.59 -15.44 -38.69
C MET A 29 2.10 -15.14 -38.68
N ILE A 30 2.50 -14.10 -39.41
CA ILE A 30 3.87 -13.62 -39.36
C ILE A 30 4.21 -13.10 -37.95
N SER A 31 3.30 -12.32 -37.37
CA SER A 31 3.50 -11.77 -36.04
C SER A 31 3.59 -12.87 -34.96
N ASP A 32 2.80 -13.93 -35.14
CA ASP A 32 2.85 -15.11 -34.26
C ASP A 32 4.10 -15.99 -34.50
N GLY A 33 4.89 -15.67 -35.53
CA GLY A 33 6.11 -16.42 -35.82
C GLY A 33 5.91 -17.77 -36.50
N PHE A 34 4.68 -18.06 -36.95
CA PHE A 34 4.40 -19.36 -37.62
C PHE A 34 4.37 -19.27 -39.15
N LEU A 35 4.85 -18.17 -39.71
CA LEU A 35 4.88 -18.00 -41.16
C LEU A 35 5.99 -17.03 -41.52
N THR A 36 6.78 -17.37 -42.55
CA THR A 36 7.97 -16.59 -42.92
C THR A 36 7.68 -15.56 -44.03
N ILE A 37 8.63 -14.67 -44.29
CA ILE A 37 8.44 -13.57 -45.23
C ILE A 37 8.46 -14.06 -46.68
N SER A 38 9.25 -15.10 -46.95
CA SER A 38 9.36 -15.64 -48.31
C SER A 38 8.12 -16.48 -48.60
N GLU A 39 7.60 -17.11 -47.56
CA GLU A 39 6.32 -17.81 -47.63
C GLU A 39 5.19 -16.86 -48.01
N GLU A 40 5.17 -15.66 -47.41
CA GLU A 40 4.22 -14.61 -47.80
C GLU A 40 4.37 -14.19 -49.26
N GLU A 41 5.61 -13.95 -49.66
CA GLU A 41 5.98 -13.50 -51.02
C GLU A 41 5.58 -14.52 -52.09
N LYS A 42 5.74 -15.81 -51.76
CA LYS A 42 5.33 -16.92 -52.62
C LYS A 42 3.79 -16.98 -52.79
N VAL A 43 3.07 -16.64 -51.72
CA VAL A 43 1.60 -16.59 -51.74
C VAL A 43 1.12 -15.37 -52.52
N ARG A 44 1.78 -14.24 -52.30
CA ARG A 44 1.35 -13.00 -52.91
C ARG A 44 1.60 -12.95 -54.41
N ASN A 45 2.47 -13.84 -54.87
CA ASN A 45 2.75 -13.93 -56.29
C ASN A 45 1.74 -14.76 -57.06
N GLU A 46 0.87 -15.51 -56.38
CA GLU A 46 -0.18 -16.24 -57.06
C GLU A 46 -1.11 -15.26 -57.69
N PRO A 47 -1.56 -15.54 -58.93
CA PRO A 47 -2.32 -14.53 -59.68
C PRO A 47 -3.71 -14.19 -59.16
N THR A 48 -4.32 -15.00 -58.28
CA THR A 48 -5.70 -14.76 -57.86
C THR A 48 -5.88 -14.95 -56.37
N GLN A 49 -6.99 -14.42 -55.88
CA GLN A 49 -7.39 -14.53 -54.48
C GLN A 49 -7.44 -15.97 -53.98
N GLN A 50 -8.07 -16.84 -54.76
CA GLN A 50 -8.23 -18.27 -54.41
C GLN A 50 -6.96 -19.06 -54.53
N GLN A 51 -6.09 -18.70 -55.48
CA GLN A 51 -4.79 -19.38 -55.61
C GLN A 51 -3.80 -18.91 -54.53
N ARG A 52 -3.89 -17.65 -54.13
CA ARG A 52 -3.20 -17.21 -52.92
C ARG A 52 -3.66 -18.04 -51.69
N ALA A 53 -4.97 -18.24 -51.57
CA ALA A 53 -5.54 -19.02 -50.47
C ALA A 53 -5.13 -20.48 -50.52
N ALA A 54 -5.13 -21.07 -51.72
CA ALA A 54 -4.70 -22.45 -51.96
C ALA A 54 -3.25 -22.65 -51.56
N MET A 55 -2.40 -21.73 -52.00
CA MET A 55 -0.99 -21.75 -51.71
C MET A 55 -0.77 -21.74 -50.19
N LEU A 56 -1.38 -20.77 -49.50
CA LEU A 56 -1.22 -20.67 -48.05
C LEU A 56 -1.65 -21.92 -47.31
N ILE A 57 -2.84 -22.41 -47.58
CA ILE A 57 -3.35 -23.60 -46.92
C ILE A 57 -2.44 -24.81 -47.17
N LYS A 58 -1.89 -24.93 -48.39
CA LYS A 58 -0.81 -25.91 -48.70
C LYS A 58 0.41 -25.75 -47.76
N MET A 59 0.81 -24.51 -47.46
CA MET A 59 1.95 -24.28 -46.57
C MET A 59 1.60 -24.67 -45.14
N ILE A 60 0.44 -24.21 -44.69
CA ILE A 60 -0.05 -24.51 -43.34
C ILE A 60 -0.25 -26.02 -43.11
N LEU A 61 -0.56 -26.77 -44.16
CA LEU A 61 -0.75 -28.21 -44.03
C LEU A 61 0.54 -28.91 -43.65
N LYS A 62 1.69 -28.35 -44.08
CA LYS A 62 2.99 -28.90 -43.73
C LYS A 62 3.55 -28.21 -42.50
N LYS A 63 2.71 -28.02 -41.49
CA LYS A 63 3.07 -27.21 -40.32
C LYS A 63 2.40 -27.67 -39.02
N ASP A 64 3.13 -27.43 -37.93
CA ASP A 64 2.76 -27.86 -36.58
C ASP A 64 1.38 -27.43 -36.08
N ASN A 65 1.02 -27.97 -34.91
CA ASN A 65 -0.23 -27.66 -34.19
C ASN A 65 -0.48 -26.17 -33.92
N ASP A 66 0.59 -25.44 -33.66
CA ASP A 66 0.49 -24.04 -33.25
C ASP A 66 0.12 -23.12 -34.41
N SER A 67 0.59 -23.49 -35.61
CA SER A 67 0.24 -22.79 -36.86
C SER A 67 -1.27 -22.87 -37.17
N TYR A 68 -1.83 -24.08 -37.07
CA TYR A 68 -3.28 -24.30 -37.12
C TYR A 68 -4.06 -23.31 -36.25
N VAL A 69 -3.67 -23.23 -34.98
CA VAL A 69 -4.32 -22.35 -34.00
C VAL A 69 -4.06 -20.86 -34.32
N SER A 70 -2.83 -20.53 -34.68
CA SER A 70 -2.50 -19.18 -35.18
C SER A 70 -3.39 -18.80 -36.38
N PHE A 71 -3.52 -19.72 -37.32
CA PHE A 71 -4.33 -19.53 -38.50
C PHE A 71 -5.80 -19.42 -38.08
N TYR A 72 -6.22 -20.32 -37.18
CA TYR A 72 -7.56 -20.23 -36.56
C TYR A 72 -7.81 -18.83 -35.96
N ASN A 73 -6.86 -18.34 -35.19
CA ASN A 73 -6.97 -17.01 -34.60
C ASN A 73 -6.93 -15.86 -35.59
N ALA A 74 -6.14 -15.98 -36.65
CA ALA A 74 -6.20 -14.98 -37.75
C ALA A 74 -7.60 -14.96 -38.39
N LEU A 75 -8.15 -16.13 -38.65
CA LEU A 75 -9.54 -16.23 -39.16
C LEU A 75 -10.57 -15.50 -38.28
N LEU A 76 -10.52 -15.66 -36.95
CA LEU A 76 -11.44 -14.93 -36.05
C LEU A 76 -11.16 -13.43 -36.00
N HIS A 77 -9.88 -13.09 -35.83
CA HIS A 77 -9.34 -11.73 -35.87
C HIS A 77 -9.78 -10.97 -37.10
N GLU A 78 -9.95 -11.69 -38.21
CA GLU A 78 -10.28 -11.08 -39.51
C GLU A 78 -11.71 -11.30 -39.92
N GLY A 79 -12.45 -12.04 -39.13
CA GLY A 79 -13.91 -12.11 -39.31
C GLY A 79 -14.39 -13.31 -40.08
N TYR A 80 -13.56 -14.33 -40.15
CA TYR A 80 -13.97 -15.58 -40.76
C TYR A 80 -14.47 -16.54 -39.66
N LYS A 81 -15.55 -16.09 -39.01
CA LYS A 81 -16.31 -16.81 -37.96
C LYS A 81 -16.75 -18.24 -38.36
N ASP A 82 -17.49 -18.33 -39.47
CA ASP A 82 -18.06 -19.59 -39.92
C ASP A 82 -17.01 -20.58 -40.44
N LEU A 83 -15.91 -20.06 -41.00
CA LEU A 83 -14.82 -20.93 -41.49
C LEU A 83 -13.99 -21.40 -40.33
N ALA A 84 -13.85 -20.55 -39.33
CA ALA A 84 -13.12 -20.90 -38.12
C ALA A 84 -13.93 -21.94 -37.32
N ALA A 85 -15.25 -21.81 -37.36
CA ALA A 85 -16.16 -22.79 -36.75
C ALA A 85 -15.96 -24.18 -37.31
N LEU A 86 -15.73 -24.27 -38.62
CA LEU A 86 -15.40 -25.56 -39.24
C LEU A 86 -14.01 -26.08 -38.80
N LEU A 87 -13.08 -25.17 -38.51
CA LEU A 87 -11.73 -25.54 -38.02
C LEU A 87 -11.68 -25.83 -36.51
N HIS A 88 -12.68 -25.35 -35.77
CA HIS A 88 -12.80 -25.57 -34.31
C HIS A 88 -12.84 -27.09 -34.04
N ASP A 89 -13.66 -27.80 -34.81
CA ASP A 89 -13.69 -29.26 -34.86
C ASP A 89 -12.31 -29.86 -34.58
N GLY A 90 -11.34 -29.57 -35.44
CA GLY A 90 -10.01 -30.19 -35.35
C GLY A 90 -8.95 -29.45 -34.55
N ILE A 91 -9.35 -28.44 -33.79
CA ILE A 91 -8.43 -27.60 -33.00
C ILE A 91 -7.51 -28.38 -32.04
N PRO A 92 -6.20 -28.32 -32.28
CA PRO A 92 -5.25 -29.00 -31.40
C PRO A 92 -4.84 -28.18 -30.18
N VAL A 93 -4.14 -28.82 -29.24
CA VAL A 93 -3.58 -28.14 -28.07
C VAL A 93 -2.36 -27.34 -28.53
N VAL A 94 -2.20 -26.16 -27.95
CA VAL A 94 -1.06 -25.29 -28.29
C VAL A 94 0.15 -25.61 -27.42
N GLY A 105 -5.31 -11.12 -21.97
CA GLY A 105 -6.77 -11.05 -21.87
C GLY A 105 -7.58 -11.29 -23.14
N ILE A 106 -6.89 -11.61 -24.25
CA ILE A 106 -7.51 -11.77 -25.56
C ILE A 106 -7.67 -13.25 -25.99
N THR A 107 -8.90 -13.69 -25.90
CA THR A 107 -9.27 -15.03 -26.23
C THR A 107 -9.96 -15.08 -27.60
N SER A 108 -10.28 -16.29 -28.05
CA SER A 108 -11.10 -16.51 -29.25
C SER A 108 -12.47 -15.87 -29.11
N TYR A 109 -13.06 -16.08 -27.94
CA TYR A 109 -14.30 -15.39 -27.56
C TYR A 109 -14.24 -13.86 -27.76
N VAL A 110 -13.18 -13.20 -27.30
CA VAL A 110 -13.05 -11.77 -27.50
C VAL A 110 -12.91 -11.43 -28.97
N ARG A 111 -12.06 -12.18 -29.67
CA ARG A 111 -11.80 -11.91 -31.07
C ARG A 111 -13.10 -12.00 -31.91
N THR A 112 -13.92 -13.01 -31.66
CA THR A 112 -15.22 -13.19 -32.37
C THR A 112 -16.29 -12.15 -32.00
N VAL A 113 -16.51 -11.96 -30.71
CA VAL A 113 -17.41 -10.91 -30.25
C VAL A 113 -17.09 -9.53 -30.86
N LEU A 114 -15.82 -9.12 -30.87
CA LEU A 114 -15.49 -7.77 -31.39
C LEU A 114 -15.64 -7.67 -32.87
N CYS A 115 -15.22 -8.71 -33.59
CA CYS A 115 -15.42 -8.76 -35.03
C CYS A 115 -16.90 -8.72 -35.41
N GLU A 116 -17.70 -9.57 -34.78
CA GLU A 116 -19.18 -9.53 -34.93
C GLU A 116 -19.75 -8.13 -34.74
N GLY A 117 -19.24 -7.39 -33.76
CA GLY A 117 -19.69 -6.02 -33.52
C GLY A 117 -19.11 -4.94 -34.42
N GLY A 118 -18.19 -5.30 -35.32
CA GLY A 118 -17.55 -4.33 -36.21
C GLY A 118 -16.60 -3.40 -35.48
N VAL A 119 -15.97 -3.89 -34.41
CA VAL A 119 -15.00 -3.08 -33.66
C VAL A 119 -13.69 -3.09 -34.44
N PRO A 120 -13.10 -1.88 -34.66
CA PRO A 120 -11.87 -1.79 -35.44
C PRO A 120 -10.79 -2.67 -34.88
N GLN A 121 -10.06 -3.36 -35.75
CA GLN A 121 -8.82 -4.03 -35.34
C GLN A 121 -7.80 -3.03 -34.75
N ARG A 122 -6.84 -3.52 -33.94
CA ARG A 122 -5.74 -2.68 -33.47
C ARG A 122 -4.99 -2.01 -34.61
N PRO A 123 -4.44 -0.80 -34.36
CA PRO A 123 -3.59 -0.16 -35.37
C PRO A 123 -2.40 -1.05 -35.75
N VAL A 124 -1.82 -0.76 -36.93
CA VAL A 124 -0.68 -1.53 -37.46
C VAL A 124 0.40 -1.73 -36.39
N VAL A 125 0.74 -0.66 -35.67
CA VAL A 125 1.64 -0.70 -34.52
C VAL A 125 0.82 -0.16 -33.34
N PHE A 126 0.94 -0.80 -32.18
CA PHE A 126 0.08 -0.53 -31.06
C PHE A 126 0.88 -0.54 -29.77
N VAL A 127 0.74 0.50 -28.95
CA VAL A 127 1.31 0.51 -27.63
C VAL A 127 0.21 0.55 -26.56
N THR A 128 0.44 -0.11 -25.43
CA THR A 128 -0.53 -0.13 -24.36
C THR A 128 -0.64 1.24 -23.69
N ARG A 129 -1.82 1.51 -23.14
CA ARG A 129 -2.11 2.74 -22.44
C ARG A 129 -2.94 2.28 -21.26
N LYS A 130 -2.27 1.57 -20.37
CA LYS A 130 -2.93 0.75 -19.34
C LYS A 130 -3.81 1.55 -18.39
N LYS A 131 -3.31 2.68 -17.92
CA LYS A 131 -4.03 3.49 -16.95
C LYS A 131 -5.33 4.05 -17.55
N LEU A 132 -5.29 4.51 -18.79
CA LEU A 132 -6.52 4.94 -19.49
C LEU A 132 -7.45 3.75 -19.77
N VAL A 133 -6.93 2.66 -20.31
CA VAL A 133 -7.76 1.49 -20.62
C VAL A 133 -8.47 0.96 -19.37
N ASN A 134 -7.72 0.81 -18.28
CA ASN A 134 -8.30 0.42 -16.98
C ASN A 134 -9.35 1.40 -16.42
N ALA A 135 -9.14 2.71 -16.58
CA ALA A 135 -10.16 3.67 -16.16
C ALA A 135 -11.49 3.58 -16.96
N ILE A 136 -11.38 3.29 -18.26
CA ILE A 136 -12.58 3.07 -19.07
C ILE A 136 -13.31 1.80 -18.62
N GLN A 137 -12.54 0.75 -18.43
CA GLN A 137 -13.07 -0.56 -18.03
C GLN A 137 -13.76 -0.49 -16.67
N GLN A 138 -13.16 0.26 -15.76
CA GLN A 138 -13.72 0.52 -14.45
C GLN A 138 -15.08 1.25 -14.51
N LYS A 139 -15.19 2.29 -15.34
CA LYS A 139 -16.48 2.98 -15.58
C LYS A 139 -17.51 2.04 -16.23
N LEU A 140 -17.10 1.29 -17.25
CA LEU A 140 -18.02 0.33 -17.91
C LEU A 140 -18.55 -0.69 -16.90
N SER A 141 -17.71 -1.10 -15.95
CA SER A 141 -18.09 -2.05 -14.93
C SER A 141 -19.04 -1.43 -13.88
N LYS A 142 -19.21 -0.13 -13.88
CA LYS A 142 -20.22 0.48 -12.99
C LYS A 142 -21.64 0.52 -13.60
N LEU A 143 -21.79 0.18 -14.88
CA LEU A 143 -23.10 0.19 -15.50
C LEU A 143 -23.99 -0.91 -14.93
N LYS A 144 -23.38 -2.05 -14.56
CA LYS A 144 -24.06 -3.16 -13.88
C LYS A 144 -25.35 -3.61 -14.55
N GLY A 145 -25.34 -3.78 -15.88
CA GLY A 145 -26.50 -4.29 -16.60
C GLY A 145 -27.66 -3.30 -16.72
N GLU A 146 -27.44 -2.05 -16.29
CA GLU A 146 -28.46 -1.00 -16.34
C GLU A 146 -27.99 0.07 -17.32
N PRO A 147 -28.94 0.82 -17.93
CA PRO A 147 -28.59 1.88 -18.86
C PRO A 147 -27.66 2.96 -18.26
N GLY A 148 -26.88 3.56 -19.12
CA GLY A 148 -25.93 4.57 -18.69
C GLY A 148 -24.97 4.91 -19.79
N TRP A 149 -24.19 5.94 -19.53
CA TRP A 149 -23.29 6.52 -20.51
C TRP A 149 -21.89 6.59 -19.95
N VAL A 150 -20.91 6.13 -20.74
CA VAL A 150 -19.51 6.31 -20.39
C VAL A 150 -18.92 7.13 -21.55
N THR A 151 -18.33 8.27 -21.22
CA THR A 151 -17.82 9.17 -22.24
C THR A 151 -16.29 9.29 -22.16
N ILE A 152 -15.64 8.99 -23.28
CA ILE A 152 -14.22 9.21 -23.46
C ILE A 152 -14.09 10.51 -24.23
N HIS A 153 -13.43 11.49 -23.62
CA HIS A 153 -13.32 12.79 -24.28
C HIS A 153 -11.89 13.32 -24.34
N GLY A 154 -11.64 14.10 -25.40
CA GLY A 154 -10.32 14.64 -25.69
C GLY A 154 -10.21 15.10 -27.14
N MET A 155 -9.07 15.67 -27.46
CA MET A 155 -8.87 16.28 -28.76
C MET A 155 -8.85 15.25 -29.90
N ALA A 156 -9.15 15.74 -31.10
CA ALA A 156 -9.07 14.95 -32.32
C ALA A 156 -7.68 14.34 -32.49
N GLY A 157 -7.66 13.05 -32.80
CA GLY A 157 -6.40 12.32 -32.95
C GLY A 157 -5.63 11.90 -31.70
N CYS A 158 -6.20 12.10 -30.52
CA CYS A 158 -5.47 11.76 -29.30
C CYS A 158 -5.52 10.27 -28.95
N GLY A 159 -6.28 9.48 -29.72
CA GLY A 159 -6.34 8.04 -29.62
C GLY A 159 -7.57 7.47 -28.92
N LYS A 160 -8.69 8.20 -28.94
CA LYS A 160 -9.89 7.80 -28.21
C LYS A 160 -10.54 6.51 -28.77
N SER A 161 -10.59 6.40 -30.07
CA SER A 161 -11.26 5.27 -30.69
C SER A 161 -10.43 4.00 -30.49
N VAL A 162 -9.11 4.13 -30.61
CA VAL A 162 -8.23 3.02 -30.25
C VAL A 162 -8.42 2.61 -28.80
N LEU A 163 -8.58 3.60 -27.90
CA LEU A 163 -8.83 3.33 -26.49
C LEU A 163 -10.15 2.60 -26.25
N ALA A 164 -11.21 3.03 -26.90
CA ALA A 164 -12.54 2.42 -26.74
C ALA A 164 -12.57 0.96 -27.18
N ALA A 165 -11.92 0.68 -28.30
CA ALA A 165 -11.76 -0.70 -28.79
C ALA A 165 -10.92 -1.56 -27.83
N GLU A 166 -9.80 -1.04 -27.30
CA GLU A 166 -8.99 -1.79 -26.32
C GLU A 166 -9.71 -2.09 -25.03
N ALA A 167 -10.53 -1.16 -24.58
CA ALA A 167 -11.29 -1.36 -23.36
C ALA A 167 -12.21 -2.59 -23.38
N VAL A 168 -12.78 -2.90 -24.55
CA VAL A 168 -13.65 -4.07 -24.72
C VAL A 168 -12.92 -5.33 -25.18
N ARG A 169 -11.61 -5.18 -25.46
CA ARG A 169 -10.76 -6.26 -25.91
C ARG A 169 -10.29 -7.04 -24.68
N ASP A 170 -11.25 -7.49 -23.89
CA ASP A 170 -10.98 -8.15 -22.61
C ASP A 170 -12.07 -9.19 -22.29
N HIS A 171 -11.66 -10.43 -22.06
CA HIS A 171 -12.60 -11.54 -21.85
C HIS A 171 -13.52 -11.37 -20.61
N SER A 172 -12.92 -11.06 -19.47
CA SER A 172 -13.63 -10.97 -18.20
C SER A 172 -14.66 -9.84 -18.20
N LEU A 173 -14.24 -8.66 -18.63
CA LEU A 173 -15.16 -7.54 -18.85
C LEU A 173 -16.32 -7.92 -19.79
N LEU A 174 -15.98 -8.54 -20.92
CA LEU A 174 -17.00 -8.85 -21.92
C LEU A 174 -17.97 -9.88 -21.40
N GLU A 175 -17.45 -10.99 -20.90
CA GLU A 175 -18.26 -12.07 -20.37
C GLU A 175 -19.05 -11.61 -19.14
N GLY A 176 -18.38 -10.88 -18.24
CA GLY A 176 -19.01 -10.45 -17.01
C GLY A 176 -19.97 -9.28 -17.11
N CYS A 177 -19.66 -8.32 -17.98
CA CYS A 177 -20.46 -7.13 -18.09
C CYS A 177 -21.36 -7.09 -19.30
N PHE A 178 -20.95 -7.68 -20.41
CA PHE A 178 -21.66 -7.56 -21.68
C PHE A 178 -21.84 -8.84 -22.45
N PRO A 179 -22.48 -9.85 -21.82
CA PRO A 179 -22.74 -11.15 -22.48
C PRO A 179 -23.53 -11.07 -23.80
N GLY A 180 -24.23 -9.96 -24.03
CA GLY A 180 -24.93 -9.71 -25.27
C GLY A 180 -24.07 -9.07 -26.37
N GLY A 181 -22.80 -8.83 -26.07
CA GLY A 181 -21.84 -8.37 -27.06
C GLY A 181 -21.66 -6.87 -27.10
N VAL A 182 -21.03 -6.42 -28.18
CA VAL A 182 -20.71 -5.01 -28.38
C VAL A 182 -20.99 -4.72 -29.83
N HIS A 183 -21.49 -3.52 -30.12
CA HIS A 183 -21.65 -3.08 -31.50
C HIS A 183 -21.04 -1.70 -31.64
N TRP A 184 -20.16 -1.55 -32.62
CA TRP A 184 -19.49 -0.30 -32.87
C TRP A 184 -20.18 0.52 -33.92
N VAL A 185 -20.46 1.78 -33.63
CA VAL A 185 -21.02 2.70 -34.58
C VAL A 185 -20.07 3.86 -34.81
N SER A 186 -19.65 4.05 -36.05
CA SER A 186 -18.85 5.20 -36.44
C SER A 186 -19.79 6.35 -36.81
N VAL A 187 -19.76 7.43 -36.03
CA VAL A 187 -20.76 8.47 -36.17
C VAL A 187 -20.12 9.67 -36.89
N GLY A 188 -19.24 10.38 -36.20
CA GLY A 188 -18.71 11.63 -36.70
C GLY A 188 -19.72 12.76 -36.73
N LYS A 189 -19.32 13.87 -37.35
CA LYS A 189 -20.19 15.04 -37.52
C LYS A 189 -21.27 14.70 -38.54
N GLN A 190 -22.53 14.80 -38.13
CA GLN A 190 -23.64 14.43 -38.97
C GLN A 190 -24.74 15.48 -38.88
N ASP A 191 -25.44 15.65 -40.01
CA ASP A 191 -26.74 16.34 -40.04
C ASP A 191 -27.80 15.25 -39.90
N LYS A 192 -29.08 15.61 -39.98
CA LYS A 192 -30.19 14.67 -39.79
C LYS A 192 -30.14 13.51 -40.78
N SER A 193 -29.94 13.82 -42.06
CA SER A 193 -29.99 12.76 -43.08
C SER A 193 -28.71 11.91 -43.04
N GLY A 194 -27.61 12.51 -42.60
CA GLY A 194 -26.37 11.78 -42.32
C GLY A 194 -26.51 10.82 -41.17
N LEU A 195 -27.14 11.25 -40.09
CA LEU A 195 -27.35 10.33 -38.97
C LEU A 195 -28.33 9.23 -39.36
N LEU A 196 -29.37 9.58 -40.11
CA LEU A 196 -30.34 8.57 -40.58
C LEU A 196 -29.65 7.45 -41.36
N MET A 197 -28.75 7.81 -42.27
CA MET A 197 -27.98 6.80 -43.02
C MET A 197 -27.25 5.86 -42.07
N LYS A 198 -26.61 6.44 -41.05
CA LYS A 198 -25.90 5.64 -40.04
C LYS A 198 -26.84 4.74 -39.23
N LEU A 199 -27.99 5.27 -38.81
CA LEU A 199 -28.97 4.47 -38.08
C LEU A 199 -29.60 3.35 -38.93
N GLN A 200 -29.86 3.63 -40.20
CA GLN A 200 -30.37 2.61 -41.12
C GLN A 200 -29.39 1.42 -41.25
N ASN A 201 -28.13 1.73 -41.48
CA ASN A 201 -27.08 0.72 -41.52
C ASN A 201 -26.94 -0.07 -40.20
N LEU A 202 -27.04 0.63 -39.08
CA LEU A 202 -26.99 0.00 -37.77
C LEU A 202 -28.17 -0.94 -37.56
N CYS A 203 -29.38 -0.49 -37.89
CA CYS A 203 -30.57 -1.35 -37.71
C CYS A 203 -30.44 -2.64 -38.53
N THR A 204 -29.88 -2.53 -39.73
CA THR A 204 -29.65 -3.69 -40.59
C THR A 204 -28.65 -4.66 -39.92
N ARG A 205 -27.55 -4.11 -39.41
CA ARG A 205 -26.55 -4.92 -38.71
C ARG A 205 -27.08 -5.64 -37.48
N LEU A 206 -28.00 -4.99 -36.77
CA LEU A 206 -28.50 -5.52 -35.50
C LEU A 206 -29.62 -6.52 -35.66
N ASP A 207 -30.15 -6.66 -36.87
CA ASP A 207 -31.23 -7.61 -37.18
C ASP A 207 -30.90 -8.33 -38.49
N GLN A 208 -29.84 -9.12 -38.45
CA GLN A 208 -29.41 -9.83 -39.66
C GLN A 208 -30.35 -11.00 -39.96
N ASP A 209 -30.62 -11.86 -38.97
CA ASP A 209 -31.58 -12.96 -39.14
C ASP A 209 -32.99 -12.51 -39.47
N GLU A 210 -33.22 -11.20 -39.47
CA GLU A 210 -34.45 -10.60 -40.01
C GLU A 210 -35.73 -10.90 -39.21
N SER A 211 -35.57 -11.16 -37.90
CA SER A 211 -36.69 -11.48 -37.03
C SER A 211 -37.62 -10.28 -36.77
N PHE A 212 -37.19 -9.10 -37.23
CA PHE A 212 -37.99 -7.88 -37.14
C PHE A 212 -38.05 -7.28 -38.56
N SER A 213 -38.59 -6.07 -38.71
CA SER A 213 -39.01 -5.55 -40.04
C SER A 213 -37.93 -5.67 -41.12
N GLN A 214 -38.34 -6.02 -42.34
CA GLN A 214 -37.43 -6.13 -43.48
C GLN A 214 -37.09 -4.76 -44.07
N ARG A 215 -37.99 -3.79 -43.86
CA ARG A 215 -37.77 -2.44 -44.38
C ARG A 215 -37.02 -1.57 -43.37
N LEU A 216 -36.25 -0.61 -43.88
CA LEU A 216 -35.48 0.30 -43.05
C LEU A 216 -36.35 1.33 -42.34
N PRO A 217 -35.91 1.81 -41.17
CA PRO A 217 -36.59 2.97 -40.58
C PRO A 217 -36.41 4.15 -41.53
N LEU A 218 -37.44 4.98 -41.65
CA LEU A 218 -37.47 6.00 -42.71
C LEU A 218 -37.22 7.41 -42.21
N ASN A 219 -37.21 7.57 -40.90
CA ASN A 219 -36.82 8.84 -40.29
C ASN A 219 -36.14 8.57 -38.94
N ILE A 220 -35.62 9.62 -38.31
CA ILE A 220 -34.89 9.44 -37.06
C ILE A 220 -35.75 8.87 -35.93
N GLU A 221 -36.99 9.32 -35.84
CA GLU A 221 -37.91 8.89 -34.78
C GLU A 221 -38.19 7.39 -34.90
N GLU A 222 -38.46 6.94 -36.12
CA GLU A 222 -38.63 5.51 -36.39
C GLU A 222 -37.40 4.66 -36.12
N ALA A 223 -36.23 5.21 -36.46
CA ALA A 223 -34.97 4.51 -36.24
C ALA A 223 -34.64 4.40 -34.75
N LYS A 224 -34.93 5.45 -33.99
CA LYS A 224 -34.73 5.47 -32.55
C LYS A 224 -35.60 4.38 -31.90
N ASP A 225 -36.87 4.37 -32.30
CA ASP A 225 -37.79 3.34 -31.88
C ASP A 225 -37.39 1.89 -32.27
N ARG A 226 -36.91 1.71 -33.51
CA ARG A 226 -36.48 0.38 -33.92
C ARG A 226 -35.22 -0.04 -33.15
N LEU A 227 -34.33 0.90 -32.89
CA LEU A 227 -33.13 0.61 -32.14
C LEU A 227 -33.49 0.17 -30.73
N ARG A 228 -34.46 0.84 -30.14
CA ARG A 228 -34.96 0.50 -28.82
C ARG A 228 -35.41 -0.94 -28.77
N ILE A 229 -36.17 -1.36 -29.78
CA ILE A 229 -36.74 -2.73 -29.83
C ILE A 229 -35.63 -3.77 -30.08
N LEU A 230 -34.70 -3.47 -30.99
CA LEU A 230 -33.66 -4.42 -31.31
C LEU A 230 -32.69 -4.62 -30.12
N MET A 231 -32.44 -3.58 -29.33
CA MET A 231 -31.55 -3.70 -28.17
C MET A 231 -32.20 -4.43 -27.02
N LEU A 232 -33.51 -4.26 -26.94
CA LEU A 232 -34.30 -4.94 -25.94
C LEU A 232 -34.49 -6.42 -26.29
N ARG A 233 -34.95 -6.68 -27.51
CA ARG A 233 -35.33 -8.02 -27.91
C ARG A 233 -34.24 -8.87 -28.53
N LYS A 234 -33.18 -8.24 -29.04
CA LYS A 234 -32.13 -8.99 -29.72
C LYS A 234 -30.79 -8.88 -29.04
N HIS A 235 -30.56 -7.76 -28.38
CA HIS A 235 -29.25 -7.46 -27.85
C HIS A 235 -29.27 -6.98 -26.42
N PRO A 236 -30.01 -7.69 -25.54
CA PRO A 236 -30.02 -7.28 -24.15
C PRO A 236 -28.65 -7.50 -23.56
N ARG A 237 -28.32 -6.78 -22.49
CA ARG A 237 -27.00 -6.88 -21.83
C ARG A 237 -25.77 -6.71 -22.75
N SER A 238 -25.87 -5.77 -23.68
CA SER A 238 -24.84 -5.47 -24.65
C SER A 238 -24.38 -4.05 -24.54
N LEU A 239 -23.24 -3.75 -25.11
CA LEU A 239 -22.76 -2.39 -25.18
C LEU A 239 -22.81 -1.86 -26.62
N LEU A 240 -23.28 -0.61 -26.74
CA LEU A 240 -23.21 0.16 -27.97
C LEU A 240 -22.05 1.13 -27.85
N ILE A 241 -21.14 1.12 -28.80
CA ILE A 241 -20.03 2.05 -28.83
C ILE A 241 -20.20 3.04 -29.98
N LEU A 242 -20.29 4.33 -29.63
CA LEU A 242 -20.50 5.42 -30.60
C LEU A 242 -19.24 6.26 -30.75
N ASP A 243 -18.64 6.21 -31.93
CA ASP A 243 -17.35 6.84 -32.13
C ASP A 243 -17.52 8.23 -32.72
N ASP A 244 -17.07 9.22 -31.96
CA ASP A 244 -17.02 10.63 -32.40
C ASP A 244 -18.39 11.33 -32.56
N VAL A 245 -19.05 11.51 -31.43
CA VAL A 245 -20.32 12.18 -31.36
C VAL A 245 -20.03 13.65 -31.23
N TRP A 246 -20.65 14.48 -32.08
CA TRP A 246 -20.41 15.94 -32.08
C TRP A 246 -21.54 16.74 -31.47
N ASP A 247 -22.73 16.17 -31.42
CA ASP A 247 -23.89 16.91 -30.97
C ASP A 247 -24.76 16.15 -29.99
N SER A 248 -25.27 16.86 -28.99
CA SER A 248 -26.15 16.27 -27.99
C SER A 248 -27.47 15.72 -28.60
N TRP A 249 -27.93 16.35 -29.69
CA TRP A 249 -29.13 15.88 -30.40
C TRP A 249 -28.87 14.51 -31.00
N VAL A 250 -27.64 14.24 -31.40
CA VAL A 250 -27.33 12.92 -31.98
C VAL A 250 -27.44 11.82 -30.91
N LEU A 251 -26.98 12.14 -29.70
CA LEU A 251 -27.03 11.23 -28.57
C LEU A 251 -28.45 10.85 -28.14
N LYS A 252 -29.38 11.80 -28.25
CA LYS A 252 -30.80 11.59 -28.00
C LYS A 252 -31.44 10.53 -28.91
N ALA A 253 -30.94 10.44 -30.16
CA ALA A 253 -31.36 9.40 -31.09
C ALA A 253 -31.06 7.99 -30.59
N PHE A 254 -30.05 7.89 -29.71
CA PHE A 254 -29.61 6.63 -29.09
C PHE A 254 -30.08 6.44 -27.65
N ASP A 255 -30.92 7.33 -27.17
CA ASP A 255 -31.35 7.31 -25.78
C ASP A 255 -32.52 6.36 -25.58
N SER A 256 -32.23 5.06 -25.57
CA SER A 256 -33.28 4.03 -25.61
C SER A 256 -33.05 2.89 -24.62
N GLN A 257 -32.70 3.27 -23.39
CA GLN A 257 -32.49 2.32 -22.27
C GLN A 257 -31.31 1.37 -22.54
N CYS A 258 -30.24 1.91 -23.13
CA CYS A 258 -29.04 1.16 -23.56
C CYS A 258 -27.87 1.46 -22.66
N GLN A 259 -26.84 0.62 -22.77
CA GLN A 259 -25.53 0.90 -22.21
C GLN A 259 -24.63 1.39 -23.31
N ILE A 260 -24.09 2.58 -23.12
CA ILE A 260 -23.40 3.27 -24.22
C ILE A 260 -22.02 3.77 -23.82
N LEU A 261 -21.03 3.43 -24.62
CA LEU A 261 -19.71 4.02 -24.56
C LEU A 261 -19.60 4.90 -25.78
N LEU A 262 -19.13 6.12 -25.60
CA LEU A 262 -18.98 7.05 -26.71
C LEU A 262 -17.68 7.81 -26.59
N THR A 263 -17.17 8.25 -27.73
CA THR A 263 -16.03 9.16 -27.78
C THR A 263 -16.50 10.47 -28.33
N THR A 264 -15.83 11.53 -27.89
CA THR A 264 -16.22 12.89 -28.26
C THR A 264 -15.08 13.86 -28.02
N ARG A 265 -15.03 14.92 -28.84
CA ARG A 265 -14.15 16.07 -28.53
C ARG A 265 -14.83 17.02 -27.53
N ASP A 266 -16.15 16.93 -27.40
CA ASP A 266 -16.93 17.85 -26.55
C ASP A 266 -17.73 17.10 -25.49
N LYS A 267 -17.24 17.14 -24.25
CA LYS A 267 -17.88 16.48 -23.13
C LYS A 267 -19.33 16.91 -22.87
N SER A 268 -19.75 18.05 -23.42
CA SER A 268 -21.10 18.56 -23.20
C SER A 268 -22.16 17.87 -24.07
N VAL A 269 -21.77 16.95 -24.95
CA VAL A 269 -22.74 16.25 -25.81
C VAL A 269 -23.74 15.39 -25.03
N THR A 270 -23.47 15.17 -23.75
CA THR A 270 -24.32 14.34 -22.92
C THR A 270 -25.37 15.15 -22.11
N ASP A 271 -25.49 16.45 -22.42
CA ASP A 271 -26.35 17.36 -21.64
C ASP A 271 -27.87 17.16 -21.85
N SER A 272 -28.25 16.67 -23.02
CA SER A 272 -29.70 16.47 -23.29
C SER A 272 -30.18 15.08 -22.86
N VAL A 273 -29.28 14.32 -22.24
CA VAL A 273 -29.50 12.91 -22.00
C VAL A 273 -29.38 12.67 -20.49
N MET A 274 -30.04 11.63 -20.02
CA MET A 274 -30.16 11.38 -18.58
C MET A 274 -29.73 9.99 -18.21
N GLY A 275 -29.52 9.79 -16.92
CA GLY A 275 -29.14 8.49 -16.36
C GLY A 275 -27.72 8.62 -15.83
N PRO A 276 -27.13 7.50 -15.39
CA PRO A 276 -25.73 7.47 -14.91
C PRO A 276 -24.77 7.88 -16.01
N LYS A 277 -23.83 8.75 -15.66
CA LYS A 277 -22.88 9.32 -16.61
C LYS A 277 -21.49 9.27 -16.01
N TYR A 278 -20.58 8.58 -16.68
CA TYR A 278 -19.19 8.50 -16.27
C TYR A 278 -18.34 9.07 -17.38
N VAL A 279 -17.22 9.65 -17.01
CA VAL A 279 -16.37 10.38 -17.92
C VAL A 279 -14.91 9.99 -17.73
N VAL A 280 -14.20 9.83 -18.84
CA VAL A 280 -12.76 9.56 -18.84
C VAL A 280 -12.12 10.60 -19.76
N PRO A 281 -11.44 11.59 -19.17
CA PRO A 281 -10.64 12.52 -20.00
C PRO A 281 -9.38 11.86 -20.53
N VAL A 282 -9.10 12.09 -21.81
CA VAL A 282 -7.85 11.63 -22.41
C VAL A 282 -6.95 12.83 -22.64
N GLU A 283 -5.69 12.67 -22.21
CA GLU A 283 -4.66 13.68 -22.36
C GLU A 283 -4.43 13.95 -23.84
N SER A 284 -4.20 15.23 -24.13
CA SER A 284 -4.13 15.76 -25.49
C SER A 284 -2.90 15.26 -26.19
N SER A 285 -1.90 14.94 -25.40
CA SER A 285 -0.63 14.45 -25.89
C SER A 285 -0.30 13.08 -25.31
N LEU A 286 0.12 12.18 -26.19
CA LEU A 286 0.79 10.94 -25.81
C LEU A 286 2.12 11.36 -25.16
N GLY A 287 2.57 10.65 -24.15
CA GLY A 287 3.85 11.06 -23.52
C GLY A 287 5.04 10.65 -24.40
N LYS A 288 6.18 11.30 -24.17
CA LYS A 288 7.46 11.01 -24.83
C LYS A 288 7.80 9.53 -24.95
N GLU A 289 7.72 8.83 -23.82
CA GLU A 289 8.13 7.42 -23.80
C GLU A 289 7.25 6.53 -24.66
N LYS A 290 5.96 6.78 -24.61
CA LYS A 290 5.01 6.02 -25.42
C LYS A 290 5.17 6.35 -26.90
N GLY A 291 5.46 7.62 -27.20
CA GLY A 291 5.78 8.04 -28.56
C GLY A 291 7.03 7.36 -29.07
N LEU A 292 8.10 7.38 -28.27
CA LEU A 292 9.33 6.63 -28.59
C LEU A 292 9.07 5.13 -28.79
N GLU A 293 8.20 4.55 -27.95
CA GLU A 293 7.87 3.14 -28.06
C GLU A 293 7.22 2.83 -29.40
N ILE A 294 6.33 3.72 -29.86
CA ILE A 294 5.71 3.54 -31.17
C ILE A 294 6.79 3.50 -32.26
N LEU A 295 7.69 4.49 -32.23
CA LEU A 295 8.82 4.53 -33.17
C LEU A 295 9.61 3.23 -33.15
N SER A 296 9.97 2.75 -31.96
CA SER A 296 10.81 1.57 -31.81
C SER A 296 10.14 0.33 -32.41
N LEU A 297 8.82 0.25 -32.28
CA LEU A 297 8.09 -0.89 -32.83
C LEU A 297 8.02 -0.81 -34.34
N PHE A 298 7.85 0.39 -34.88
CA PHE A 298 7.88 0.58 -36.34
C PHE A 298 9.26 0.21 -36.92
N VAL A 299 10.35 0.61 -36.26
CA VAL A 299 11.72 0.37 -36.79
C VAL A 299 12.38 -0.91 -36.26
N ASN A 300 11.68 -1.62 -35.38
CA ASN A 300 12.15 -2.89 -34.87
C ASN A 300 13.49 -2.78 -34.15
N MET A 301 13.56 -1.88 -33.17
CA MET A 301 14.68 -1.85 -32.24
C MET A 301 14.17 -1.59 -30.84
N LYS A 302 14.99 -1.92 -29.86
CA LYS A 302 14.71 -1.55 -28.50
C LYS A 302 14.74 -0.02 -28.40
N LYS A 303 13.93 0.51 -27.49
CA LYS A 303 13.81 1.94 -27.26
C LYS A 303 15.19 2.55 -26.98
N ALA A 304 15.98 1.87 -26.13
CA ALA A 304 17.32 2.33 -25.71
C ALA A 304 18.36 2.32 -26.84
N ASP A 305 18.05 1.65 -27.94
CA ASP A 305 18.92 1.59 -29.11
C ASP A 305 18.52 2.54 -30.20
N LEU A 306 17.51 3.36 -29.94
CA LEU A 306 17.11 4.36 -30.92
C LEU A 306 18.21 5.41 -31.06
N PRO A 307 18.38 5.95 -32.26
CA PRO A 307 19.28 7.09 -32.39
C PRO A 307 18.82 8.34 -31.66
N GLU A 308 19.73 9.32 -31.56
CA GLU A 308 19.54 10.59 -30.85
C GLU A 308 18.41 11.44 -31.40
N GLN A 309 18.22 11.35 -32.71
CA GLN A 309 17.17 12.11 -33.41
C GLN A 309 15.78 11.73 -32.93
N ALA A 310 15.62 10.50 -32.44
CA ALA A 310 14.32 9.96 -32.08
C ALA A 310 13.57 10.87 -31.08
N HIS A 311 14.30 11.40 -30.11
CA HIS A 311 13.75 12.26 -29.04
C HIS A 311 13.35 13.64 -29.56
N SER A 312 14.14 14.17 -30.50
CA SER A 312 13.81 15.35 -31.25
C SER A 312 12.59 15.19 -32.18
N ILE A 313 12.49 14.03 -32.82
CA ILE A 313 11.36 13.72 -33.68
C ILE A 313 10.07 13.66 -32.87
N ILE A 314 10.13 13.04 -31.71
CA ILE A 314 8.96 12.96 -30.84
C ILE A 314 8.51 14.34 -30.38
N LYS A 315 9.46 15.18 -29.98
CA LYS A 315 9.18 16.58 -29.66
C LYS A 315 8.48 17.31 -30.84
N GLU A 316 8.96 17.07 -32.06
CA GLU A 316 8.34 17.64 -33.27
C GLU A 316 6.96 17.09 -33.58
N CYS A 317 6.64 15.90 -33.09
CA CYS A 317 5.31 15.30 -33.30
C CYS A 317 4.21 15.83 -32.39
N LYS A 318 4.62 16.55 -31.34
CA LYS A 318 3.74 17.26 -30.39
C LYS A 318 2.70 16.36 -29.75
N GLY A 319 3.11 15.13 -29.43
CA GLY A 319 2.22 14.17 -28.77
C GLY A 319 1.13 13.49 -29.60
N SER A 320 1.01 13.77 -30.90
CA SER A 320 -0.04 13.12 -31.71
C SER A 320 0.37 11.70 -32.17
N PRO A 321 -0.32 10.65 -31.66
CA PRO A 321 -0.01 9.29 -32.12
C PRO A 321 -0.19 9.02 -33.62
N LEU A 322 -1.09 9.71 -34.32
CA LEU A 322 -1.17 9.58 -35.78
C LEU A 322 0.11 10.09 -36.45
N VAL A 323 0.61 11.24 -36.01
CA VAL A 323 1.83 11.82 -36.56
C VAL A 323 3.03 10.91 -36.22
N VAL A 324 3.14 10.49 -34.95
CA VAL A 324 4.22 9.59 -34.59
C VAL A 324 4.19 8.38 -35.47
N SER A 325 3.00 7.86 -35.77
CA SER A 325 2.86 6.66 -36.62
C SER A 325 3.26 6.85 -38.08
N LEU A 326 2.86 7.96 -38.66
CA LEU A 326 3.29 8.37 -40.01
C LEU A 326 4.81 8.45 -40.17
N ILE A 327 5.46 9.07 -39.19
CA ILE A 327 6.90 9.23 -39.16
C ILE A 327 7.60 7.88 -38.88
N GLY A 328 7.07 7.10 -37.96
CA GLY A 328 7.60 5.76 -37.68
C GLY A 328 7.60 4.86 -38.89
N ALA A 329 6.52 4.92 -39.66
CA ALA A 329 6.38 4.14 -40.91
C ALA A 329 7.39 4.58 -41.96
N LEU A 330 7.59 5.90 -42.09
CA LEU A 330 8.66 6.46 -42.95
C LEU A 330 10.06 5.99 -42.56
N LEU A 331 10.35 6.02 -41.26
CA LEU A 331 11.65 5.60 -40.75
C LEU A 331 11.84 4.08 -40.97
N ARG A 332 10.79 3.28 -40.83
CA ARG A 332 10.87 1.88 -41.15
C ARG A 332 11.19 1.66 -42.64
N ASP A 333 10.53 2.45 -43.48
CA ASP A 333 10.61 2.34 -44.94
C ASP A 333 11.87 2.87 -45.56
N PHE A 334 12.49 3.85 -44.90
CA PHE A 334 13.73 4.50 -45.36
C PHE A 334 14.66 4.64 -44.16
N PRO A 335 15.30 3.52 -43.74
CA PRO A 335 15.89 3.21 -42.40
C PRO A 335 17.07 4.00 -41.84
N ASN A 336 17.88 4.62 -42.69
CA ASN A 336 19.05 5.33 -42.18
C ASN A 336 18.95 6.83 -42.47
N ARG A 337 17.75 7.38 -42.32
CA ARG A 337 17.45 8.77 -42.71
C ARG A 337 16.88 9.63 -41.56
N TRP A 338 17.28 9.28 -40.34
CA TRP A 338 16.82 9.90 -39.11
C TRP A 338 17.07 11.40 -39.06
N GLU A 339 18.26 11.80 -39.49
CA GLU A 339 18.63 13.22 -39.57
C GLU A 339 17.85 13.94 -40.68
N TYR A 340 17.77 13.31 -41.84
CA TYR A 340 17.03 13.86 -42.96
C TYR A 340 15.56 14.18 -42.62
N TYR A 341 14.85 13.22 -42.02
CA TYR A 341 13.46 13.41 -41.67
C TYR A 341 13.25 14.30 -40.44
N LEU A 342 14.16 14.30 -39.48
CA LEU A 342 14.11 15.30 -38.38
C LEU A 342 14.16 16.74 -38.95
N LYS A 343 15.04 16.98 -39.91
CA LYS A 343 15.17 18.30 -40.53
C LYS A 343 13.94 18.76 -41.32
N GLN A 344 13.38 17.84 -42.10
CA GLN A 344 12.12 18.11 -42.80
C GLN A 344 10.96 18.46 -41.85
N LEU A 345 10.89 17.78 -40.71
CA LEU A 345 9.91 18.07 -39.67
C LEU A 345 10.14 19.40 -39.00
N GLN A 346 11.40 19.77 -38.78
CA GLN A 346 11.76 21.08 -38.20
C GLN A 346 11.61 22.23 -39.19
N ASN A 347 11.84 21.96 -40.47
CA ASN A 347 11.72 22.97 -41.53
C ASN A 347 10.41 22.78 -42.27
N LYS A 348 9.32 23.28 -41.67
CA LYS A 348 7.95 22.99 -42.13
C LYS A 348 7.58 23.83 -43.34
N GLN A 349 7.34 23.17 -44.47
CA GLN A 349 7.10 23.85 -45.76
C GLN A 349 5.64 23.89 -46.23
N PHE A 350 4.79 23.08 -45.62
CA PHE A 350 3.39 22.97 -46.06
C PHE A 350 2.55 24.21 -45.72
N LYS A 351 1.65 24.60 -46.62
CA LYS A 351 0.89 25.86 -46.49
C LYS A 351 -0.62 25.66 -46.24
N ARG A 352 -1.01 25.89 -45.00
CA ARG A 352 -2.43 25.87 -44.60
C ARG A 352 -3.16 27.15 -45.00
N ILE A 353 -4.07 27.00 -45.94
CA ILE A 353 -4.99 28.04 -46.35
C ILE A 353 -6.11 28.18 -45.30
N ARG A 354 -6.83 27.09 -45.05
CA ARG A 354 -7.91 27.05 -44.06
C ARG A 354 -7.28 26.96 -42.67
N LYS A 355 -6.63 28.07 -42.28
CA LYS A 355 -5.60 28.09 -41.23
C LYS A 355 -5.96 27.40 -39.91
N SER A 356 -6.74 28.08 -39.09
CA SER A 356 -7.03 27.63 -37.73
C SER A 356 -8.04 26.49 -37.71
N SER A 357 -8.26 25.94 -36.52
CA SER A 357 -9.25 24.89 -36.33
C SER A 357 -9.56 24.74 -34.84
N SER A 358 -9.99 23.52 -34.47
CA SER A 358 -9.97 23.07 -33.08
C SER A 358 -8.74 22.18 -32.87
N TYR A 359 -7.73 22.42 -33.71
CA TYR A 359 -6.64 21.49 -33.88
C TYR A 359 -5.44 22.25 -34.49
N ASP A 360 -4.25 21.90 -34.01
CA ASP A 360 -2.99 22.37 -34.62
C ASP A 360 -2.52 21.36 -35.67
N TYR A 361 -2.60 21.76 -36.94
CA TYR A 361 -2.29 20.87 -38.05
C TYR A 361 -0.80 20.73 -38.34
N GLU A 362 -0.03 21.70 -37.90
CA GLU A 362 1.36 21.89 -38.37
C GLU A 362 2.12 20.58 -38.57
N ALA A 363 2.20 19.80 -37.50
CA ALA A 363 3.01 18.57 -37.50
C ALA A 363 2.33 17.48 -38.31
N LEU A 364 1.02 17.35 -38.19
CA LEU A 364 0.29 16.36 -39.01
C LEU A 364 0.40 16.65 -40.51
N ASP A 365 0.20 17.90 -40.91
CA ASP A 365 0.34 18.30 -42.32
C ASP A 365 1.69 17.97 -42.87
N GLU A 366 2.72 18.30 -42.11
CA GLU A 366 4.09 18.06 -42.56
C GLU A 366 4.42 16.57 -42.67
N ALA A 367 4.01 15.80 -41.66
CA ALA A 367 4.19 14.34 -41.67
C ALA A 367 3.46 13.69 -42.84
N MET A 368 2.21 14.09 -43.08
CA MET A 368 1.47 13.63 -44.23
C MET A 368 2.20 14.01 -45.52
N SER A 369 2.65 15.26 -45.58
CA SER A 369 3.28 15.78 -46.79
C SER A 369 4.57 15.01 -47.15
N ILE A 370 5.39 14.74 -46.14
CA ILE A 370 6.60 13.97 -46.32
C ILE A 370 6.27 12.53 -46.70
N SER A 371 5.32 11.92 -46.01
CA SER A 371 4.94 10.52 -46.28
C SER A 371 4.40 10.36 -47.70
N VAL A 372 3.50 11.25 -48.10
CA VAL A 372 2.93 11.22 -49.45
C VAL A 372 4.05 11.42 -50.52
N GLU A 373 4.98 12.33 -50.24
CA GLU A 373 6.12 12.58 -51.11
C GLU A 373 6.99 11.35 -51.37
N MET A 374 7.11 10.48 -50.38
CA MET A 374 7.96 9.29 -50.47
C MET A 374 7.25 8.09 -51.07
N LEU A 375 5.97 8.21 -51.42
CA LEU A 375 5.24 7.14 -52.13
C LEU A 375 5.90 6.85 -53.46
N ARG A 376 6.10 5.58 -53.77
CA ARG A 376 6.69 5.24 -55.05
C ARG A 376 5.79 5.78 -56.13
N GLU A 377 6.39 6.16 -57.25
CA GLU A 377 5.74 7.03 -58.20
C GLU A 377 4.50 6.46 -58.86
N ASP A 378 4.42 5.13 -59.00
CA ASP A 378 3.24 4.53 -59.64
C ASP A 378 2.02 4.35 -58.73
N ILE A 379 2.10 4.78 -57.45
CA ILE A 379 0.91 4.83 -56.61
C ILE A 379 0.53 6.23 -56.05
N LYS A 380 1.37 7.24 -56.29
CA LYS A 380 1.09 8.61 -55.85
C LYS A 380 -0.24 9.16 -56.35
N ASP A 381 -0.56 8.90 -57.61
CA ASP A 381 -1.83 9.33 -58.16
C ASP A 381 -3.02 8.57 -57.58
N TYR A 382 -2.86 7.28 -57.34
CA TYR A 382 -3.91 6.57 -56.64
C TYR A 382 -4.22 7.22 -55.28
N TYR A 383 -3.20 7.59 -54.52
CA TYR A 383 -3.46 8.21 -53.20
C TYR A 383 -4.17 9.57 -53.32
N THR A 384 -3.77 10.34 -54.32
CA THR A 384 -4.42 11.60 -54.60
C THR A 384 -5.91 11.37 -54.84
N ASP A 385 -6.25 10.33 -55.58
CA ASP A 385 -7.65 10.01 -55.84
C ASP A 385 -8.47 9.90 -54.55
N LEU A 386 -7.86 9.39 -53.49
CA LEU A 386 -8.57 9.19 -52.23
C LEU A 386 -8.95 10.50 -51.55
N SER A 387 -8.52 11.62 -52.10
CA SER A 387 -9.01 12.93 -51.65
C SER A 387 -10.53 13.10 -51.75
N ILE A 388 -11.20 12.28 -52.56
CA ILE A 388 -12.67 12.33 -52.67
C ILE A 388 -13.40 11.49 -51.63
N LEU A 389 -12.64 10.74 -50.81
CA LEU A 389 -13.22 10.03 -49.67
C LEU A 389 -13.65 11.05 -48.61
N GLN A 390 -14.79 10.80 -48.02
CA GLN A 390 -15.41 11.74 -47.10
C GLN A 390 -15.10 11.31 -45.70
N LYS A 391 -15.26 12.24 -44.78
CA LYS A 391 -15.07 11.90 -43.37
C LYS A 391 -16.19 10.96 -42.97
N ASP A 392 -15.86 9.99 -42.11
CA ASP A 392 -16.84 9.09 -41.53
C ASP A 392 -17.59 8.23 -42.55
N VAL A 393 -16.96 7.95 -43.69
CA VAL A 393 -17.50 7.02 -44.67
C VAL A 393 -16.45 5.93 -44.90
N LYS A 394 -16.83 4.68 -44.65
CA LYS A 394 -15.96 3.50 -44.91
C LYS A 394 -16.39 2.90 -46.24
N VAL A 395 -15.49 2.94 -47.21
CA VAL A 395 -15.79 2.62 -48.60
C VAL A 395 -15.38 1.20 -48.96
N PRO A 396 -16.29 0.45 -49.61
CA PRO A 396 -15.97 -0.93 -49.97
C PRO A 396 -15.02 -0.95 -51.15
N THR A 397 -14.22 -2.00 -51.21
CA THR A 397 -13.23 -2.19 -52.28
C THR A 397 -13.75 -1.93 -53.69
N LYS A 398 -14.96 -2.42 -53.94
CA LYS A 398 -15.58 -2.37 -55.28
C LYS A 398 -15.68 -0.96 -55.81
N VAL A 399 -15.90 0.01 -54.92
CA VAL A 399 -15.96 1.43 -55.31
C VAL A 399 -14.62 1.88 -55.90
N LEU A 400 -13.52 1.40 -55.34
CA LEU A 400 -12.18 1.76 -55.83
C LEU A 400 -11.75 0.95 -57.06
N CYS A 401 -12.20 -0.28 -57.16
CA CYS A 401 -12.10 -1.02 -58.42
C CYS A 401 -12.68 -0.24 -59.58
N ILE A 402 -13.84 0.35 -59.35
CA ILE A 402 -14.55 1.12 -60.37
C ILE A 402 -13.75 2.38 -60.71
N LEU A 403 -13.37 3.14 -59.68
CA LEU A 403 -12.57 4.37 -59.82
C LEU A 403 -11.32 4.10 -60.64
N TRP A 404 -10.65 2.99 -60.34
CA TRP A 404 -9.35 2.71 -60.94
C TRP A 404 -9.39 1.70 -62.08
N ASP A 405 -10.58 1.19 -62.41
CA ASP A 405 -10.71 0.16 -63.46
C ASP A 405 -9.81 -1.03 -63.21
N MET A 406 -9.72 -1.49 -61.97
CA MET A 406 -8.81 -2.55 -61.63
C MET A 406 -9.53 -3.66 -60.96
N GLU A 407 -8.93 -4.84 -60.99
CA GLU A 407 -9.43 -5.98 -60.26
C GLU A 407 -9.10 -5.91 -58.80
N THR A 408 -9.99 -6.52 -58.01
CA THR A 408 -9.95 -6.56 -56.56
C THR A 408 -8.59 -6.82 -55.92
N GLU A 409 -7.88 -7.84 -56.38
CA GLU A 409 -6.58 -8.18 -55.81
C GLU A 409 -5.60 -7.01 -55.95
N GLU A 410 -5.56 -6.43 -57.14
CA GLU A 410 -4.65 -5.32 -57.44
C GLU A 410 -4.97 -4.06 -56.64
N VAL A 411 -6.27 -3.75 -56.52
CA VAL A 411 -6.75 -2.64 -55.70
C VAL A 411 -6.34 -2.84 -54.24
N GLU A 412 -6.64 -4.02 -53.71
CA GLU A 412 -6.39 -4.30 -52.31
C GLU A 412 -4.90 -4.28 -51.98
N ASP A 413 -4.05 -4.76 -52.90
CA ASP A 413 -2.60 -4.65 -52.76
C ASP A 413 -2.11 -3.21 -52.68
N ILE A 414 -2.59 -2.36 -53.58
CA ILE A 414 -2.26 -0.95 -53.56
C ILE A 414 -2.69 -0.29 -52.26
N LEU A 415 -3.92 -0.53 -51.83
CA LEU A 415 -4.44 0.04 -50.59
C LEU A 415 -3.72 -0.42 -49.32
N GLN A 416 -3.22 -1.65 -49.31
CA GLN A 416 -2.45 -2.22 -48.18
C GLN A 416 -1.13 -1.45 -47.99
N GLU A 417 -0.52 -1.05 -49.10
CA GLU A 417 0.64 -0.19 -49.05
C GLU A 417 0.34 1.12 -48.33
N PHE A 418 -0.82 1.72 -48.57
CA PHE A 418 -1.21 2.94 -47.84
C PHE A 418 -1.49 2.65 -46.38
N VAL A 419 -2.19 1.56 -46.14
CA VAL A 419 -2.56 1.14 -44.80
C VAL A 419 -1.33 0.90 -43.95
N ASN A 420 -0.35 0.18 -44.52
CA ASN A 420 0.91 -0.13 -43.86
C ASN A 420 1.76 1.10 -43.54
N LYS A 421 1.51 2.21 -44.25
CA LYS A 421 2.16 3.50 -43.97
C LYS A 421 1.36 4.46 -43.06
N SER A 422 0.23 3.98 -42.50
CA SER A 422 -0.77 4.79 -41.70
C SER A 422 -1.44 5.93 -42.46
N LEU A 423 -1.49 5.79 -43.77
CA LEU A 423 -2.09 6.77 -44.66
C LEU A 423 -3.55 6.45 -44.98
N LEU A 424 -4.01 5.31 -44.48
CA LEU A 424 -5.30 4.75 -44.79
C LEU A 424 -5.57 3.66 -43.75
N PHE A 425 -6.85 3.41 -43.48
CA PHE A 425 -7.28 2.40 -42.52
C PHE A 425 -8.21 1.44 -43.23
N CYS A 426 -8.23 0.20 -42.75
CA CYS A 426 -9.04 -0.86 -43.34
C CYS A 426 -9.68 -1.65 -42.25
N ASP A 427 -11.02 -1.74 -42.26
CA ASP A 427 -11.78 -2.61 -41.33
C ASP A 427 -12.14 -3.88 -42.12
N ARG A 428 -11.78 -5.03 -41.57
CA ARG A 428 -12.00 -6.30 -42.22
C ARG A 428 -13.03 -7.09 -41.42
N ASN A 429 -14.14 -7.45 -42.08
CA ASN A 429 -15.04 -8.46 -41.56
C ASN A 429 -15.06 -9.64 -42.53
N GLY A 430 -14.15 -10.57 -42.32
CA GLY A 430 -13.94 -11.67 -43.24
C GLY A 430 -13.57 -11.15 -44.62
N LYS A 431 -14.44 -11.47 -45.58
CA LYS A 431 -14.18 -11.15 -46.98
C LYS A 431 -14.54 -9.69 -47.36
N SER A 432 -15.38 -9.04 -46.57
CA SER A 432 -15.71 -7.64 -46.79
C SER A 432 -14.64 -6.67 -46.25
N PHE A 433 -14.05 -5.88 -47.16
CA PHE A 433 -12.98 -4.89 -46.84
C PHE A 433 -13.52 -3.48 -47.04
N ARG A 434 -13.34 -2.62 -46.05
CA ARG A 434 -13.77 -1.23 -46.16
C ARG A 434 -12.66 -0.28 -45.68
N TYR A 435 -12.47 0.79 -46.45
CA TYR A 435 -11.34 1.67 -46.28
C TYR A 435 -11.81 3.06 -45.85
N TYR A 436 -11.04 3.66 -44.94
CA TYR A 436 -11.34 5.00 -44.50
C TYR A 436 -10.08 5.76 -44.08
N LEU A 437 -10.26 7.07 -43.99
CA LEU A 437 -9.24 8.02 -43.57
C LEU A 437 -9.63 8.62 -42.24
N HIS A 438 -8.63 8.98 -41.44
CA HIS A 438 -8.90 9.79 -40.26
C HIS A 438 -9.34 11.17 -40.74
N ASP A 439 -10.29 11.78 -40.04
CA ASP A 439 -10.75 13.18 -40.35
C ASP A 439 -9.62 14.12 -40.66
N LEU A 440 -8.56 14.02 -39.87
CA LEU A 440 -7.41 14.92 -40.03
C LEU A 440 -6.68 14.70 -41.35
N GLN A 441 -6.77 13.47 -41.88
CA GLN A 441 -6.18 13.14 -43.17
C GLN A 441 -7.06 13.58 -44.32
N VAL A 442 -8.37 13.53 -44.14
CA VAL A 442 -9.31 14.12 -45.11
C VAL A 442 -9.01 15.63 -45.26
N ASP A 443 -8.86 16.33 -44.13
CA ASP A 443 -8.49 17.77 -44.10
C ASP A 443 -7.20 18.08 -44.85
N PHE A 444 -6.19 17.26 -44.63
CA PHE A 444 -4.92 17.39 -45.34
C PHE A 444 -5.07 17.25 -46.86
N LEU A 445 -5.76 16.22 -47.33
CA LEU A 445 -5.87 15.96 -48.78
C LEU A 445 -6.74 16.98 -49.48
N THR A 446 -7.77 17.42 -48.78
CA THR A 446 -8.69 18.43 -49.27
C THR A 446 -7.94 19.74 -49.49
N GLU A 447 -7.11 20.10 -48.51
CA GLU A 447 -6.21 21.24 -48.56
C GLU A 447 -5.10 21.05 -49.64
N LYS A 448 -4.31 19.98 -49.55
CA LYS A 448 -3.30 19.67 -50.58
C LYS A 448 -3.84 19.68 -52.02
N ASN A 449 -4.97 19.04 -52.27
CA ASN A 449 -5.43 18.78 -53.62
C ASN A 449 -6.69 19.51 -53.98
N CYS A 450 -6.91 20.63 -53.29
CA CYS A 450 -8.11 21.45 -53.46
C CYS A 450 -8.47 21.72 -54.91
N SER A 451 -7.48 22.08 -55.73
CA SER A 451 -7.65 22.45 -57.15
C SER A 451 -7.99 21.28 -58.08
N GLN A 452 -7.71 20.07 -57.66
CA GLN A 452 -8.01 18.88 -58.45
C GLN A 452 -9.36 18.28 -58.07
N LEU A 453 -9.94 18.74 -56.96
CA LEU A 453 -11.03 17.99 -56.30
C LEU A 453 -12.23 17.77 -57.21
N GLN A 454 -12.63 18.81 -57.93
CA GLN A 454 -13.72 18.69 -58.94
C GLN A 454 -13.49 17.60 -60.00
N ASP A 455 -12.26 17.57 -60.55
CA ASP A 455 -11.88 16.59 -61.58
C ASP A 455 -11.86 15.19 -61.04
N LEU A 456 -11.52 15.05 -59.75
CA LEU A 456 -11.52 13.75 -59.08
C LEU A 456 -12.94 13.21 -58.89
N HIS A 457 -13.83 14.10 -58.42
CA HIS A 457 -15.25 13.80 -58.34
C HIS A 457 -15.85 13.44 -59.69
N LYS A 458 -15.53 14.22 -60.73
CA LYS A 458 -15.90 13.89 -62.12
C LYS A 458 -15.36 12.53 -62.58
N LYS A 459 -14.16 12.18 -62.15
CA LYS A 459 -13.55 10.87 -62.45
C LYS A 459 -14.38 9.69 -61.97
N ILE A 460 -14.86 9.77 -60.73
CA ILE A 460 -15.63 8.66 -60.16
C ILE A 460 -16.98 8.49 -60.89
N ILE A 461 -17.57 9.61 -61.31
CA ILE A 461 -18.84 9.54 -62.05
C ILE A 461 -18.63 8.93 -63.45
N THR A 462 -17.57 9.39 -64.12
CA THR A 462 -17.15 8.86 -65.40
C THR A 462 -16.91 7.34 -65.33
N GLN A 463 -16.22 6.89 -64.29
CA GLN A 463 -15.90 5.48 -64.11
C GLN A 463 -17.12 4.70 -63.70
N PHE A 464 -17.97 5.30 -62.86
CA PHE A 464 -19.23 4.66 -62.46
C PHE A 464 -20.10 4.36 -63.68
N GLN A 465 -20.19 5.29 -64.62
CA GLN A 465 -20.99 5.14 -65.83
C GLN A 465 -20.50 4.06 -66.83
N ARG A 466 -19.36 3.39 -66.54
CA ARG A 466 -18.88 2.24 -67.33
C ARG A 466 -19.11 0.88 -66.64
N TYR A 467 -19.48 0.91 -65.37
CA TYR A 467 -19.78 -0.31 -64.62
C TYR A 467 -21.26 -0.43 -64.30
N HIS A 468 -21.93 0.71 -64.17
CA HIS A 468 -23.32 0.74 -63.75
C HIS A 468 -24.17 1.73 -64.54
N GLN A 469 -25.47 1.54 -64.38
CA GLN A 469 -26.48 2.55 -64.63
C GLN A 469 -27.25 2.69 -63.33
N PRO A 470 -27.73 3.90 -63.02
CA PRO A 470 -28.60 4.09 -61.86
C PRO A 470 -29.70 3.02 -61.70
N HIS A 471 -30.41 2.69 -62.79
CA HIS A 471 -31.50 1.68 -62.75
C HIS A 471 -31.02 0.24 -62.58
N THR A 472 -29.72 0.03 -62.80
CA THR A 472 -29.06 -1.28 -62.73
C THR A 472 -28.61 -1.66 -61.30
N LEU A 473 -28.77 -0.74 -60.36
CA LEU A 473 -28.28 -0.93 -59.00
C LEU A 473 -29.18 -1.82 -58.15
N SER A 474 -28.58 -2.79 -57.44
CA SER A 474 -29.33 -3.77 -56.65
C SER A 474 -28.63 -4.09 -55.31
N PRO A 475 -29.37 -4.23 -54.18
CA PRO A 475 -28.74 -4.29 -52.86
C PRO A 475 -27.93 -5.55 -52.50
N ASP A 476 -27.94 -6.56 -53.38
CA ASP A 476 -27.03 -7.69 -53.19
C ASP A 476 -25.57 -7.27 -53.44
N GLN A 477 -25.35 -6.25 -54.28
CA GLN A 477 -23.99 -5.88 -54.64
C GLN A 477 -23.37 -4.91 -53.58
N GLU A 478 -22.08 -5.09 -53.33
CA GLU A 478 -21.40 -4.54 -52.13
C GLU A 478 -21.34 -2.98 -52.09
N ASP A 479 -21.33 -2.37 -53.27
CA ASP A 479 -21.21 -0.91 -53.44
C ASP A 479 -22.58 -0.22 -53.58
N CYS A 480 -23.67 -0.98 -53.47
CA CYS A 480 -24.99 -0.48 -53.83
C CYS A 480 -25.39 0.74 -53.02
N MET A 481 -25.28 0.62 -51.72
CA MET A 481 -25.67 1.69 -50.83
C MET A 481 -24.71 2.87 -50.92
N TYR A 482 -23.47 2.63 -51.33
CA TYR A 482 -22.55 3.71 -51.54
C TYR A 482 -23.13 4.62 -52.61
N TRP A 483 -23.57 4.03 -53.71
CA TRP A 483 -24.03 4.83 -54.84
C TRP A 483 -25.37 5.48 -54.58
N TYR A 484 -26.32 4.79 -53.95
CA TYR A 484 -27.58 5.46 -53.56
C TYR A 484 -27.31 6.65 -52.66
N ASN A 485 -26.37 6.48 -51.74
CA ASN A 485 -26.04 7.50 -50.78
C ASN A 485 -25.24 8.68 -51.37
N PHE A 486 -24.37 8.40 -52.34
CA PHE A 486 -23.32 9.34 -52.72
C PHE A 486 -23.16 9.60 -54.20
N LEU A 487 -24.02 9.05 -55.05
CA LEU A 487 -23.91 9.31 -56.49
C LEU A 487 -24.16 10.80 -56.80
N ALA A 488 -25.25 11.30 -56.22
CA ALA A 488 -25.63 12.68 -56.38
C ALA A 488 -24.61 13.63 -55.74
N TYR A 489 -24.12 13.22 -54.58
CA TYR A 489 -23.07 13.95 -53.90
C TYR A 489 -21.85 14.15 -54.80
N HIS A 490 -21.36 13.09 -55.44
CA HIS A 490 -20.19 13.17 -56.28
C HIS A 490 -20.44 13.99 -57.54
N MET A 491 -21.60 13.82 -58.16
CA MET A 491 -21.96 14.63 -59.35
C MET A 491 -22.00 16.11 -59.00
N ALA A 492 -22.58 16.44 -57.84
CA ALA A 492 -22.74 17.82 -57.44
C ALA A 492 -21.39 18.43 -57.06
N SER A 493 -20.54 17.62 -56.43
CA SER A 493 -19.18 18.05 -56.12
C SER A 493 -18.32 18.21 -57.40
N ALA A 494 -18.64 17.43 -58.44
CA ALA A 494 -18.00 17.53 -59.75
C ALA A 494 -18.56 18.68 -60.59
N LYS A 495 -19.54 19.39 -60.04
CA LYS A 495 -20.39 20.37 -60.74
C LYS A 495 -21.00 19.84 -62.03
N MET A 496 -21.35 18.56 -62.07
CA MET A 496 -21.93 17.95 -63.28
C MET A 496 -23.45 18.11 -63.22
N HIS A 497 -23.91 19.34 -63.48
CA HIS A 497 -25.36 19.68 -63.41
C HIS A 497 -26.22 18.87 -64.38
N LYS A 498 -25.69 18.59 -65.56
CA LYS A 498 -26.43 17.82 -66.52
C LYS A 498 -26.71 16.40 -66.01
N GLU A 499 -25.67 15.74 -65.54
CA GLU A 499 -25.77 14.37 -65.04
C GLU A 499 -26.63 14.30 -63.76
N LEU A 500 -26.47 15.29 -62.90
CA LEU A 500 -27.24 15.37 -61.67
C LEU A 500 -28.75 15.48 -61.98
N CYS A 501 -29.09 16.31 -62.95
CA CYS A 501 -30.46 16.46 -63.39
C CYS A 501 -30.96 15.16 -63.99
N ALA A 502 -30.18 14.55 -64.88
CA ALA A 502 -30.61 13.31 -65.53
C ALA A 502 -30.82 12.19 -64.50
N LEU A 503 -30.05 12.20 -63.42
CA LEU A 503 -30.22 11.21 -62.34
C LEU A 503 -31.46 11.51 -61.47
N MET A 504 -31.54 12.72 -60.94
CA MET A 504 -32.54 13.07 -59.92
C MET A 504 -33.92 13.50 -60.47
N PHE A 505 -33.96 14.04 -61.67
CA PHE A 505 -35.25 14.47 -62.24
C PHE A 505 -35.89 13.27 -62.94
N SER A 506 -36.21 12.24 -62.16
CA SER A 506 -36.49 10.92 -62.70
C SER A 506 -37.40 10.16 -61.75
N LEU A 507 -38.60 9.83 -62.21
CA LEU A 507 -39.55 9.01 -61.44
C LEU A 507 -38.97 7.64 -61.08
N ASP A 508 -38.17 7.09 -61.99
CA ASP A 508 -37.54 5.78 -61.82
C ASP A 508 -36.57 5.81 -60.64
N TRP A 509 -35.78 6.86 -60.56
CA TRP A 509 -34.83 7.03 -59.49
C TRP A 509 -35.52 7.28 -58.18
N ILE A 510 -36.57 8.07 -58.20
CA ILE A 510 -37.36 8.32 -56.99
C ILE A 510 -37.98 7.01 -56.48
N LYS A 511 -38.58 6.24 -57.39
CA LYS A 511 -39.11 4.94 -57.05
C LYS A 511 -38.01 4.02 -56.45
N ALA A 512 -36.89 3.88 -57.15
CA ALA A 512 -35.84 2.95 -56.72
C ALA A 512 -35.27 3.35 -55.38
N LYS A 513 -34.91 4.62 -55.24
CA LYS A 513 -34.30 5.09 -54.00
C LYS A 513 -35.26 5.14 -52.82
N THR A 514 -36.47 5.63 -53.03
CA THR A 514 -37.43 5.68 -51.92
C THR A 514 -37.88 4.30 -51.44
N GLU A 515 -37.97 3.33 -52.34
CA GLU A 515 -38.37 1.97 -51.96
C GLU A 515 -37.32 1.25 -51.10
N LEU A 516 -36.07 1.69 -51.20
CA LEU A 516 -35.01 1.22 -50.29
C LEU A 516 -34.86 2.00 -48.97
N VAL A 517 -34.78 3.33 -49.06
CA VAL A 517 -34.41 4.16 -47.90
C VAL A 517 -35.42 5.25 -47.54
N GLY A 518 -36.54 5.30 -48.25
CA GLY A 518 -37.52 6.35 -48.06
C GLY A 518 -37.11 7.67 -48.68
N PRO A 519 -37.89 8.73 -48.43
CA PRO A 519 -37.71 10.03 -49.09
C PRO A 519 -36.78 11.04 -48.45
N ALA A 520 -36.38 10.84 -47.20
CA ALA A 520 -35.74 11.91 -46.44
C ALA A 520 -34.39 12.41 -47.05
N HIS A 521 -33.48 11.49 -47.34
CA HIS A 521 -32.21 11.87 -47.92
C HIS A 521 -32.41 12.54 -49.27
N LEU A 522 -33.29 11.97 -50.09
CA LEU A 522 -33.57 12.51 -51.41
C LEU A 522 -34.00 13.92 -51.35
N ILE A 523 -34.95 14.18 -50.46
CA ILE A 523 -35.43 15.54 -50.23
C ILE A 523 -34.28 16.48 -49.86
N HIS A 524 -33.40 16.05 -48.94
CA HIS A 524 -32.23 16.84 -48.55
C HIS A 524 -31.28 17.06 -49.72
N GLU A 525 -31.09 16.06 -50.59
CA GLU A 525 -30.20 16.22 -51.74
C GLU A 525 -30.72 17.27 -52.71
N PHE A 526 -32.04 17.31 -52.91
CA PHE A 526 -32.63 18.36 -53.75
C PHE A 526 -32.34 19.76 -53.20
N VAL A 527 -32.43 19.93 -51.89
CA VAL A 527 -32.19 21.20 -51.23
C VAL A 527 -30.71 21.57 -51.28
N GLU A 528 -29.85 20.62 -50.85
CA GLU A 528 -28.40 20.80 -50.74
C GLU A 528 -27.70 21.14 -52.06
N TYR A 529 -28.15 20.53 -53.16
CA TYR A 529 -27.40 20.61 -54.42
C TYR A 529 -28.03 21.53 -55.43
N ARG A 530 -29.13 22.17 -55.04
CA ARG A 530 -29.83 23.08 -55.91
C ARG A 530 -28.97 24.28 -56.34
N HIS A 531 -28.01 24.68 -55.49
CA HIS A 531 -27.16 25.84 -55.75
C HIS A 531 -26.23 25.72 -56.97
N ILE A 532 -25.96 24.50 -57.44
CA ILE A 532 -25.11 24.31 -58.63
C ILE A 532 -25.91 24.41 -59.92
N LEU A 533 -27.22 24.59 -59.83
CA LEU A 533 -28.09 24.50 -61.01
C LEU A 533 -28.40 25.88 -61.62
N ASP A 534 -28.62 25.91 -62.94
CA ASP A 534 -29.09 27.13 -63.58
C ASP A 534 -30.55 27.39 -63.17
N GLU A 535 -31.10 28.51 -63.64
CA GLU A 535 -32.45 28.96 -63.23
C GLU A 535 -33.57 27.98 -63.59
N LYS A 536 -33.46 27.42 -64.79
CA LYS A 536 -34.44 26.48 -65.35
C LYS A 536 -34.49 25.18 -64.54
N ASP A 537 -33.31 24.60 -64.31
CA ASP A 537 -33.20 23.32 -63.60
C ASP A 537 -33.49 23.48 -62.11
N CYS A 538 -33.14 24.64 -61.57
CA CYS A 538 -33.50 25.01 -60.20
C CYS A 538 -35.04 24.95 -59.95
N ALA A 539 -35.83 25.45 -60.90
CA ALA A 539 -37.29 25.37 -60.82
C ALA A 539 -37.77 23.90 -60.83
N VAL A 540 -37.29 23.11 -61.79
CA VAL A 540 -37.63 21.68 -61.84
C VAL A 540 -37.19 20.98 -60.56
N SER A 541 -36.01 21.29 -60.06
CA SER A 541 -35.62 20.79 -58.75
C SER A 541 -36.74 20.98 -57.74
N GLU A 542 -37.30 22.18 -57.70
CA GLU A 542 -38.32 22.54 -56.72
C GLU A 542 -39.62 21.75 -56.95
N ASN A 543 -39.99 21.53 -58.21
CA ASN A 543 -41.08 20.58 -58.57
C ASN A 543 -40.93 19.24 -57.91
N PHE A 544 -39.77 18.63 -58.10
CA PHE A 544 -39.52 17.31 -57.54
C PHE A 544 -39.50 17.32 -56.05
N GLN A 545 -38.92 18.37 -55.45
CA GLN A 545 -38.81 18.42 -53.99
C GLN A 545 -40.17 18.48 -53.30
N GLU A 546 -41.09 19.23 -53.90
CA GLU A 546 -42.40 19.44 -53.33
C GLU A 546 -43.29 18.21 -53.54
N PHE A 547 -43.05 17.50 -54.65
CA PHE A 547 -43.67 16.20 -54.94
C PHE A 547 -43.30 15.17 -53.88
N LEU A 548 -42.05 15.21 -53.44
CA LEU A 548 -41.58 14.29 -52.42
C LEU A 548 -42.02 14.66 -51.01
N SER A 549 -42.06 15.95 -50.74
CA SER A 549 -42.46 16.42 -49.41
C SER A 549 -43.96 16.12 -49.22
N LEU A 550 -44.75 16.44 -50.24
CA LEU A 550 -46.20 16.19 -50.24
C LEU A 550 -46.52 14.72 -49.97
N ASN A 551 -45.74 13.84 -50.59
CA ASN A 551 -46.02 12.41 -50.60
C ASN A 551 -45.08 11.66 -49.70
N GLY A 552 -44.37 12.38 -48.82
CA GLY A 552 -43.25 11.82 -48.04
C GLY A 552 -43.64 10.76 -47.05
N HIS A 553 -44.84 10.89 -46.51
CA HIS A 553 -45.41 9.88 -45.60
C HIS A 553 -45.72 8.55 -46.29
N LEU A 554 -45.80 8.55 -47.62
CA LEU A 554 -46.18 7.35 -48.39
C LEU A 554 -44.98 6.60 -48.96
N LEU A 555 -43.93 7.34 -49.26
CA LEU A 555 -42.82 6.80 -50.02
C LEU A 555 -41.95 5.89 -49.17
N GLY A 556 -41.69 4.70 -49.70
CA GLY A 556 -40.88 3.69 -49.01
C GLY A 556 -41.66 2.84 -48.03
N ARG A 557 -42.98 3.03 -47.97
CA ARG A 557 -43.84 2.23 -47.08
C ARG A 557 -44.61 1.20 -47.87
N GLN A 558 -44.42 -0.04 -47.47
CA GLN A 558 -45.04 -1.19 -48.08
C GLN A 558 -46.50 -1.26 -47.58
N PRO A 559 -47.48 -1.54 -48.47
CA PRO A 559 -47.36 -1.68 -49.92
C PRO A 559 -47.05 -0.36 -50.61
N PHE A 560 -46.09 -0.41 -51.52
CA PHE A 560 -45.47 0.79 -52.09
C PHE A 560 -46.46 1.57 -52.96
N PRO A 561 -46.46 2.90 -52.86
CA PRO A 561 -47.38 3.67 -53.67
C PRO A 561 -47.02 3.62 -55.17
N ASN A 562 -48.02 3.88 -56.00
CA ASN A 562 -47.85 4.00 -57.45
C ASN A 562 -47.35 5.39 -57.74
N ILE A 563 -46.08 5.49 -58.07
CA ILE A 563 -45.43 6.76 -58.27
C ILE A 563 -45.96 7.51 -59.49
N VAL A 564 -46.40 6.79 -60.50
CA VAL A 564 -47.03 7.41 -61.68
C VAL A 564 -48.39 8.05 -61.33
N GLN A 565 -49.24 7.35 -60.58
CA GLN A 565 -50.48 7.91 -60.09
C GLN A 565 -50.24 9.15 -59.25
N LEU A 566 -49.31 9.09 -58.32
CA LEU A 566 -48.95 10.24 -57.47
C LEU A 566 -48.48 11.42 -58.29
N GLY A 567 -47.68 11.15 -59.31
CA GLY A 567 -47.18 12.18 -60.20
C GLY A 567 -48.23 12.81 -61.06
N LEU A 568 -49.26 12.06 -61.37
CA LEU A 568 -50.39 12.59 -62.13
C LEU A 568 -51.29 13.54 -61.31
N CYS A 569 -51.04 13.61 -60.00
CA CYS A 569 -51.72 14.53 -59.10
C CYS A 569 -50.94 15.83 -58.90
N GLU A 570 -49.78 15.95 -59.56
CA GLU A 570 -49.03 17.18 -59.52
C GLU A 570 -49.59 18.19 -60.53
N PRO A 571 -49.32 19.49 -60.29
CA PRO A 571 -49.79 20.50 -61.25
C PRO A 571 -49.31 20.18 -62.65
N GLU A 572 -50.14 20.46 -63.65
CA GLU A 572 -49.83 20.09 -65.03
C GLU A 572 -48.62 20.85 -65.60
N THR A 573 -48.20 21.91 -64.91
CA THR A 573 -47.01 22.67 -65.26
C THR A 573 -45.76 21.92 -64.81
N SER A 574 -45.91 21.12 -63.74
CA SER A 574 -44.82 20.34 -63.11
C SER A 574 -44.21 19.33 -64.07
N GLU A 575 -42.89 19.23 -64.05
CA GLU A 575 -42.16 18.20 -64.83
C GLU A 575 -42.41 16.79 -64.29
N VAL A 576 -42.80 16.69 -63.03
CA VAL A 576 -43.18 15.42 -62.46
C VAL A 576 -44.45 14.93 -63.13
N TYR A 577 -45.46 15.79 -63.22
CA TYR A 577 -46.69 15.45 -63.95
C TYR A 577 -46.43 15.09 -65.39
N GLN A 578 -45.58 15.87 -66.05
CA GLN A 578 -45.29 15.60 -67.46
C GLN A 578 -44.60 14.27 -67.63
N GLN A 579 -43.64 13.96 -66.75
CA GLN A 579 -43.05 12.63 -66.77
C GLN A 579 -44.05 11.52 -66.42
N ALA A 580 -44.91 11.77 -65.43
CA ALA A 580 -45.93 10.78 -65.04
C ALA A 580 -46.91 10.52 -66.20
N LYS A 581 -47.27 11.59 -66.89
CA LYS A 581 -48.17 11.48 -68.07
C LYS A 581 -47.57 10.60 -69.17
N LEU A 582 -46.26 10.72 -69.39
CA LEU A 582 -45.58 9.93 -70.43
C LEU A 582 -45.56 8.46 -70.07
N GLN A 583 -45.23 8.16 -68.83
CA GLN A 583 -45.22 6.77 -68.37
C GLN A 583 -46.59 6.11 -68.42
N ALA A 584 -47.63 6.86 -68.04
CA ALA A 584 -48.99 6.35 -68.07
C ALA A 584 -49.35 5.87 -69.47
N LYS A 585 -49.13 6.72 -70.47
CA LYS A 585 -49.27 6.33 -71.88
C LYS A 585 -48.38 5.15 -72.27
N GLN A 586 -47.09 5.25 -71.97
CA GLN A 586 -46.13 4.24 -72.42
C GLN A 586 -46.41 2.90 -71.73
N MET B 1 24.63 -5.60 -1.17
CA MET B 1 23.54 -5.37 -0.18
C MET B 1 22.84 -6.72 0.06
N ASP B 2 21.95 -6.76 1.04
CA ASP B 2 21.16 -7.97 1.32
C ASP B 2 20.35 -8.37 0.10
N ALA B 3 20.02 -9.64 -0.04
CA ALA B 3 19.18 -10.09 -1.16
C ALA B 3 17.81 -9.41 -1.15
N LYS B 4 17.20 -9.28 0.04
CA LYS B 4 15.88 -8.64 0.15
C LYS B 4 15.87 -7.34 -0.63
N ALA B 5 16.85 -6.48 -0.32
CA ALA B 5 16.99 -5.15 -0.93
C ALA B 5 17.30 -5.21 -2.44
N ARG B 6 18.20 -6.10 -2.84
CA ARG B 6 18.49 -6.27 -4.25
C ARG B 6 17.21 -6.64 -5.00
N ASN B 7 16.50 -7.63 -4.48
CA ASN B 7 15.29 -8.12 -5.12
C ASN B 7 14.19 -7.11 -5.21
N CYS B 8 14.12 -6.26 -4.20
CA CYS B 8 13.12 -5.20 -4.17
C CYS B 8 13.50 -4.17 -5.21
N LEU B 9 14.77 -3.78 -5.21
CA LEU B 9 15.28 -2.83 -6.20
C LEU B 9 15.07 -3.42 -7.61
N LEU B 10 15.38 -4.69 -7.78
CA LEU B 10 15.20 -5.38 -9.06
C LEU B 10 13.76 -5.40 -9.50
N GLN B 11 12.84 -5.71 -8.59
CA GLN B 11 11.42 -5.75 -8.91
C GLN B 11 10.86 -4.40 -9.43
N HIS B 12 11.28 -3.30 -8.82
CA HIS B 12 10.64 -2.01 -9.11
C HIS B 12 11.45 -1.11 -10.04
N ARG B 13 12.53 -1.68 -10.57
CA ARG B 13 13.38 -1.06 -11.57
C ARG B 13 12.62 -0.55 -12.79
N GLU B 14 11.52 -1.21 -13.17
CA GLU B 14 10.69 -0.72 -14.29
C GLU B 14 10.08 0.61 -13.88
N ALA B 15 9.44 0.63 -12.72
CA ALA B 15 8.68 1.79 -12.27
C ALA B 15 9.60 2.98 -11.97
N LEU B 16 10.79 2.70 -11.45
CA LEU B 16 11.82 3.72 -11.22
C LEU B 16 12.38 4.26 -12.53
N GLU B 17 12.40 3.46 -13.57
CA GLU B 17 12.87 3.92 -14.88
C GLU B 17 11.86 4.84 -15.56
N LYS B 18 10.58 4.46 -15.50
CA LYS B 18 9.47 5.18 -16.15
C LYS B 18 9.23 6.61 -15.59
N ASP B 19 9.58 6.83 -14.32
CA ASP B 19 9.21 8.07 -13.62
C ASP B 19 10.40 8.94 -13.17
N ILE B 20 11.44 8.37 -12.54
CA ILE B 20 12.45 9.25 -11.89
C ILE B 20 13.28 10.07 -12.87
N LYS B 21 13.45 11.34 -12.51
CA LYS B 21 14.51 12.21 -13.03
C LYS B 21 15.65 12.08 -12.03
N THR B 22 16.88 12.23 -12.50
CA THR B 22 18.05 11.72 -11.79
C THR B 22 19.03 12.75 -11.22
N SER B 23 18.99 13.99 -11.71
CA SER B 23 20.01 15.02 -11.31
C SER B 23 20.24 15.21 -9.78
N TYR B 24 19.17 15.54 -9.06
CA TYR B 24 19.28 15.90 -7.63
C TYR B 24 19.45 14.69 -6.67
N ILE B 25 18.83 13.57 -7.01
CA ILE B 25 19.12 12.31 -6.32
C ILE B 25 20.62 12.12 -6.30
N MET B 26 21.23 12.21 -7.47
CA MET B 26 22.67 11.97 -7.63
C MET B 26 23.49 12.88 -6.68
N ASP B 27 23.06 14.14 -6.52
CA ASP B 27 23.66 15.07 -5.52
C ASP B 27 23.59 14.54 -4.09
N HIS B 28 22.41 14.11 -3.66
CA HIS B 28 22.22 13.66 -2.27
C HIS B 28 23.11 12.48 -1.96
N MET B 29 23.20 11.55 -2.90
CA MET B 29 24.08 10.39 -2.77
C MET B 29 25.56 10.79 -2.91
N ILE B 30 25.87 11.66 -3.89
CA ILE B 30 27.22 12.26 -4.01
C ILE B 30 27.63 12.83 -2.64
N SER B 31 26.80 13.71 -2.09
CA SER B 31 27.03 14.26 -0.76
C SER B 31 27.12 13.17 0.32
N ASP B 32 26.16 12.23 0.33
CA ASP B 32 26.24 11.08 1.27
C ASP B 32 27.51 10.22 1.09
N GLY B 33 28.08 10.26 -0.11
CA GLY B 33 29.38 9.64 -0.40
C GLY B 33 29.29 8.21 -0.94
N PHE B 34 28.16 7.86 -1.56
CA PHE B 34 27.97 6.54 -2.13
C PHE B 34 27.90 6.58 -3.68
N LEU B 35 28.19 7.74 -4.27
CA LEU B 35 28.19 7.91 -5.73
C LEU B 35 29.33 8.86 -6.15
N THR B 36 29.73 8.79 -7.43
CA THR B 36 30.83 9.61 -7.97
C THR B 36 30.42 10.53 -9.14
N ILE B 37 31.35 11.41 -9.51
CA ILE B 37 31.20 12.34 -10.64
C ILE B 37 31.29 11.58 -11.97
N SER B 38 32.13 10.55 -12.02
CA SER B 38 32.25 9.72 -13.22
C SER B 38 30.91 9.04 -13.55
N GLU B 39 30.23 8.57 -12.51
CA GLU B 39 28.94 7.92 -12.65
C GLU B 39 27.87 8.91 -13.14
N GLU B 40 27.80 10.08 -12.49
CA GLU B 40 26.87 11.14 -12.89
C GLU B 40 27.09 11.54 -14.35
N GLU B 41 28.35 11.74 -14.71
CA GLU B 41 28.74 12.03 -16.07
C GLU B 41 28.23 10.93 -17.01
N LYS B 42 28.35 9.67 -16.57
CA LYS B 42 27.88 8.50 -17.32
C LYS B 42 26.35 8.38 -17.40
N VAL B 43 25.64 8.78 -16.35
CA VAL B 43 24.17 8.69 -16.32
C VAL B 43 23.52 9.82 -17.12
N ARG B 44 24.06 11.02 -16.99
CA ARG B 44 23.63 12.19 -17.76
C ARG B 44 23.83 11.95 -19.25
N ASN B 45 24.96 11.33 -19.60
CA ASN B 45 25.24 10.83 -20.95
C ASN B 45 24.01 10.34 -21.70
N GLU B 46 23.13 9.60 -21.03
CA GLU B 46 21.98 8.92 -21.66
C GLU B 46 20.88 9.90 -22.10
N PRO B 47 20.31 9.69 -23.30
CA PRO B 47 19.51 10.73 -23.98
C PRO B 47 18.14 11.05 -23.33
N THR B 48 17.50 10.04 -22.76
CA THR B 48 16.17 10.20 -22.18
C THR B 48 16.15 9.91 -20.68
N GLN B 49 15.06 10.35 -20.05
CA GLN B 49 14.86 10.29 -18.59
C GLN B 49 14.74 8.83 -18.09
N GLN B 50 14.19 7.97 -18.94
CA GLN B 50 14.07 6.53 -18.68
C GLN B 50 15.40 5.79 -18.74
N GLN B 51 16.27 6.24 -19.63
CA GLN B 51 17.58 5.66 -19.79
C GLN B 51 18.46 6.10 -18.66
N ARG B 52 18.31 7.37 -18.24
CA ARG B 52 19.08 7.92 -17.10
C ARG B 52 18.87 7.16 -15.77
N ALA B 53 17.61 6.91 -15.46
CA ALA B 53 17.22 6.04 -14.36
C ALA B 53 17.85 4.65 -14.48
N ALA B 54 17.51 3.94 -15.58
CA ALA B 54 18.06 2.59 -15.87
C ALA B 54 19.57 2.50 -15.60
N MET B 55 20.33 3.46 -16.11
CA MET B 55 21.77 3.45 -15.94
C MET B 55 22.14 3.49 -14.49
N LEU B 56 21.58 4.45 -13.75
CA LEU B 56 21.94 4.70 -12.32
C LEU B 56 21.52 3.56 -11.36
N ILE B 57 20.32 3.03 -11.60
CA ILE B 57 19.82 1.86 -10.86
C ILE B 57 20.74 0.65 -11.02
N LYS B 58 21.10 0.36 -12.26
CA LYS B 58 22.12 -0.68 -12.57
C LYS B 58 23.32 -0.55 -11.62
N MET B 59 23.75 0.68 -11.37
CA MET B 59 24.99 0.94 -10.64
C MET B 59 24.84 0.66 -9.14
N ILE B 60 23.69 1.05 -8.56
CA ILE B 60 23.45 0.96 -7.10
C ILE B 60 23.28 -0.47 -6.60
N LEU B 61 22.71 -1.32 -7.46
CA LEU B 61 22.50 -2.75 -7.18
C LEU B 61 23.79 -3.43 -6.71
N LYS B 62 24.92 -2.91 -7.18
CA LYS B 62 26.21 -3.49 -6.85
C LYS B 62 26.77 -2.92 -5.52
N LYS B 63 26.10 -1.90 -4.97
CA LYS B 63 26.57 -1.25 -3.73
C LYS B 63 25.99 -1.86 -2.44
N ASP B 64 26.33 -1.25 -1.31
CA ASP B 64 26.03 -1.79 0.02
C ASP B 64 24.65 -1.36 0.56
N ASN B 65 24.34 -1.89 1.75
CA ASN B 65 23.06 -1.67 2.42
C ASN B 65 22.76 -0.21 2.71
N ASP B 66 23.77 0.51 3.16
CA ASP B 66 23.62 1.94 3.50
C ASP B 66 23.32 2.76 2.26
N SER B 67 23.87 2.34 1.12
CA SER B 67 23.59 3.00 -0.17
C SER B 67 22.15 2.82 -0.67
N TYR B 68 21.56 1.65 -0.42
CA TYR B 68 20.14 1.44 -0.69
C TYR B 68 19.30 2.55 0.01
N VAL B 69 19.51 2.71 1.31
CA VAL B 69 18.77 3.70 2.11
C VAL B 69 19.06 5.13 1.69
N SER B 70 20.32 5.41 1.39
CA SER B 70 20.73 6.71 0.81
C SER B 70 19.93 7.05 -0.46
N PHE B 71 19.85 6.08 -1.37
CA PHE B 71 19.01 6.24 -2.54
C PHE B 71 17.52 6.43 -2.17
N TYR B 72 17.00 5.58 -1.27
CA TYR B 72 15.63 5.70 -0.75
C TYR B 72 15.36 7.13 -0.19
N ASN B 73 16.30 7.64 0.58
CA ASN B 73 16.18 8.95 1.17
C ASN B 73 16.31 10.08 0.19
N ALA B 74 17.19 9.87 -0.79
CA ALA B 74 17.35 10.81 -1.90
C ALA B 74 16.04 10.90 -2.65
N LEU B 75 15.41 9.76 -2.90
CA LEU B 75 14.07 9.73 -3.51
C LEU B 75 12.98 10.48 -2.70
N LEU B 76 12.99 10.33 -1.39
CA LEU B 76 12.02 11.03 -0.55
C LEU B 76 12.24 12.53 -0.59
N HIS B 77 13.48 12.92 -0.27
CA HIS B 77 13.97 14.30 -0.36
C HIS B 77 13.56 14.99 -1.66
N GLU B 78 13.53 14.23 -2.75
CA GLU B 78 13.24 14.79 -4.06
C GLU B 78 11.78 14.67 -4.50
N GLY B 79 10.93 14.04 -3.70
CA GLY B 79 9.48 14.02 -3.91
C GLY B 79 8.85 12.79 -4.55
N TYR B 80 9.62 11.73 -4.70
CA TYR B 80 9.11 10.51 -5.31
C TYR B 80 8.51 9.63 -4.23
N LYS B 81 7.37 10.08 -3.71
CA LYS B 81 6.74 9.50 -2.55
C LYS B 81 6.40 8.01 -2.77
N ASP B 82 5.87 7.70 -3.95
CA ASP B 82 5.30 6.36 -4.17
C ASP B 82 6.32 5.36 -4.70
N LEU B 83 7.34 5.84 -5.41
CA LEU B 83 8.47 5.00 -5.80
C LEU B 83 9.34 4.59 -4.61
N ALA B 84 9.51 5.51 -3.66
CA ALA B 84 10.20 5.18 -2.41
C ALA B 84 9.35 4.24 -1.58
N ALA B 85 8.02 4.39 -1.69
CA ALA B 85 7.07 3.47 -1.01
C ALA B 85 7.28 2.05 -1.47
N LEU B 86 7.54 1.92 -2.77
CA LEU B 86 7.84 0.64 -3.36
C LEU B 86 9.19 0.10 -2.93
N LEU B 87 10.10 0.97 -2.51
CA LEU B 87 11.42 0.52 -2.05
C LEU B 87 11.45 0.30 -0.55
N HIS B 88 10.58 1.02 0.18
CA HIS B 88 10.51 0.96 1.66
C HIS B 88 10.53 -0.47 2.20
N ASP B 89 9.86 -1.32 1.46
CA ASP B 89 9.77 -2.73 1.74
C ASP B 89 11.13 -3.43 1.93
N GLY B 90 12.10 -3.05 1.10
CA GLY B 90 13.35 -3.78 1.03
C GLY B 90 14.43 -3.17 1.88
N ILE B 91 14.10 -2.12 2.65
CA ILE B 91 15.08 -1.44 3.47
C ILE B 91 15.70 -2.46 4.40
N PRO B 92 17.04 -2.55 4.38
CA PRO B 92 17.65 -3.43 5.39
C PRO B 92 17.51 -2.86 6.81
N VAL B 93 17.04 -3.69 7.75
CA VAL B 93 16.82 -3.27 9.15
C VAL B 93 18.08 -2.66 9.80
N VAL B 94 19.25 -3.27 9.56
CA VAL B 94 20.52 -2.77 10.13
C VAL B 94 20.90 -1.34 9.64
N SER B 95 20.28 -0.88 8.56
CA SER B 95 20.59 0.42 7.97
C SER B 95 19.44 1.40 8.14
N SER B 96 18.50 1.08 9.02
CA SER B 96 17.17 1.72 9.03
C SER B 96 17.17 3.23 9.30
N SER B 97 18.02 3.67 10.22
CA SER B 97 18.27 5.11 10.39
C SER B 97 19.76 5.35 10.55
N SER B 98 20.37 5.99 9.55
CA SER B 98 21.81 6.24 9.56
C SER B 98 22.20 7.31 10.60
N GLY B 99 23.49 7.37 10.91
CA GLY B 99 24.04 8.34 11.88
C GLY B 99 23.76 9.80 11.55
N LYS B 100 23.48 10.09 10.28
CA LYS B 100 23.10 11.44 9.86
C LYS B 100 21.70 11.82 10.41
N ASP B 101 20.72 10.94 10.21
CA ASP B 101 19.33 11.15 10.70
C ASP B 101 19.24 11.36 12.22
N SER B 102 19.99 10.54 12.96
CA SER B 102 19.98 10.49 14.43
C SER B 102 20.04 11.86 15.15
N VAL B 103 21.07 12.64 14.85
CA VAL B 103 21.28 13.94 15.50
C VAL B 103 20.75 15.10 14.66
N SER B 104 20.46 14.86 13.38
CA SER B 104 19.89 15.93 12.54
C SER B 104 18.43 16.20 12.90
N GLY B 105 17.66 15.14 13.17
CA GLY B 105 16.21 15.26 13.35
C GLY B 105 15.45 15.26 12.03
N ILE B 106 16.14 14.91 10.94
CA ILE B 106 15.52 14.80 9.61
C ILE B 106 15.32 13.33 9.24
N THR B 107 14.07 12.89 9.33
CA THR B 107 13.69 11.53 9.06
C THR B 107 12.98 11.43 7.70
N SER B 108 12.59 10.21 7.34
CA SER B 108 11.78 9.94 6.15
C SER B 108 10.45 10.62 6.24
N TYR B 109 9.85 10.53 7.43
CA TYR B 109 8.65 11.27 7.81
C TYR B 109 8.77 12.75 7.46
N VAL B 110 9.82 13.40 7.94
CA VAL B 110 10.04 14.83 7.67
C VAL B 110 10.18 15.11 6.16
N ARG B 111 10.97 14.29 5.48
CA ARG B 111 11.18 14.47 4.06
C ARG B 111 9.87 14.39 3.26
N THR B 112 9.03 13.41 3.59
CA THR B 112 7.73 13.24 2.94
C THR B 112 6.75 14.36 3.24
N VAL B 113 6.54 14.65 4.51
CA VAL B 113 5.65 15.73 4.93
C VAL B 113 6.00 17.02 4.21
N LEU B 114 7.28 17.40 4.19
CA LEU B 114 7.67 18.71 3.61
C LEU B 114 7.47 18.79 2.10
N CYS B 115 7.86 17.71 1.43
CA CYS B 115 7.65 17.60 0.02
C CYS B 115 6.14 17.59 -0.37
N GLU B 116 5.33 16.81 0.34
CA GLU B 116 3.86 16.93 0.23
C GLU B 116 3.38 18.41 0.33
N GLY B 117 3.89 19.16 1.29
CA GLY B 117 3.48 20.56 1.48
C GLY B 117 4.07 21.57 0.49
N GLY B 118 4.98 21.14 -0.36
CA GLY B 118 5.65 22.06 -1.30
C GLY B 118 6.66 22.98 -0.64
N VAL B 119 7.28 22.51 0.46
CA VAL B 119 8.28 23.30 1.18
C VAL B 119 9.58 23.21 0.35
N PRO B 120 10.21 24.38 0.05
CA PRO B 120 11.45 24.36 -0.74
C PRO B 120 12.54 23.48 -0.13
N GLN B 121 13.28 22.76 -0.95
CA GLN B 121 14.43 22.02 -0.48
C GLN B 121 15.48 23.02 0.07
N ARG B 122 16.42 22.52 0.87
CA ARG B 122 17.54 23.34 1.29
C ARG B 122 18.31 23.94 0.12
N PRO B 123 18.94 25.14 0.33
CA PRO B 123 19.81 25.67 -0.71
C PRO B 123 20.95 24.71 -1.10
N VAL B 124 21.47 24.88 -2.30
CA VAL B 124 22.59 24.09 -2.82
C VAL B 124 23.71 23.93 -1.77
N VAL B 125 24.08 25.05 -1.10
CA VAL B 125 24.96 25.02 0.07
C VAL B 125 24.18 25.65 1.22
N PHE B 126 24.24 25.02 2.39
CA PHE B 126 23.42 25.36 3.54
C PHE B 126 24.24 25.44 4.80
N VAL B 127 24.12 26.52 5.57
CA VAL B 127 24.72 26.57 6.89
C VAL B 127 23.64 26.71 7.95
N THR B 128 23.84 26.07 9.10
CA THR B 128 22.91 26.13 10.21
C THR B 128 22.83 27.54 10.80
N ARG B 129 21.67 27.87 11.32
CA ARG B 129 21.42 29.13 11.98
C ARG B 129 20.58 28.76 13.16
N LYS B 130 21.24 28.08 14.10
CA LYS B 130 20.58 27.32 15.16
C LYS B 130 19.75 28.20 16.09
N LYS B 131 20.30 29.34 16.49
CA LYS B 131 19.62 30.23 17.41
C LYS B 131 18.31 30.80 16.80
N LEU B 132 18.35 31.20 15.52
CA LEU B 132 17.14 31.67 14.86
C LEU B 132 16.14 30.55 14.59
N VAL B 133 16.62 29.38 14.14
CA VAL B 133 15.72 28.24 13.89
C VAL B 133 15.05 27.74 15.19
N ASN B 134 15.82 27.62 16.28
CA ASN B 134 15.23 27.29 17.60
C ASN B 134 14.19 28.31 18.09
N ALA B 135 14.47 29.59 17.92
CA ALA B 135 13.51 30.63 18.30
C ALA B 135 12.18 30.54 17.49
N ILE B 136 12.26 30.20 16.21
CA ILE B 136 11.05 30.02 15.40
C ILE B 136 10.25 28.81 15.88
N GLN B 137 10.97 27.71 16.16
CA GLN B 137 10.40 26.46 16.60
C GLN B 137 9.76 26.59 17.97
N GLN B 138 10.40 27.38 18.83
CA GLN B 138 9.82 27.70 20.15
C GLN B 138 8.51 28.46 20.05
N LYS B 139 8.43 29.43 19.14
CA LYS B 139 7.15 30.15 18.90
C LYS B 139 6.10 29.23 18.33
N LEU B 140 6.48 28.43 17.33
CA LEU B 140 5.52 27.47 16.75
C LEU B 140 4.99 26.50 17.80
N SER B 141 5.81 26.13 18.77
CA SER B 141 5.39 25.25 19.84
C SER B 141 4.46 25.92 20.85
N LYS B 142 4.35 27.25 20.84
CA LYS B 142 3.41 27.96 21.69
C LYS B 142 1.98 27.98 21.13
N LEU B 143 1.82 27.64 19.85
CA LEU B 143 0.47 27.68 19.22
C LEU B 143 -0.47 26.62 19.82
N LYS B 144 0.09 25.47 20.20
CA LYS B 144 -0.63 24.46 20.99
C LYS B 144 -1.95 24.00 20.37
N GLY B 145 -1.94 23.75 19.06
CA GLY B 145 -3.13 23.27 18.35
C GLY B 145 -4.23 24.32 18.18
N GLU B 146 -3.96 25.57 18.55
CA GLU B 146 -4.95 26.64 18.45
C GLU B 146 -4.46 27.63 17.41
N PRO B 147 -5.39 28.37 16.79
CA PRO B 147 -5.02 29.41 15.83
C PRO B 147 -4.05 30.47 16.36
N GLY B 148 -3.25 31.01 15.45
CA GLY B 148 -2.26 31.99 15.83
C GLY B 148 -1.26 32.21 14.72
N TRP B 149 -0.45 33.25 14.92
CA TRP B 149 0.50 33.72 13.92
C TRP B 149 1.91 33.72 14.50
N VAL B 150 2.85 33.29 13.70
CA VAL B 150 4.25 33.43 14.00
C VAL B 150 4.86 34.14 12.81
N THR B 151 5.42 35.33 13.06
CA THR B 151 6.00 36.14 11.97
C THR B 151 7.55 36.21 12.04
N ILE B 152 8.18 35.83 10.94
CA ILE B 152 9.64 35.99 10.77
C ILE B 152 9.82 37.23 9.90
N HIS B 153 10.47 38.24 10.45
CA HIS B 153 10.60 39.51 9.76
C HIS B 153 12.04 40.00 9.67
N GLY B 154 12.31 40.70 8.58
CA GLY B 154 13.65 41.16 8.25
C GLY B 154 13.75 41.51 6.78
N MET B 155 14.91 42.03 6.42
CA MET B 155 15.17 42.57 5.10
C MET B 155 15.08 41.50 3.99
N ALA B 156 14.77 41.93 2.77
CA ALA B 156 14.76 41.06 1.61
C ALA B 156 16.16 40.43 1.41
N GLY B 157 16.16 39.11 1.18
CA GLY B 157 17.37 38.33 1.01
C GLY B 157 18.17 37.97 2.25
N CYS B 158 17.68 38.27 3.45
CA CYS B 158 18.40 37.95 4.71
C CYS B 158 18.29 36.46 5.10
N GLY B 159 17.46 35.68 4.40
CA GLY B 159 17.34 34.24 4.65
C GLY B 159 16.11 33.76 5.38
N LYS B 160 15.03 34.52 5.33
CA LYS B 160 13.80 34.19 6.06
C LYS B 160 13.09 32.96 5.54
N SER B 161 13.03 32.78 4.23
CA SER B 161 12.31 31.63 3.71
C SER B 161 13.08 30.32 3.94
N VAL B 162 14.39 30.38 3.83
CA VAL B 162 15.21 29.26 4.18
C VAL B 162 15.03 28.91 5.65
N LEU B 163 14.95 29.93 6.53
CA LEU B 163 14.70 29.74 7.97
C LEU B 163 13.37 29.09 8.29
N ALA B 164 12.31 29.57 7.64
CA ALA B 164 10.97 29.02 7.85
C ALA B 164 10.86 27.53 7.42
N ALA B 165 11.49 27.18 6.29
CA ALA B 165 11.57 25.79 5.88
C ALA B 165 12.39 24.93 6.87
N GLU B 166 13.50 25.45 7.38
CA GLU B 166 14.32 24.71 8.34
C GLU B 166 13.55 24.45 9.61
N ALA B 167 12.80 25.43 10.08
CA ALA B 167 12.10 25.30 11.36
C ALA B 167 11.18 24.10 11.36
N VAL B 168 10.59 23.77 10.22
CA VAL B 168 9.65 22.67 10.12
C VAL B 168 10.35 21.36 9.69
N ARG B 169 11.65 21.43 9.42
CA ARG B 169 12.44 20.28 8.99
C ARG B 169 12.90 19.54 10.25
N ASP B 170 11.93 19.14 11.08
CA ASP B 170 12.21 18.58 12.37
C ASP B 170 11.08 17.61 12.73
N HIS B 171 11.46 16.36 13.00
CA HIS B 171 10.49 15.29 13.26
C HIS B 171 9.63 15.50 14.53
N SER B 172 10.24 15.88 15.65
CA SER B 172 9.51 16.05 16.93
C SER B 172 8.51 17.16 16.84
N LEU B 173 8.96 18.31 16.38
CA LEU B 173 8.09 19.46 16.15
C LEU B 173 6.92 19.10 15.24
N LEU B 174 7.24 18.44 14.15
CA LEU B 174 6.22 18.12 13.13
C LEU B 174 5.19 17.12 13.69
N GLU B 175 5.68 16.04 14.28
CA GLU B 175 4.85 15.00 14.87
C GLU B 175 4.10 15.51 16.10
N GLY B 176 4.78 16.26 16.97
CA GLY B 176 4.16 16.80 18.17
C GLY B 176 3.21 17.98 17.97
N CYS B 177 3.56 18.89 17.07
CA CYS B 177 2.79 20.11 16.94
C CYS B 177 1.87 20.12 15.73
N PHE B 178 2.29 19.46 14.64
CA PHE B 178 1.59 19.57 13.37
C PHE B 178 1.39 18.22 12.68
N PRO B 179 0.70 17.29 13.35
CA PRO B 179 0.39 15.99 12.73
C PRO B 179 -0.42 16.05 11.41
N GLY B 180 -1.08 17.16 11.15
CA GLY B 180 -1.78 17.35 9.87
C GLY B 180 -0.91 17.88 8.74
N GLY B 181 0.35 18.12 9.03
CA GLY B 181 1.31 18.49 8.02
C GLY B 181 1.54 19.98 7.95
N VAL B 182 2.17 20.39 6.84
CA VAL B 182 2.51 21.77 6.54
C VAL B 182 2.20 22.01 5.08
N HIS B 183 1.77 23.21 4.74
CA HIS B 183 1.62 23.61 3.35
C HIS B 183 2.27 24.93 3.16
N TRP B 184 3.13 25.00 2.14
CA TRP B 184 3.87 26.20 1.82
C TRP B 184 3.19 27.01 0.76
N VAL B 185 3.03 28.31 1.00
CA VAL B 185 2.46 29.20 0.01
C VAL B 185 3.41 30.34 -0.24
N SER B 186 3.81 30.47 -1.50
CA SER B 186 4.65 31.58 -1.95
C SER B 186 3.77 32.74 -2.40
N VAL B 187 3.83 33.86 -1.68
CA VAL B 187 2.86 34.93 -1.88
C VAL B 187 3.54 36.06 -2.68
N GLY B 188 4.44 36.78 -2.00
CA GLY B 188 5.02 37.98 -2.52
C GLY B 188 4.06 39.14 -2.65
N LYS B 189 4.51 40.19 -3.33
CA LYS B 189 3.71 41.38 -3.56
C LYS B 189 2.60 41.04 -4.53
N GLN B 190 1.35 41.20 -4.09
CA GLN B 190 0.18 40.86 -4.89
C GLN B 190 -0.84 41.99 -4.87
N ASP B 191 -1.59 42.08 -5.97
CA ASP B 191 -2.86 42.80 -6.01
C ASP B 191 -3.97 41.76 -5.78
N LYS B 192 -5.23 42.16 -5.86
CA LYS B 192 -6.35 41.23 -5.62
C LYS B 192 -6.34 40.03 -6.55
N SER B 193 -6.16 40.28 -7.84
CA SER B 193 -6.25 39.22 -8.83
C SER B 193 -5.04 38.31 -8.75
N GLY B 194 -3.88 38.86 -8.43
CA GLY B 194 -2.69 38.10 -8.13
C GLY B 194 -2.82 37.19 -6.94
N LEU B 195 -3.40 37.68 -5.85
CA LEU B 195 -3.66 36.85 -4.68
C LEU B 195 -4.70 35.79 -4.96
N LEU B 196 -5.72 36.14 -5.72
CA LEU B 196 -6.74 35.14 -6.10
C LEU B 196 -6.11 33.96 -6.85
N MET B 197 -5.20 34.25 -7.79
CA MET B 197 -4.51 33.15 -8.51
C MET B 197 -3.79 32.26 -7.52
N LYS B 198 -3.11 32.85 -6.53
CA LYS B 198 -2.41 32.09 -5.48
C LYS B 198 -3.36 31.28 -4.61
N LEU B 199 -4.46 31.88 -4.20
CA LEU B 199 -5.49 31.16 -3.42
C LEU B 199 -6.18 30.05 -4.19
N GLN B 200 -6.46 30.26 -5.46
CA GLN B 200 -7.04 29.20 -6.29
C GLN B 200 -6.09 27.99 -6.39
N ASN B 201 -4.83 28.25 -6.67
CA ASN B 201 -3.82 27.17 -6.68
C ASN B 201 -3.69 26.42 -5.34
N LEU B 202 -3.74 27.14 -4.23
CA LEU B 202 -3.69 26.53 -2.90
C LEU B 202 -4.93 25.68 -2.63
N CYS B 203 -6.10 26.22 -3.00
CA CYS B 203 -7.33 25.46 -2.78
C CYS B 203 -7.30 24.13 -3.54
N THR B 204 -6.69 24.13 -4.73
CA THR B 204 -6.56 22.88 -5.53
C THR B 204 -5.58 21.87 -4.86
N ARG B 205 -4.46 22.38 -4.37
CA ARG B 205 -3.50 21.57 -3.65
C ARG B 205 -4.09 20.91 -2.41
N LEU B 206 -4.93 21.66 -1.71
CA LEU B 206 -5.45 21.22 -0.41
C LEU B 206 -6.62 20.27 -0.54
N ASP B 207 -7.13 20.11 -1.75
CA ASP B 207 -8.26 19.24 -2.01
C ASP B 207 -7.97 18.37 -3.21
N GLN B 208 -6.92 17.55 -3.13
CA GLN B 208 -6.50 16.75 -4.29
C GLN B 208 -7.50 15.62 -4.56
N ASP B 209 -7.78 14.84 -3.52
CA ASP B 209 -8.77 13.76 -3.63
C ASP B 209 -10.19 14.25 -3.98
N GLU B 210 -10.34 15.57 -4.05
CA GLU B 210 -11.55 16.24 -4.58
C GLU B 210 -12.84 15.97 -3.80
N SER B 211 -12.69 15.75 -2.49
CA SER B 211 -13.83 15.52 -1.60
C SER B 211 -14.69 16.77 -1.39
N PHE B 212 -14.23 17.91 -1.91
CA PHE B 212 -14.99 19.16 -1.89
C PHE B 212 -15.05 19.67 -3.34
N SER B 213 -15.53 20.91 -3.53
CA SER B 213 -15.92 21.40 -4.86
C SER B 213 -14.85 21.20 -5.94
N GLN B 214 -15.30 20.80 -7.13
CA GLN B 214 -14.41 20.60 -8.28
C GLN B 214 -14.05 21.93 -8.99
N ARG B 215 -14.89 22.95 -8.81
CA ARG B 215 -14.64 24.26 -9.38
C ARG B 215 -13.91 25.16 -8.38
N LEU B 216 -13.06 26.05 -8.89
CA LEU B 216 -12.27 26.95 -8.08
C LEU B 216 -13.11 28.03 -7.38
N PRO B 217 -12.62 28.56 -6.25
CA PRO B 217 -13.20 29.81 -5.75
C PRO B 217 -12.98 30.94 -6.77
N LEU B 218 -13.97 31.81 -6.93
CA LEU B 218 -13.99 32.77 -8.03
C LEU B 218 -13.66 34.19 -7.62
N ASN B 219 -13.61 34.42 -6.33
CA ASN B 219 -13.21 35.70 -5.76
C ASN B 219 -12.56 35.50 -4.39
N ILE B 220 -11.98 36.56 -3.83
CA ILE B 220 -11.23 36.39 -2.60
C ILE B 220 -12.08 35.93 -1.41
N GLU B 221 -13.30 36.42 -1.34
CA GLU B 221 -14.23 36.06 -0.29
C GLU B 221 -14.55 34.56 -0.32
N GLU B 222 -14.90 34.06 -1.50
CA GLU B 222 -15.11 32.63 -1.69
C GLU B 222 -13.87 31.78 -1.38
N ALA B 223 -12.70 32.24 -1.78
CA ALA B 223 -11.44 31.54 -1.54
C ALA B 223 -11.12 31.48 -0.06
N LYS B 224 -11.36 32.58 0.63
CA LYS B 224 -11.16 32.63 2.09
C LYS B 224 -12.07 31.63 2.79
N ASP B 225 -13.35 31.65 2.45
CA ASP B 225 -14.31 30.67 2.94
C ASP B 225 -13.97 29.20 2.56
N ARG B 226 -13.53 28.94 1.32
CA ARG B 226 -13.12 27.59 0.97
C ARG B 226 -11.88 27.13 1.74
N LEU B 227 -10.95 28.05 1.94
CA LEU B 227 -9.75 27.75 2.68
C LEU B 227 -10.08 27.41 4.10
N ARG B 228 -11.02 28.14 4.68
CA ARG B 228 -11.50 27.85 6.06
C ARG B 228 -12.01 26.42 6.18
N ILE B 229 -12.81 26.00 5.21
CA ILE B 229 -13.44 24.68 5.25
C ILE B 229 -12.39 23.58 5.05
N LEU B 230 -11.49 23.78 4.09
CA LEU B 230 -10.46 22.78 3.80
C LEU B 230 -9.48 22.58 4.95
N MET B 231 -9.12 23.65 5.67
CA MET B 231 -8.21 23.55 6.79
C MET B 231 -8.90 22.91 7.98
N LEU B 232 -10.18 23.16 8.12
CA LEU B 232 -10.97 22.55 9.18
C LEU B 232 -11.22 21.06 8.91
N ARG B 233 -11.72 20.75 7.72
CA ARG B 233 -12.21 19.41 7.38
C ARG B 233 -11.15 18.45 6.81
N LYS B 234 -10.12 19.00 6.17
CA LYS B 234 -9.11 18.15 5.54
C LYS B 234 -7.73 18.25 6.16
N HIS B 235 -7.43 19.37 6.82
CA HIS B 235 -6.08 19.64 7.30
C HIS B 235 -6.06 20.20 8.72
N PRO B 236 -6.81 19.56 9.61
CA PRO B 236 -6.79 20.00 10.99
C PRO B 236 -5.42 19.73 11.59
N ARG B 237 -5.03 20.49 12.61
CA ARG B 237 -3.71 20.38 13.23
C ARG B 237 -2.53 20.48 12.26
N SER B 238 -2.59 21.42 11.31
CA SER B 238 -1.51 21.61 10.36
C SER B 238 -1.07 23.03 10.36
N LEU B 239 0.08 23.27 9.74
CA LEU B 239 0.63 24.61 9.64
C LEU B 239 0.53 25.10 8.18
N LEU B 240 0.10 26.35 8.03
CA LEU B 240 0.20 27.03 6.77
C LEU B 240 1.39 27.98 6.84
N ILE B 241 2.27 27.93 5.84
CA ILE B 241 3.44 28.83 5.78
C ILE B 241 3.34 29.76 4.58
N LEU B 242 3.30 31.06 4.87
CA LEU B 242 3.10 32.10 3.87
C LEU B 242 4.40 32.88 3.67
N ASP B 243 4.99 32.71 2.50
CA ASP B 243 6.28 33.29 2.24
C ASP B 243 6.17 34.67 1.56
N ASP B 244 6.67 35.69 2.24
CA ASP B 244 6.74 37.06 1.75
C ASP B 244 5.40 37.75 1.59
N VAL B 245 4.77 38.02 2.72
CA VAL B 245 3.54 38.80 2.78
C VAL B 245 3.92 40.27 2.84
N TRP B 246 3.32 41.04 1.93
CA TRP B 246 3.60 42.48 1.81
C TRP B 246 2.55 43.37 2.46
N ASP B 247 1.32 42.90 2.57
CA ASP B 247 0.23 43.76 2.98
C ASP B 247 -0.71 43.04 3.95
N SER B 248 -1.19 43.79 4.95
CA SER B 248 -2.09 43.28 5.96
C SER B 248 -3.39 42.72 5.39
N TRP B 249 -3.85 43.32 4.31
CA TRP B 249 -5.08 42.89 3.68
C TRP B 249 -4.94 41.50 3.12
N VAL B 250 -3.73 41.14 2.72
CA VAL B 250 -3.47 39.79 2.21
C VAL B 250 -3.63 38.76 3.33
N LEU B 251 -3.13 39.10 4.52
CA LEU B 251 -3.25 38.23 5.69
C LEU B 251 -4.69 37.98 6.13
N LYS B 252 -5.56 38.96 5.93
CA LYS B 252 -6.98 38.81 6.19
C LYS B 252 -7.64 37.71 5.36
N ALA B 253 -7.14 37.53 4.15
CA ALA B 253 -7.61 36.46 3.29
C ALA B 253 -7.31 35.08 3.85
N PHE B 254 -6.32 34.99 4.73
CA PHE B 254 -5.95 33.72 5.41
C PHE B 254 -6.41 33.64 6.88
N ASP B 255 -7.19 34.61 7.33
CA ASP B 255 -7.63 34.66 8.72
C ASP B 255 -8.84 33.73 8.97
N SER B 256 -8.58 32.42 9.03
CA SER B 256 -9.64 31.42 9.04
C SER B 256 -9.47 30.30 10.10
N GLN B 257 -9.07 30.71 11.31
CA GLN B 257 -8.86 29.83 12.45
C GLN B 257 -7.74 28.83 12.17
N CYS B 258 -6.66 29.31 11.56
CA CYS B 258 -5.49 28.50 11.20
C CYS B 258 -4.28 28.80 12.06
N GLN B 259 -3.31 27.90 11.99
CA GLN B 259 -1.98 28.11 12.54
C GLN B 259 -1.09 28.54 11.38
N ILE B 260 -0.51 29.72 11.48
CA ILE B 260 0.21 30.32 10.36
C ILE B 260 1.60 30.86 10.73
N LEU B 261 2.57 30.40 9.96
CA LEU B 261 3.91 30.93 9.95
C LEU B 261 4.05 31.75 8.68
N LEU B 262 4.52 32.98 8.80
CA LEU B 262 4.73 33.81 7.64
C LEU B 262 6.06 34.54 7.73
N THR B 263 6.59 34.89 6.57
CA THR B 263 7.77 35.76 6.46
C THR B 263 7.33 37.09 5.82
N THR B 264 7.99 38.16 6.23
CA THR B 264 7.66 39.49 5.75
C THR B 264 8.84 40.47 5.98
N ARG B 265 8.93 41.47 5.12
CA ARG B 265 9.86 42.60 5.34
C ARG B 265 9.25 43.62 6.29
N ASP B 266 7.92 43.57 6.47
CA ASP B 266 7.16 44.55 7.26
C ASP B 266 6.38 43.86 8.38
N LYS B 267 6.91 43.94 9.59
CA LYS B 267 6.25 43.41 10.81
C LYS B 267 4.80 43.90 11.02
N SER B 268 4.42 45.04 10.41
CA SER B 268 3.08 45.59 10.59
C SER B 268 1.98 44.89 9.79
N VAL B 269 2.33 43.90 8.97
CA VAL B 269 1.33 43.20 8.17
C VAL B 269 0.30 42.43 9.02
N THR B 270 0.59 42.24 10.30
CA THR B 270 -0.30 41.47 11.18
C THR B 270 -1.33 42.34 11.90
N ASP B 271 -1.38 43.63 11.57
CA ASP B 271 -2.20 44.60 12.31
C ASP B 271 -3.70 44.41 12.14
N SER B 272 -4.14 43.94 10.98
CA SER B 272 -5.57 43.82 10.70
C SER B 272 -6.10 42.46 11.13
N VAL B 273 -5.25 41.71 11.84
CA VAL B 273 -5.49 40.33 12.15
C VAL B 273 -5.36 40.15 13.66
N MET B 274 -6.05 39.16 14.22
CA MET B 274 -6.10 38.99 15.67
C MET B 274 -5.84 37.57 16.11
N GLY B 275 -5.62 37.40 17.41
CA GLY B 275 -5.29 36.11 18.00
C GLY B 275 -3.86 36.20 18.45
N PRO B 276 -3.31 35.10 19.02
CA PRO B 276 -1.91 35.06 19.47
C PRO B 276 -0.94 35.40 18.34
N LYS B 277 0.01 36.27 18.64
CA LYS B 277 1.01 36.77 17.67
C LYS B 277 2.41 36.70 18.27
N TYR B 278 3.29 35.94 17.62
CA TYR B 278 4.65 35.77 18.02
C TYR B 278 5.53 36.24 16.86
N VAL B 279 6.67 36.84 17.21
CA VAL B 279 7.56 37.48 16.25
C VAL B 279 9.01 37.02 16.43
N VAL B 280 9.68 36.75 15.32
CA VAL B 280 11.10 36.50 15.32
C VAL B 280 11.78 37.50 14.37
N PRO B 281 12.52 38.46 14.93
CA PRO B 281 13.33 39.32 14.07
C PRO B 281 14.55 38.59 13.51
N VAL B 282 14.86 38.82 12.24
CA VAL B 282 16.06 38.26 11.64
C VAL B 282 17.02 39.39 11.31
N GLU B 283 18.26 39.22 11.77
CA GLU B 283 19.33 40.18 11.55
C GLU B 283 19.50 40.38 10.04
N SER B 284 19.76 41.62 9.66
CA SER B 284 19.82 41.99 8.23
C SER B 284 21.05 41.38 7.57
N SER B 285 22.08 41.11 8.38
CA SER B 285 23.32 40.53 7.93
C SER B 285 23.54 39.19 8.59
N LEU B 286 23.95 38.23 7.77
CA LEU B 286 24.58 37.03 8.25
C LEU B 286 25.91 37.48 8.87
N GLY B 287 26.40 36.75 9.86
CA GLY B 287 27.69 37.16 10.45
C GLY B 287 28.85 36.73 9.54
N LYS B 288 30.01 37.30 9.80
CA LYS B 288 31.27 36.94 9.17
C LYS B 288 31.55 35.42 9.13
N GLU B 289 31.48 34.76 10.28
CA GLU B 289 31.81 33.35 10.41
C GLU B 289 30.91 32.45 9.58
N LYS B 290 29.61 32.71 9.63
CA LYS B 290 28.65 31.97 8.84
C LYS B 290 28.80 32.23 7.32
N GLY B 291 29.13 33.47 6.95
CA GLY B 291 29.47 33.83 5.55
C GLY B 291 30.74 33.11 5.08
N LEU B 292 31.78 33.11 5.92
CA LEU B 292 32.98 32.31 5.65
C LEU B 292 32.69 30.82 5.55
N GLU B 293 31.78 30.33 6.40
CA GLU B 293 31.38 28.92 6.40
C GLU B 293 30.68 28.54 5.07
N ILE B 294 29.85 29.43 4.54
CA ILE B 294 29.22 29.25 3.22
C ILE B 294 30.31 29.10 2.17
N LEU B 295 31.25 30.06 2.16
CA LEU B 295 32.41 30.00 1.25
C LEU B 295 33.20 28.70 1.33
N SER B 296 33.49 28.28 2.55
CA SER B 296 34.27 27.05 2.75
C SER B 296 33.57 25.77 2.24
N LEU B 297 32.25 25.78 2.27
CA LEU B 297 31.47 24.65 1.81
C LEU B 297 31.39 24.64 0.31
N PHE B 298 31.28 25.81 -0.30
CA PHE B 298 31.37 25.91 -1.73
C PHE B 298 32.71 25.43 -2.27
N VAL B 299 33.80 25.88 -1.68
CA VAL B 299 35.13 25.58 -2.20
C VAL B 299 35.76 24.31 -1.60
N ASN B 300 35.02 23.63 -0.74
CA ASN B 300 35.41 22.35 -0.15
C ASN B 300 36.75 22.45 0.56
N MET B 301 36.85 23.42 1.46
CA MET B 301 37.97 23.43 2.40
C MET B 301 37.52 23.86 3.78
N LYS B 302 38.34 23.53 4.76
CA LYS B 302 38.07 23.99 6.11
C LYS B 302 38.12 25.51 6.16
N LYS B 303 37.30 26.08 7.05
CA LYS B 303 37.23 27.52 7.22
C LYS B 303 38.60 28.14 7.54
N ALA B 304 39.39 27.44 8.35
CA ALA B 304 40.72 27.91 8.74
C ALA B 304 41.81 27.77 7.64
N ASP B 305 41.51 27.09 6.53
CA ASP B 305 42.43 26.94 5.42
C ASP B 305 42.07 27.87 4.26
N LEU B 306 41.08 28.72 4.48
CA LEU B 306 40.64 29.69 3.51
C LEU B 306 41.68 30.76 3.30
N PRO B 307 41.85 31.22 2.04
CA PRO B 307 42.87 32.25 1.85
C PRO B 307 42.43 33.58 2.50
N GLU B 308 43.35 34.52 2.56
CA GLU B 308 43.11 35.78 3.24
C GLU B 308 42.02 36.63 2.57
N GLN B 309 41.87 36.47 1.24
CA GLN B 309 40.89 37.23 0.47
C GLN B 309 39.46 36.91 0.91
N ALA B 310 39.26 35.72 1.48
CA ALA B 310 37.93 35.30 1.92
C ALA B 310 37.29 36.31 2.87
N HIS B 311 38.06 36.82 3.83
CA HIS B 311 37.52 37.77 4.80
C HIS B 311 37.15 39.11 4.15
N SER B 312 38.00 39.55 3.21
CA SER B 312 37.72 40.75 2.44
C SER B 312 36.47 40.56 1.54
N ILE B 313 36.34 39.38 0.95
CA ILE B 313 35.17 39.06 0.13
C ILE B 313 33.89 39.08 0.94
N ILE B 314 33.90 38.50 2.14
CA ILE B 314 32.72 38.57 3.01
C ILE B 314 32.34 40.01 3.37
N LYS B 315 33.34 40.80 3.73
CA LYS B 315 33.12 42.22 3.98
C LYS B 315 32.44 42.90 2.80
N GLU B 316 32.91 42.59 1.59
CA GLU B 316 32.28 43.15 0.37
C GLU B 316 30.88 42.63 0.13
N CYS B 317 30.55 41.44 0.64
CA CYS B 317 29.19 40.91 0.45
C CYS B 317 28.12 41.53 1.35
N LYS B 318 28.56 42.23 2.39
CA LYS B 318 27.67 42.98 3.30
C LYS B 318 26.62 42.09 3.96
N GLY B 319 27.04 40.89 4.35
CA GLY B 319 26.19 39.96 5.04
C GLY B 319 25.06 39.27 4.27
N SER B 320 24.91 39.54 2.97
CA SER B 320 23.82 38.93 2.21
C SER B 320 24.15 37.48 1.82
N PRO B 321 23.42 36.49 2.38
CA PRO B 321 23.65 35.10 2.01
C PRO B 321 23.47 34.75 0.53
N LEU B 322 22.61 35.46 -0.19
CA LEU B 322 22.50 35.28 -1.63
C LEU B 322 23.79 35.71 -2.35
N VAL B 323 24.35 36.85 -1.95
CA VAL B 323 25.58 37.38 -2.55
C VAL B 323 26.75 36.45 -2.21
N VAL B 324 26.86 36.05 -0.95
CA VAL B 324 27.92 35.13 -0.56
C VAL B 324 27.84 33.87 -1.39
N SER B 325 26.62 33.40 -1.63
CA SER B 325 26.40 32.17 -2.41
C SER B 325 26.81 32.31 -3.84
N LEU B 326 26.48 33.47 -4.44
CA LEU B 326 26.87 33.75 -5.81
C LEU B 326 28.39 33.72 -6.02
N ILE B 327 29.10 34.34 -5.08
CA ILE B 327 30.54 34.39 -5.09
C ILE B 327 31.15 33.02 -4.75
N GLY B 328 30.62 32.36 -3.72
CA GLY B 328 31.07 31.00 -3.37
C GLY B 328 31.02 30.04 -4.56
N ALA B 329 29.95 30.12 -5.35
CA ALA B 329 29.76 29.29 -6.53
C ALA B 329 30.81 29.61 -7.61
N LEU B 330 31.07 30.90 -7.84
CA LEU B 330 32.13 31.34 -8.71
C LEU B 330 33.47 30.80 -8.28
N LEU B 331 33.77 30.93 -6.99
CA LEU B 331 35.05 30.45 -6.47
C LEU B 331 35.20 28.95 -6.57
N ARG B 332 34.11 28.21 -6.44
CA ARG B 332 34.14 26.77 -6.68
C ARG B 332 34.41 26.44 -8.17
N ASP B 333 33.86 27.25 -9.06
CA ASP B 333 33.91 27.03 -10.52
C ASP B 333 35.21 27.53 -11.16
N PHE B 334 35.89 28.47 -10.50
CA PHE B 334 37.14 29.09 -11.00
C PHE B 334 38.05 29.25 -9.77
N PRO B 335 38.54 28.12 -9.25
CA PRO B 335 39.17 28.00 -7.92
C PRO B 335 40.46 28.75 -7.52
N ASN B 336 41.26 29.25 -8.45
CA ASN B 336 42.48 29.96 -8.04
C ASN B 336 42.40 31.45 -8.35
N ARG B 337 41.20 32.00 -8.18
CA ARG B 337 40.86 33.35 -8.64
C ARG B 337 40.33 34.24 -7.50
N TRP B 338 40.81 33.98 -6.28
CA TRP B 338 40.39 34.76 -5.09
C TRP B 338 40.72 36.24 -5.17
N GLU B 339 41.92 36.57 -5.60
CA GLU B 339 42.30 37.97 -5.78
C GLU B 339 41.47 38.61 -6.89
N TYR B 340 41.38 37.91 -8.02
CA TYR B 340 40.65 38.40 -9.18
C TYR B 340 39.21 38.81 -8.85
N TYR B 341 38.49 37.93 -8.16
CA TYR B 341 37.10 38.20 -7.79
C TYR B 341 36.98 39.21 -6.64
N LEU B 342 37.91 39.22 -5.70
CA LEU B 342 37.90 40.26 -4.66
C LEU B 342 38.00 41.65 -5.28
N LYS B 343 38.92 41.83 -6.23
CA LYS B 343 39.11 43.10 -6.93
C LYS B 343 37.88 43.54 -7.73
N GLN B 344 37.28 42.63 -8.48
CA GLN B 344 36.01 42.93 -9.17
C GLN B 344 34.88 43.38 -8.22
N LEU B 345 34.80 42.77 -7.04
CA LEU B 345 33.83 43.19 -6.01
C LEU B 345 34.15 44.56 -5.42
N GLN B 346 35.44 44.86 -5.26
CA GLN B 346 35.85 46.16 -4.73
C GLN B 346 35.74 47.28 -5.77
N ASN B 347 35.95 46.94 -7.05
CA ASN B 347 35.84 47.92 -8.15
C ASN B 347 34.50 47.70 -8.86
N LYS B 348 33.44 48.27 -8.28
CA LYS B 348 32.07 48.01 -8.73
C LYS B 348 31.73 48.81 -9.98
N GLN B 349 31.43 48.10 -11.06
CA GLN B 349 31.23 48.68 -12.37
C GLN B 349 29.78 48.74 -12.84
N PHE B 350 28.88 48.02 -12.19
CA PHE B 350 27.50 47.95 -12.64
C PHE B 350 26.74 49.26 -12.36
N LYS B 351 25.93 49.65 -13.34
CA LYS B 351 25.21 50.93 -13.29
C LYS B 351 23.68 50.77 -13.22
N ARG B 352 23.16 51.14 -12.05
CA ARG B 352 21.75 51.16 -11.71
C ARG B 352 21.06 52.42 -12.23
N ILE B 353 20.15 52.25 -13.18
CA ILE B 353 19.25 53.34 -13.57
C ILE B 353 18.12 53.52 -12.54
N ARG B 354 17.37 52.45 -12.23
CA ARG B 354 16.33 52.53 -11.18
C ARG B 354 16.90 52.34 -9.79
N LYS B 355 17.14 53.47 -9.10
CA LYS B 355 17.61 53.49 -7.70
C LYS B 355 16.42 53.33 -6.76
N SER B 356 16.40 52.22 -6.00
CA SER B 356 15.30 51.91 -5.07
C SER B 356 15.39 52.60 -3.69
N SER B 357 14.32 52.42 -2.92
CA SER B 357 14.22 52.94 -1.57
C SER B 357 14.79 51.94 -0.55
N SER B 358 14.12 50.81 -0.38
CA SER B 358 14.36 49.92 0.78
C SER B 358 15.42 48.78 0.65
N TYR B 359 16.26 48.81 -0.40
CA TYR B 359 17.32 47.78 -0.56
C TYR B 359 18.65 48.34 -1.10
N ASP B 360 19.80 47.89 -0.56
CA ASP B 360 21.09 48.22 -1.16
C ASP B 360 21.59 47.12 -2.10
N TYR B 361 21.52 47.43 -3.40
CA TYR B 361 21.80 46.50 -4.50
C TYR B 361 23.27 46.30 -4.80
N GLU B 362 24.09 47.26 -4.42
CA GLU B 362 25.47 47.34 -4.88
C GLU B 362 26.17 45.99 -5.02
N ALA B 363 26.21 45.25 -3.93
CA ALA B 363 26.93 44.00 -3.87
C ALA B 363 26.22 42.92 -4.66
N LEU B 364 24.91 42.83 -4.51
CA LEU B 364 24.13 41.84 -5.26
C LEU B 364 24.27 42.03 -6.77
N ASP B 365 24.10 43.28 -7.19
CA ASP B 365 24.22 43.64 -8.59
C ASP B 365 25.58 43.22 -9.15
N GLU B 366 26.64 43.52 -8.42
CA GLU B 366 28.00 43.21 -8.89
C GLU B 366 28.25 41.72 -8.94
N ALA B 367 27.86 41.02 -7.88
CA ALA B 367 27.93 39.58 -7.83
C ALA B 367 27.16 38.93 -8.98
N MET B 368 25.96 39.42 -9.23
CA MET B 368 25.16 38.90 -10.32
C MET B 368 25.88 39.16 -11.67
N SER B 369 26.43 40.36 -11.80
CA SER B 369 27.11 40.77 -13.02
C SER B 369 28.37 39.90 -13.32
N ILE B 370 29.18 39.68 -12.30
CA ILE B 370 30.36 38.85 -12.43
C ILE B 370 29.95 37.41 -12.76
N SER B 371 28.95 36.90 -12.04
CA SER B 371 28.52 35.51 -12.22
C SER B 371 27.96 35.27 -13.64
N VAL B 372 27.08 36.16 -14.06
CA VAL B 372 26.55 36.11 -15.42
C VAL B 372 27.67 36.18 -16.48
N GLU B 373 28.65 37.07 -16.24
CA GLU B 373 29.79 37.23 -17.16
C GLU B 373 30.64 35.97 -17.34
N MET B 374 30.71 35.15 -16.31
CA MET B 374 31.48 33.91 -16.33
C MET B 374 30.70 32.70 -16.85
N LEU B 375 29.44 32.89 -17.24
CA LEU B 375 28.68 31.82 -17.88
C LEU B 375 29.32 31.45 -19.19
N ARG B 376 29.49 30.15 -19.43
CA ARG B 376 30.06 29.72 -20.69
C ARG B 376 29.14 30.23 -21.79
N GLU B 377 29.73 30.52 -22.94
CA GLU B 377 29.12 31.38 -23.94
C GLU B 377 27.82 30.85 -24.53
N ASP B 378 27.68 29.53 -24.62
CA ASP B 378 26.50 28.95 -25.26
C ASP B 378 25.28 28.86 -24.33
N ILE B 379 25.41 29.32 -23.08
CA ILE B 379 24.25 29.43 -22.18
C ILE B 379 23.95 30.85 -21.67
N LYS B 380 24.81 31.83 -21.97
CA LYS B 380 24.56 33.23 -21.62
C LYS B 380 23.20 33.73 -22.12
N ASP B 381 22.89 33.45 -23.39
CA ASP B 381 21.64 33.88 -24.00
C ASP B 381 20.44 33.27 -23.33
N TYR B 382 20.52 31.97 -23.04
CA TYR B 382 19.45 31.30 -22.31
C TYR B 382 19.18 32.00 -21.00
N TYR B 383 20.23 32.44 -20.28
CA TYR B 383 20.02 33.12 -18.98
C TYR B 383 19.35 34.48 -19.19
N THR B 384 19.77 35.19 -20.23
CA THR B 384 19.19 36.47 -20.57
C THR B 384 17.69 36.33 -20.85
N ASP B 385 17.30 35.24 -21.49
CA ASP B 385 15.86 34.95 -21.69
C ASP B 385 15.04 34.90 -20.40
N LEU B 386 15.65 34.46 -19.31
CA LEU B 386 14.95 34.37 -18.04
C LEU B 386 14.62 35.72 -17.41
N SER B 387 15.10 36.79 -18.05
CA SER B 387 14.72 38.13 -17.69
C SER B 387 13.20 38.41 -17.77
N ILE B 388 12.46 37.58 -18.50
CA ILE B 388 10.99 37.68 -18.57
C ILE B 388 10.24 36.89 -17.51
N LEU B 389 10.94 36.11 -16.68
CA LEU B 389 10.35 35.51 -15.49
C LEU B 389 10.00 36.60 -14.49
N GLN B 390 8.85 36.43 -13.85
CA GLN B 390 8.26 37.42 -12.97
C GLN B 390 8.55 37.04 -11.56
N LYS B 391 8.49 38.04 -10.68
CA LYS B 391 8.64 37.78 -9.27
C LYS B 391 7.47 36.89 -8.85
N ASP B 392 7.73 35.98 -7.92
CA ASP B 392 6.70 35.18 -7.30
C ASP B 392 5.91 34.27 -8.23
N VAL B 393 6.54 33.87 -9.34
CA VAL B 393 5.98 32.89 -10.24
C VAL B 393 7.01 31.79 -10.45
N LYS B 394 6.57 30.57 -10.21
CA LYS B 394 7.39 29.37 -10.35
C LYS B 394 6.92 28.71 -11.60
N VAL B 395 7.80 28.63 -12.58
CA VAL B 395 7.47 28.25 -13.97
C VAL B 395 7.77 26.78 -14.20
N PRO B 396 6.80 26.01 -14.76
CA PRO B 396 7.15 24.63 -15.08
C PRO B 396 8.09 24.54 -16.25
N THR B 397 8.83 23.43 -16.31
CA THR B 397 9.84 23.15 -17.34
C THR B 397 9.35 23.36 -18.77
N LYS B 398 8.11 22.93 -19.02
CA LYS B 398 7.50 22.92 -20.35
C LYS B 398 7.42 24.35 -20.94
N VAL B 399 7.23 25.35 -20.09
CA VAL B 399 7.27 26.75 -20.57
C VAL B 399 8.59 27.11 -21.23
N LEU B 400 9.67 26.62 -20.65
CA LEU B 400 11.01 26.92 -21.15
C LEU B 400 11.43 26.05 -22.31
N CYS B 401 10.92 24.80 -22.35
CA CYS B 401 10.99 23.96 -23.56
C CYS B 401 10.41 24.67 -24.77
N ILE B 402 9.27 25.35 -24.57
CA ILE B 402 8.59 26.13 -25.61
C ILE B 402 9.46 27.33 -26.01
N LEU B 403 9.83 28.15 -25.03
CA LEU B 403 10.69 29.33 -25.22
C LEU B 403 11.96 29.02 -25.98
N TRP B 404 12.61 27.90 -25.66
CA TRP B 404 13.87 27.52 -26.32
C TRP B 404 13.72 26.43 -27.41
N ASP B 405 12.49 25.99 -27.68
CA ASP B 405 12.20 24.93 -28.66
C ASP B 405 13.09 23.70 -28.45
N MET B 406 13.22 23.30 -27.20
CA MET B 406 14.12 22.24 -26.80
C MET B 406 13.38 21.16 -26.05
N GLU B 407 13.93 19.95 -26.10
CA GLU B 407 13.43 18.86 -25.29
C GLU B 407 13.73 19.05 -23.80
N THR B 408 12.89 18.46 -22.97
CA THR B 408 12.97 18.56 -21.52
C THR B 408 14.33 18.28 -20.90
N GLU B 409 14.95 17.18 -21.33
CA GLU B 409 16.21 16.74 -20.75
C GLU B 409 17.30 17.81 -20.96
N GLU B 410 17.33 18.36 -22.17
CA GLU B 410 18.27 19.42 -22.52
C GLU B 410 18.00 20.73 -21.77
N VAL B 411 16.72 21.12 -21.64
CA VAL B 411 16.33 22.30 -20.89
C VAL B 411 16.74 22.16 -19.43
N GLU B 412 16.43 21.00 -18.84
CA GLU B 412 16.66 20.77 -17.42
C GLU B 412 18.16 20.75 -17.11
N ASP B 413 18.96 20.27 -18.06
CA ASP B 413 20.41 20.31 -17.92
C ASP B 413 20.97 21.75 -17.90
N ILE B 414 20.51 22.58 -18.83
CA ILE B 414 20.90 23.99 -18.87
C ILE B 414 20.47 24.70 -17.57
N LEU B 415 19.23 24.52 -17.16
CA LEU B 415 18.72 25.16 -15.94
C LEU B 415 19.45 24.72 -14.66
N GLN B 416 19.92 23.47 -14.61
CA GLN B 416 20.67 22.96 -13.46
C GLN B 416 21.99 23.69 -13.29
N GLU B 417 22.62 24.04 -14.41
CA GLU B 417 23.80 24.88 -14.40
C GLU B 417 23.56 26.21 -13.73
N PHE B 418 22.43 26.84 -14.01
CA PHE B 418 22.05 28.07 -13.31
C PHE B 418 21.78 27.85 -11.84
N VAL B 419 21.06 26.77 -11.54
CA VAL B 419 20.68 26.45 -10.18
C VAL B 419 21.95 26.19 -9.33
N ASN B 420 22.91 25.47 -9.89
CA ASN B 420 24.16 25.16 -9.19
C ASN B 420 25.03 26.41 -8.95
N LYS B 421 24.79 27.47 -9.71
CA LYS B 421 25.50 28.75 -9.54
C LYS B 421 24.75 29.77 -8.67
N SER B 422 23.63 29.35 -8.07
CA SER B 422 22.68 30.22 -7.29
C SER B 422 22.06 31.33 -8.12
N LEU B 423 22.00 31.13 -9.44
CA LEU B 423 21.41 32.11 -10.36
C LEU B 423 19.95 31.81 -10.67
N LEU B 424 19.45 30.69 -10.12
CA LEU B 424 18.13 30.17 -10.38
C LEU B 424 17.82 29.18 -9.27
N PHE B 425 16.53 29.00 -8.96
CA PHE B 425 16.06 28.04 -7.97
C PHE B 425 15.07 27.07 -8.59
N CYS B 426 15.03 25.87 -8.04
CA CYS B 426 14.18 24.81 -8.57
C CYS B 426 13.52 24.09 -7.40
N ASP B 427 12.19 24.04 -7.42
CA ASP B 427 11.42 23.21 -6.46
C ASP B 427 11.01 21.93 -7.17
N ARG B 428 11.37 20.80 -6.56
CA ARG B 428 11.13 19.49 -7.12
C ARG B 428 10.05 18.77 -6.32
N ASN B 429 8.93 18.42 -6.97
CA ASN B 429 7.97 17.47 -6.38
C ASN B 429 7.88 16.25 -7.32
N GLY B 430 8.78 15.31 -7.09
CA GLY B 430 8.94 14.16 -7.96
C GLY B 430 9.29 14.56 -9.38
N LYS B 431 8.38 14.29 -10.30
CA LYS B 431 8.60 14.53 -11.72
C LYS B 431 8.33 15.98 -12.16
N SER B 432 7.52 16.71 -11.39
CA SER B 432 7.27 18.13 -11.67
C SER B 432 8.42 19.07 -11.18
N PHE B 433 9.04 19.78 -12.11
CA PHE B 433 10.12 20.77 -11.78
C PHE B 433 9.59 22.16 -12.05
N ARG B 434 9.80 23.07 -11.11
CA ARG B 434 9.39 24.47 -11.27
C ARG B 434 10.54 25.37 -10.92
N TYR B 435 10.75 26.40 -11.72
CA TYR B 435 11.94 27.24 -11.60
C TYR B 435 11.52 28.64 -11.27
N TYR B 436 12.35 29.31 -10.46
CA TYR B 436 12.10 30.68 -10.06
C TYR B 436 13.39 31.43 -9.69
N LEU B 437 13.24 32.74 -9.64
CA LEU B 437 14.31 33.66 -9.31
C LEU B 437 13.96 34.33 -8.02
N HIS B 438 14.96 34.71 -7.22
CA HIS B 438 14.72 35.57 -6.09
C HIS B 438 14.32 36.91 -6.66
N ASP B 439 13.44 37.63 -5.96
CA ASP B 439 13.05 39.00 -6.34
C ASP B 439 14.18 39.90 -6.73
N LEU B 440 15.24 39.88 -5.93
CA LEU B 440 16.38 40.73 -6.16
C LEU B 440 17.07 40.40 -7.48
N GLN B 441 16.96 39.13 -7.94
CA GLN B 441 17.56 38.70 -9.20
C GLN B 441 16.69 39.13 -10.37
N VAL B 442 15.38 39.13 -10.17
CA VAL B 442 14.46 39.69 -11.17
C VAL B 442 14.81 41.17 -11.40
N ASP B 443 15.01 41.91 -10.31
CA ASP B 443 15.41 43.33 -10.37
C ASP B 443 16.72 43.52 -11.13
N PHE B 444 17.73 42.71 -10.83
CA PHE B 444 18.99 42.76 -11.59
C PHE B 444 18.80 42.56 -13.10
N LEU B 445 18.07 41.52 -13.49
CA LEU B 445 17.91 41.16 -14.91
C LEU B 445 17.09 42.18 -15.67
N THR B 446 16.09 42.72 -14.99
CA THR B 446 15.20 43.73 -15.56
C THR B 446 15.99 45.01 -15.86
N GLU B 447 16.89 45.35 -14.93
CA GLU B 447 17.84 46.47 -15.06
C GLU B 447 18.91 46.20 -16.13
N LYS B 448 19.66 45.11 -15.97
CA LYS B 448 20.68 44.69 -16.96
C LYS B 448 20.15 44.58 -18.41
N ASN B 449 18.97 44.02 -18.58
CA ASN B 449 18.48 43.71 -19.89
C ASN B 449 17.23 44.52 -20.28
N CYS B 450 17.03 45.68 -19.65
CA CYS B 450 15.83 46.56 -19.91
C CYS B 450 15.49 46.71 -21.39
N SER B 451 16.51 47.02 -22.20
CA SER B 451 16.30 47.36 -23.61
C SER B 451 15.97 46.14 -24.47
N GLN B 452 16.18 44.93 -23.96
CA GLN B 452 15.83 43.72 -24.65
C GLN B 452 14.49 43.14 -24.22
N LEU B 453 13.89 43.69 -23.17
CA LEU B 453 12.78 43.02 -22.49
C LEU B 453 11.63 42.80 -23.41
N GLN B 454 11.24 43.83 -24.17
CA GLN B 454 10.12 43.72 -25.14
C GLN B 454 10.29 42.59 -26.17
N ASP B 455 11.49 42.47 -26.70
CA ASP B 455 11.80 41.43 -27.69
C ASP B 455 11.87 40.02 -27.08
N LEU B 456 12.18 39.95 -25.79
CA LEU B 456 12.13 38.66 -25.06
C LEU B 456 10.67 38.26 -24.88
N HIS B 457 9.84 39.19 -24.45
CA HIS B 457 8.41 38.92 -24.34
C HIS B 457 7.79 38.49 -25.68
N LYS B 458 8.14 39.19 -26.76
CA LYS B 458 7.71 38.80 -28.09
C LYS B 458 8.19 37.41 -28.48
N LYS B 459 9.39 37.06 -28.04
CA LYS B 459 9.95 35.74 -28.29
C LYS B 459 9.07 34.60 -27.70
N ILE B 460 8.62 34.77 -26.46
CA ILE B 460 7.82 33.71 -25.82
C ILE B 460 6.46 33.56 -26.53
N ILE B 461 5.89 34.66 -26.99
CA ILE B 461 4.62 34.61 -27.75
C ILE B 461 4.81 33.91 -29.09
N THR B 462 5.84 34.32 -29.81
CA THR B 462 6.21 33.64 -31.06
C THR B 462 6.38 32.14 -30.89
N GLN B 463 7.09 31.76 -29.83
CA GLN B 463 7.36 30.36 -29.53
C GLN B 463 6.11 29.59 -29.08
N PHE B 464 5.28 30.26 -28.28
CA PHE B 464 3.99 29.71 -27.89
C PHE B 464 3.10 29.37 -29.08
N GLN B 465 3.06 30.24 -30.08
CA GLN B 465 2.24 30.04 -31.26
C GLN B 465 2.66 28.85 -32.13
N ARG B 466 3.82 28.26 -31.84
CA ARG B 466 4.28 27.07 -32.56
C ARG B 466 3.99 25.77 -31.80
N TYR B 467 3.58 25.89 -30.55
CA TYR B 467 3.23 24.76 -29.74
C TYR B 467 1.74 24.70 -29.40
N HIS B 468 1.10 25.86 -29.29
CA HIS B 468 -0.31 25.92 -28.91
C HIS B 468 -1.07 26.95 -29.71
N GLN B 469 -2.39 26.83 -29.60
CA GLN B 469 -3.30 27.89 -29.92
C GLN B 469 -4.07 28.10 -28.63
N PRO B 470 -4.57 29.33 -28.38
CA PRO B 470 -5.37 29.60 -27.17
C PRO B 470 -6.52 28.62 -26.94
N HIS B 471 -7.25 28.27 -28.00
CA HIS B 471 -8.38 27.35 -27.90
C HIS B 471 -7.98 25.88 -27.76
N THR B 472 -6.69 25.62 -27.90
CA THR B 472 -6.13 24.28 -27.84
C THR B 472 -5.54 23.97 -26.43
N LEU B 473 -5.64 24.92 -25.50
CA LEU B 473 -5.15 24.73 -24.12
C LEU B 473 -6.09 23.83 -23.29
N SER B 474 -5.53 22.89 -22.53
CA SER B 474 -6.33 22.00 -21.67
C SER B 474 -5.63 21.73 -20.36
N PRO B 475 -6.38 21.61 -19.24
CA PRO B 475 -5.81 21.63 -17.88
C PRO B 475 -4.96 20.41 -17.50
N ASP B 476 -5.04 19.35 -18.32
CA ASP B 476 -4.15 18.21 -18.18
C ASP B 476 -2.68 18.56 -18.45
N GLN B 477 -2.42 19.55 -19.28
CA GLN B 477 -1.06 19.95 -19.63
C GLN B 477 -0.41 20.86 -18.56
N GLU B 478 0.87 20.59 -18.32
CA GLU B 478 1.59 21.15 -17.16
C GLU B 478 1.73 22.71 -17.20
N ASP B 479 1.73 23.26 -18.41
CA ASP B 479 1.90 24.69 -18.64
C ASP B 479 0.57 25.45 -18.87
N CYS B 480 -0.56 24.75 -18.72
CA CYS B 480 -1.87 25.29 -19.09
C CYS B 480 -2.23 26.54 -18.30
N MET B 481 -2.12 26.49 -16.98
CA MET B 481 -2.44 27.62 -16.13
C MET B 481 -1.45 28.79 -16.25
N TYR B 482 -0.20 28.48 -16.59
CA TYR B 482 0.78 29.51 -16.87
C TYR B 482 0.25 30.36 -18.04
N TRP B 483 -0.21 29.71 -19.10
CA TRP B 483 -0.69 30.46 -20.27
C TRP B 483 -2.00 31.19 -20.04
N TYR B 484 -2.98 30.58 -19.37
CA TYR B 484 -4.22 31.32 -18.99
C TYR B 484 -3.89 32.55 -18.14
N ASN B 485 -2.94 32.39 -17.23
CA ASN B 485 -2.60 33.48 -16.32
C ASN B 485 -1.74 34.57 -16.98
N PHE B 486 -0.89 34.20 -17.94
CA PHE B 486 0.18 35.09 -18.34
C PHE B 486 0.37 35.26 -19.84
N LEU B 487 -0.47 34.66 -20.66
CA LEU B 487 -0.39 34.88 -22.11
C LEU B 487 -0.59 36.35 -22.44
N ALA B 488 -1.64 36.93 -21.89
CA ALA B 488 -1.98 38.32 -22.14
C ALA B 488 -0.91 39.21 -21.55
N TYR B 489 -0.41 38.85 -20.37
CA TYR B 489 0.70 39.61 -19.76
C TYR B 489 1.91 39.69 -20.72
N HIS B 490 2.29 38.57 -21.31
CA HIS B 490 3.48 38.59 -22.18
C HIS B 490 3.22 39.32 -23.50
N MET B 491 2.03 39.17 -24.06
CA MET B 491 1.67 39.94 -25.26
C MET B 491 1.68 41.45 -24.98
N ALA B 492 1.17 41.85 -23.82
CA ALA B 492 1.06 43.26 -23.48
C ALA B 492 2.45 43.84 -23.21
N SER B 493 3.27 43.07 -22.51
CA SER B 493 4.68 43.42 -22.24
C SER B 493 5.49 43.47 -23.54
N ALA B 494 5.16 42.63 -24.51
CA ALA B 494 5.79 42.64 -25.84
C ALA B 494 5.24 43.73 -26.75
N LYS B 495 4.26 44.50 -26.26
CA LYS B 495 3.52 45.52 -27.00
C LYS B 495 2.83 44.98 -28.25
N MET B 496 2.42 43.72 -28.20
CA MET B 496 1.78 43.07 -29.33
C MET B 496 0.27 43.30 -29.27
N HIS B 497 -0.14 44.52 -29.60
CA HIS B 497 -1.54 44.94 -29.48
C HIS B 497 -2.47 44.16 -30.40
N LYS B 498 -1.97 43.80 -31.58
CA LYS B 498 -2.79 43.00 -32.50
C LYS B 498 -3.08 41.60 -31.97
N GLU B 499 -2.06 40.92 -31.46
CA GLU B 499 -2.21 39.57 -30.89
C GLU B 499 -3.06 39.61 -29.63
N LEU B 500 -2.86 40.64 -28.81
CA LEU B 500 -3.61 40.80 -27.57
C LEU B 500 -5.11 40.92 -27.84
N CYS B 501 -5.44 41.74 -28.83
CA CYS B 501 -6.80 41.93 -29.25
C CYS B 501 -7.38 40.66 -29.82
N ALA B 502 -6.64 39.94 -30.66
CA ALA B 502 -7.15 38.68 -31.21
C ALA B 502 -7.39 37.65 -30.11
N LEU B 503 -6.55 37.65 -29.08
CA LEU B 503 -6.76 36.74 -27.93
C LEU B 503 -7.99 37.08 -27.08
N MET B 504 -8.00 38.32 -26.60
CA MET B 504 -8.96 38.78 -25.61
C MET B 504 -10.33 39.20 -26.16
N PHE B 505 -10.40 39.74 -27.36
CA PHE B 505 -11.66 40.23 -27.92
C PHE B 505 -12.36 39.06 -28.57
N SER B 506 -12.72 38.09 -27.74
CA SER B 506 -13.10 36.77 -28.21
C SER B 506 -14.01 36.11 -27.20
N LEU B 507 -15.22 35.79 -27.64
CA LEU B 507 -16.16 35.02 -26.82
C LEU B 507 -15.62 33.60 -26.47
N ASP B 508 -14.85 33.00 -27.37
CA ASP B 508 -14.26 31.66 -27.11
C ASP B 508 -13.33 31.69 -25.93
N TRP B 509 -12.46 32.69 -25.92
CA TRP B 509 -11.48 32.86 -24.87
C TRP B 509 -12.14 33.22 -23.56
N ILE B 510 -13.16 34.07 -23.64
CA ILE B 510 -13.95 34.39 -22.45
C ILE B 510 -14.62 33.16 -21.90
N LYS B 511 -15.26 32.38 -22.75
CA LYS B 511 -15.82 31.10 -22.30
C LYS B 511 -14.77 30.17 -21.68
N ALA B 512 -13.67 29.94 -22.36
CA ALA B 512 -12.67 28.96 -21.92
C ALA B 512 -12.01 29.37 -20.59
N LYS B 513 -11.59 30.64 -20.49
CA LYS B 513 -10.93 31.12 -19.27
C LYS B 513 -11.88 31.29 -18.08
N THR B 514 -13.08 31.82 -18.32
CA THR B 514 -14.02 31.99 -17.22
C THR B 514 -14.55 30.69 -16.66
N GLU B 515 -14.71 29.70 -17.52
CA GLU B 515 -15.18 28.38 -17.04
C GLU B 515 -14.14 27.66 -16.16
N LEU B 516 -12.86 28.01 -16.30
CA LEU B 516 -11.79 27.51 -15.40
C LEU B 516 -11.53 28.36 -14.15
N VAL B 517 -11.48 29.68 -14.29
CA VAL B 517 -11.07 30.56 -13.16
C VAL B 517 -12.02 31.72 -12.83
N GLY B 518 -13.13 31.81 -13.57
CA GLY B 518 -14.09 32.89 -13.36
C GLY B 518 -13.61 34.14 -14.05
N PRO B 519 -14.34 35.26 -13.85
CA PRO B 519 -14.13 36.52 -14.57
C PRO B 519 -13.12 37.48 -14.01
N ALA B 520 -12.69 37.30 -12.77
CA ALA B 520 -11.98 38.38 -12.08
C ALA B 520 -10.66 38.80 -12.73
N HIS B 521 -9.79 37.86 -12.98
CA HIS B 521 -8.49 38.16 -13.53
C HIS B 521 -8.63 38.69 -14.97
N LEU B 522 -9.53 38.10 -15.74
CA LEU B 522 -9.85 38.59 -17.08
C LEU B 522 -10.23 40.06 -17.09
N ILE B 523 -11.15 40.45 -16.20
CA ILE B 523 -11.55 41.87 -16.05
C ILE B 523 -10.33 42.74 -15.74
N HIS B 524 -9.54 42.30 -14.78
CA HIS B 524 -8.30 43.00 -14.45
C HIS B 524 -7.34 43.14 -15.65
N GLU B 525 -7.24 42.12 -16.49
CA GLU B 525 -6.37 42.17 -17.66
C GLU B 525 -6.85 43.22 -18.65
N PHE B 526 -8.16 43.32 -18.84
CA PHE B 526 -8.73 44.34 -19.73
C PHE B 526 -8.35 45.75 -19.23
N VAL B 527 -8.46 45.97 -17.92
CA VAL B 527 -8.13 47.27 -17.35
C VAL B 527 -6.64 47.60 -17.43
N GLU B 528 -5.82 46.67 -16.95
CA GLU B 528 -4.37 46.79 -16.85
C GLU B 528 -3.64 46.99 -18.19
N TYR B 529 -4.13 46.34 -19.25
CA TYR B 529 -3.38 46.37 -20.50
C TYR B 529 -3.97 47.31 -21.53
N ARG B 530 -5.07 47.97 -21.18
CA ARG B 530 -5.74 48.90 -22.07
C ARG B 530 -4.82 49.99 -22.60
N HIS B 531 -3.86 50.43 -21.78
CA HIS B 531 -2.99 51.57 -22.12
C HIS B 531 -2.08 51.34 -23.34
N ILE B 532 -1.88 50.09 -23.76
CA ILE B 532 -1.08 49.82 -24.97
C ILE B 532 -1.88 49.89 -26.28
N LEU B 533 -3.18 50.16 -26.17
CA LEU B 533 -4.07 50.04 -27.31
C LEU B 533 -4.32 51.37 -27.99
N ASP B 534 -4.55 51.36 -29.30
CA ASP B 534 -4.98 52.58 -29.97
C ASP B 534 -6.42 52.91 -29.56
N GLU B 535 -6.95 54.01 -30.09
CA GLU B 535 -8.25 54.54 -29.69
C GLU B 535 -9.39 53.57 -29.98
N LYS B 536 -9.31 52.95 -31.14
CA LYS B 536 -10.34 52.07 -31.67
C LYS B 536 -10.45 50.81 -30.80
N ASP B 537 -9.30 50.18 -30.57
CA ASP B 537 -9.22 48.94 -29.78
C ASP B 537 -9.52 49.20 -28.32
N CYS B 538 -9.12 50.36 -27.83
CA CYS B 538 -9.46 50.78 -26.48
C CYS B 538 -10.98 50.80 -26.20
N ALA B 539 -11.76 51.29 -27.17
CA ALA B 539 -13.23 51.26 -27.08
C ALA B 539 -13.80 49.83 -27.05
N VAL B 540 -13.29 48.97 -27.93
CA VAL B 540 -13.64 47.54 -27.93
C VAL B 540 -13.28 46.87 -26.60
N SER B 541 -12.08 47.13 -26.12
CA SER B 541 -11.67 46.69 -24.79
C SER B 541 -12.76 47.02 -23.76
N GLU B 542 -13.27 48.25 -23.80
CA GLU B 542 -14.27 48.70 -22.84
C GLU B 542 -15.62 47.99 -23.00
N ASN B 543 -16.01 47.71 -24.24
CA ASN B 543 -17.16 46.83 -24.52
C ASN B 543 -17.05 45.48 -23.83
N PHE B 544 -15.93 44.79 -24.03
CA PHE B 544 -15.71 43.49 -23.41
C PHE B 544 -15.70 43.56 -21.90
N GLN B 545 -15.05 44.60 -21.36
CA GLN B 545 -14.92 44.74 -19.91
C GLN B 545 -16.27 44.92 -19.22
N GLU B 546 -17.15 45.69 -19.85
CA GLU B 546 -18.43 45.99 -19.28
C GLU B 546 -19.37 44.78 -19.40
N PHE B 547 -19.19 44.00 -20.47
CA PHE B 547 -19.86 42.71 -20.66
C PHE B 547 -19.54 41.75 -19.54
N LEU B 548 -18.27 41.65 -19.18
CA LEU B 548 -17.81 40.76 -18.12
C LEU B 548 -18.24 41.22 -16.74
N SER B 549 -18.20 42.53 -16.51
CA SER B 549 -18.59 43.09 -15.22
C SER B 549 -20.07 42.88 -14.97
N LEU B 550 -20.88 43.16 -15.98
CA LEU B 550 -22.32 42.96 -15.91
C LEU B 550 -22.66 41.50 -15.55
N ASN B 551 -21.96 40.55 -16.17
CA ASN B 551 -22.28 39.15 -16.08
C ASN B 551 -21.37 38.41 -15.13
N GLY B 552 -20.64 39.18 -14.34
CA GLY B 552 -19.55 38.66 -13.51
C GLY B 552 -19.95 37.63 -12.48
N HIS B 553 -21.16 37.78 -11.97
CA HIS B 553 -21.76 36.85 -11.00
C HIS B 553 -22.20 35.52 -11.62
N LEU B 554 -22.26 35.44 -12.94
CA LEU B 554 -22.68 34.24 -13.63
C LEU B 554 -21.51 33.40 -14.13
N LEU B 555 -20.41 34.07 -14.47
CA LEU B 555 -19.34 33.47 -15.25
C LEU B 555 -18.50 32.53 -14.38
N GLY B 556 -18.31 31.32 -14.89
CA GLY B 556 -17.54 30.29 -14.19
C GLY B 556 -18.35 29.54 -13.14
N ARG B 557 -19.65 29.80 -13.10
CA ARG B 557 -20.54 29.08 -12.17
C ARG B 557 -21.36 28.05 -12.88
N GLN B 558 -21.20 26.80 -12.43
CA GLN B 558 -21.91 25.67 -12.98
C GLN B 558 -23.36 25.76 -12.49
N PRO B 559 -24.34 25.50 -13.37
CA PRO B 559 -24.28 25.21 -14.80
C PRO B 559 -23.88 26.46 -15.56
N PHE B 560 -22.95 26.30 -16.48
CA PHE B 560 -22.29 27.44 -17.09
C PHE B 560 -23.24 28.23 -17.99
N PRO B 561 -23.21 29.60 -17.92
CA PRO B 561 -24.07 30.38 -18.79
C PRO B 561 -23.70 30.24 -20.28
N ASN B 562 -24.69 30.44 -21.14
CA ASN B 562 -24.51 30.46 -22.57
C ASN B 562 -23.99 31.82 -22.89
N ILE B 563 -22.72 31.87 -23.28
CA ILE B 563 -22.02 33.11 -23.51
C ILE B 563 -22.49 33.85 -24.75
N VAL B 564 -22.96 33.13 -25.76
CA VAL B 564 -23.57 33.74 -26.95
C VAL B 564 -24.91 34.41 -26.60
N GLN B 565 -25.76 33.74 -25.83
CA GLN B 565 -27.00 34.33 -25.33
C GLN B 565 -26.76 35.64 -24.55
N LEU B 566 -25.79 35.58 -23.63
CA LEU B 566 -25.39 36.75 -22.85
C LEU B 566 -24.86 37.90 -23.72
N GLY B 567 -24.07 37.58 -24.71
CA GLY B 567 -23.58 38.60 -25.64
C GLY B 567 -24.66 39.21 -26.51
N LEU B 568 -25.71 38.45 -26.80
CA LEU B 568 -26.84 38.97 -27.60
C LEU B 568 -27.68 39.99 -26.82
N CYS B 569 -27.41 40.09 -25.51
CA CYS B 569 -28.04 41.08 -24.63
C CYS B 569 -27.24 42.38 -24.56
N GLU B 570 -26.07 42.40 -25.18
CA GLU B 570 -25.29 43.63 -25.20
C GLU B 570 -25.87 44.59 -26.26
N PRO B 571 -25.59 45.90 -26.13
CA PRO B 571 -26.01 46.85 -27.16
C PRO B 571 -25.49 46.49 -28.56
N GLU B 572 -26.31 46.72 -29.57
CA GLU B 572 -26.01 46.31 -30.95
C GLU B 572 -24.74 47.00 -31.54
N THR B 573 -24.33 48.08 -30.90
CA THR B 573 -23.11 48.79 -31.26
C THR B 573 -21.87 48.06 -30.74
N SER B 574 -22.05 47.26 -29.68
CA SER B 574 -20.97 46.52 -29.02
C SER B 574 -20.43 45.39 -29.92
N GLU B 575 -19.11 45.26 -29.93
CA GLU B 575 -18.42 44.18 -30.64
C GLU B 575 -18.73 42.81 -30.03
N VAL B 576 -19.13 42.80 -28.76
CA VAL B 576 -19.54 41.57 -28.08
C VAL B 576 -20.81 41.07 -28.74
N TYR B 577 -21.77 41.98 -28.88
CA TYR B 577 -23.03 41.70 -29.58
C TYR B 577 -22.83 41.21 -30.99
N GLN B 578 -21.99 41.90 -31.76
CA GLN B 578 -21.73 41.55 -33.14
C GLN B 578 -21.08 40.18 -33.26
N GLN B 579 -20.13 39.88 -32.37
CA GLN B 579 -19.55 38.52 -32.30
C GLN B 579 -20.60 37.48 -31.93
N ALA B 580 -21.43 37.79 -30.94
CA ALA B 580 -22.46 36.87 -30.47
C ALA B 580 -23.47 36.58 -31.57
N LYS B 581 -23.81 37.61 -32.36
CA LYS B 581 -24.72 37.47 -33.51
C LYS B 581 -24.16 36.53 -34.60
N LEU B 582 -22.85 36.61 -34.87
CA LEU B 582 -22.23 35.73 -35.87
C LEU B 582 -22.28 34.29 -35.44
N GLN B 583 -21.91 34.04 -34.20
CA GLN B 583 -21.95 32.68 -33.64
C GLN B 583 -23.32 32.07 -33.64
N ALA B 584 -24.33 32.87 -33.33
CA ALA B 584 -25.71 32.41 -33.33
C ALA B 584 -26.08 31.85 -34.70
N LYS B 585 -25.87 32.65 -35.74
CA LYS B 585 -26.05 32.23 -37.13
C LYS B 585 -25.20 30.99 -37.49
N GLN B 586 -23.91 31.03 -37.18
CA GLN B 586 -23.01 29.94 -37.58
C GLN B 586 -23.30 28.64 -36.81
N MET C 1 40.50 -27.94 52.21
CA MET C 1 40.90 -27.20 50.99
C MET C 1 42.38 -26.91 51.02
N ASP C 2 42.91 -26.39 49.92
CA ASP C 2 44.33 -26.06 49.86
C ASP C 2 44.69 -25.00 50.89
N ALA C 3 45.90 -25.02 51.41
CA ALA C 3 46.37 -24.00 52.36
C ALA C 3 46.21 -22.58 51.83
N LYS C 4 46.63 -22.37 50.58
CA LYS C 4 46.48 -21.06 49.91
C LYS C 4 45.12 -20.46 50.14
N ALA C 5 44.10 -21.23 49.78
CA ALA C 5 42.70 -20.84 49.91
C ALA C 5 42.30 -20.62 51.38
N ARG C 6 42.66 -21.58 52.23
CA ARG C 6 42.44 -21.46 53.66
C ARG C 6 42.98 -20.12 54.19
N ASN C 7 44.25 -19.84 53.92
CA ASN C 7 44.92 -18.65 54.42
C ASN C 7 44.36 -17.37 53.88
N CYS C 8 43.96 -17.40 52.61
CA CYS C 8 43.32 -16.26 51.96
C CYS C 8 42.00 -15.95 52.63
N LEU C 9 41.25 -17.01 52.91
CA LEU C 9 39.96 -16.89 53.57
C LEU C 9 40.18 -16.39 54.98
N LEU C 10 41.22 -16.91 55.64
CA LEU C 10 41.56 -16.49 57.01
C LEU C 10 41.96 -15.02 57.08
N GLN C 11 42.77 -14.56 56.14
CA GLN C 11 43.24 -13.17 56.16
C GLN C 11 42.12 -12.15 55.96
N HIS C 12 41.11 -12.51 55.17
CA HIS C 12 40.08 -11.56 54.74
C HIS C 12 38.76 -11.71 55.46
N ARG C 13 38.71 -12.65 56.40
CA ARG C 13 37.55 -12.89 57.22
C ARG C 13 37.06 -11.65 58.01
N GLU C 14 37.95 -10.70 58.34
CA GLU C 14 37.50 -9.49 59.01
C GLU C 14 36.55 -8.71 58.09
N ALA C 15 36.98 -8.55 56.84
CA ALA C 15 36.21 -7.82 55.84
C ALA C 15 34.88 -8.51 55.57
N LEU C 16 34.93 -9.83 55.41
CA LEU C 16 33.73 -10.66 55.17
C LEU C 16 32.75 -10.63 56.34
N GLU C 17 33.25 -10.66 57.56
CA GLU C 17 32.38 -10.67 58.75
C GLU C 17 31.58 -9.38 58.88
N LYS C 18 32.28 -8.27 58.78
CA LYS C 18 31.68 -6.95 58.80
C LYS C 18 30.62 -6.83 57.68
N ASP C 19 31.08 -6.65 56.44
CA ASP C 19 30.25 -6.17 55.34
C ASP C 19 29.13 -7.13 54.85
N ILE C 20 29.31 -8.45 54.90
CA ILE C 20 28.32 -9.32 54.22
C ILE C 20 27.09 -9.68 55.01
N LYS C 21 25.97 -9.76 54.27
CA LYS C 21 24.72 -10.38 54.70
C LYS C 21 24.70 -11.81 54.13
N THR C 22 23.88 -12.68 54.70
CA THR C 22 24.12 -14.14 54.65
C THR C 22 23.09 -15.05 53.98
N SER C 23 21.84 -14.60 53.83
CA SER C 23 20.74 -15.55 53.45
C SER C 23 20.85 -16.18 52.04
N TYR C 24 21.14 -15.37 51.03
CA TYR C 24 21.05 -15.82 49.62
C TYR C 24 22.31 -16.57 49.17
N ILE C 25 23.47 -16.13 49.68
CA ILE C 25 24.71 -16.91 49.61
C ILE C 25 24.39 -18.32 50.03
N MET C 26 23.89 -18.41 51.26
CA MET C 26 23.52 -19.70 51.85
C MET C 26 22.63 -20.55 50.93
N ASP C 27 21.66 -19.93 50.26
CA ASP C 27 20.84 -20.62 49.23
C ASP C 27 21.69 -21.19 48.08
N HIS C 28 22.53 -20.35 47.50
CA HIS C 28 23.36 -20.78 46.35
C HIS C 28 24.21 -21.98 46.67
N MET C 29 24.84 -21.98 47.84
CA MET C 29 25.69 -23.11 48.26
C MET C 29 24.82 -24.32 48.59
N ILE C 30 23.69 -24.07 49.25
CA ILE C 30 22.70 -25.14 49.51
C ILE C 30 22.27 -25.81 48.18
N SER C 31 22.05 -25.00 47.15
CA SER C 31 21.77 -25.53 45.80
C SER C 31 23.00 -26.27 45.26
N ASP C 32 24.17 -25.62 45.33
CA ASP C 32 25.43 -26.25 44.87
C ASP C 32 25.76 -27.58 45.61
N GLY C 33 25.17 -27.77 46.80
CA GLY C 33 25.32 -28.99 47.58
C GLY C 33 26.56 -29.00 48.48
N PHE C 34 26.95 -27.82 48.95
CA PHE C 34 28.11 -27.65 49.82
C PHE C 34 27.72 -27.09 51.18
N LEU C 35 26.42 -26.84 51.40
CA LEU C 35 25.93 -26.44 52.72
C LEU C 35 24.66 -27.25 53.10
N THR C 36 24.24 -27.12 54.37
CA THR C 36 23.00 -27.76 54.86
C THR C 36 22.07 -26.78 55.61
N ILE C 37 20.85 -27.28 55.89
CA ILE C 37 19.79 -26.51 56.56
C ILE C 37 20.10 -26.31 58.06
N SER C 38 20.66 -27.34 58.69
CA SER C 38 21.08 -27.24 60.09
C SER C 38 22.07 -26.09 60.26
N GLU C 39 22.95 -25.95 59.29
CA GLU C 39 23.97 -24.90 59.29
C GLU C 39 23.38 -23.49 59.10
N GLU C 40 22.47 -23.35 58.14
CA GLU C 40 21.76 -22.08 57.93
C GLU C 40 20.99 -21.70 59.20
N GLU C 41 20.29 -22.68 59.74
CA GLU C 41 19.58 -22.53 61.00
C GLU C 41 20.54 -22.00 62.06
N LYS C 42 21.74 -22.57 62.09
CA LYS C 42 22.81 -22.20 63.04
C LYS C 42 23.29 -20.74 62.81
N VAL C 43 23.29 -20.30 61.56
CA VAL C 43 23.76 -18.94 61.22
C VAL C 43 22.66 -17.86 61.34
N ARG C 44 21.41 -18.21 61.01
CA ARG C 44 20.28 -17.30 61.18
C ARG C 44 20.12 -16.98 62.68
N ASN C 45 20.43 -17.97 63.54
CA ASN C 45 20.40 -17.84 65.01
C ASN C 45 21.17 -16.66 65.60
N GLU C 46 22.25 -16.24 64.93
CA GLU C 46 23.13 -15.17 65.42
C GLU C 46 22.46 -13.80 65.31
N PRO C 47 22.56 -12.97 66.38
CA PRO C 47 21.77 -11.73 66.49
C PRO C 47 22.12 -10.63 65.48
N THR C 48 23.39 -10.55 65.09
CA THR C 48 23.81 -9.49 64.17
C THR C 48 24.39 -10.03 62.86
N GLN C 49 24.65 -9.12 61.93
CA GLN C 49 25.09 -9.45 60.59
C GLN C 49 26.58 -9.86 60.53
N GLN C 50 27.39 -9.32 61.46
CA GLN C 50 28.79 -9.76 61.65
C GLN C 50 28.91 -11.14 62.27
N GLN C 51 28.00 -11.44 63.18
CA GLN C 51 27.99 -12.71 63.87
C GLN C 51 27.53 -13.83 62.93
N ARG C 52 26.69 -13.46 61.96
CA ARG C 52 26.20 -14.43 60.95
C ARG C 52 27.29 -14.88 59.96
N ALA C 53 28.03 -13.89 59.46
CA ALA C 53 29.15 -14.15 58.58
C ALA C 53 30.27 -14.91 59.29
N ALA C 54 30.75 -14.36 60.42
CA ALA C 54 31.73 -15.04 61.28
C ALA C 54 31.39 -16.51 61.44
N MET C 55 30.14 -16.79 61.76
CA MET C 55 29.69 -18.15 62.01
C MET C 55 29.89 -18.99 60.76
N LEU C 56 29.38 -18.48 59.63
CA LEU C 56 29.38 -19.22 58.34
C LEU C 56 30.78 -19.47 57.72
N ILE C 57 31.63 -18.46 57.81
CA ILE C 57 33.03 -18.59 57.40
C ILE C 57 33.76 -19.67 58.18
N LYS C 58 33.64 -19.60 59.51
CA LYS C 58 34.12 -20.67 60.41
C LYS C 58 33.79 -22.06 59.85
N MET C 59 32.65 -22.18 59.18
CA MET C 59 32.17 -23.48 58.73
C MET C 59 32.76 -23.88 57.38
N ILE C 60 32.93 -22.92 56.47
CA ILE C 60 33.45 -23.19 55.11
C ILE C 60 34.94 -23.56 55.11
N LEU C 61 35.70 -22.95 56.02
CA LEU C 61 37.13 -23.25 56.20
C LEU C 61 37.37 -24.73 56.37
N LYS C 62 36.37 -25.43 56.94
CA LYS C 62 36.48 -26.85 57.21
C LYS C 62 36.16 -27.71 55.97
N LYS C 63 35.76 -27.06 54.86
CA LYS C 63 35.30 -27.74 53.63
C LYS C 63 36.33 -27.77 52.48
N ASP C 64 35.95 -28.44 51.39
CA ASP C 64 36.85 -28.69 50.24
C ASP C 64 37.11 -27.50 49.29
N ASN C 65 37.96 -27.74 48.31
CA ASN C 65 38.37 -26.74 47.33
C ASN C 65 37.21 -26.18 46.53
N ASP C 66 36.26 -27.05 46.16
CA ASP C 66 35.12 -26.66 45.32
C ASP C 66 34.14 -25.77 46.07
N SER C 67 33.98 -26.02 47.39
CA SER C 67 33.19 -25.15 48.28
C SER C 67 33.71 -23.72 48.41
N TYR C 68 35.03 -23.57 48.50
CA TYR C 68 35.65 -22.24 48.42
C TYR C 68 35.13 -21.47 47.19
N VAL C 69 35.22 -22.09 46.01
CA VAL C 69 34.82 -21.44 44.76
C VAL C 69 33.30 -21.16 44.69
N SER C 70 32.52 -22.14 45.15
CA SER C 70 31.08 -22.00 45.32
C SER C 70 30.71 -20.80 46.19
N PHE C 71 31.39 -20.66 47.32
CA PHE C 71 31.22 -19.49 48.16
C PHE C 71 31.70 -18.19 47.46
N TYR C 72 32.83 -18.24 46.74
CA TYR C 72 33.30 -17.11 45.91
C TYR C 72 32.21 -16.67 44.92
N ASN C 73 31.54 -17.64 44.30
CA ASN C 73 30.52 -17.40 43.30
C ASN C 73 29.15 -17.01 43.84
N ALA C 74 28.80 -17.60 44.96
CA ALA C 74 27.66 -17.12 45.74
C ALA C 74 27.83 -15.62 46.05
N LEU C 75 29.01 -15.24 46.52
CA LEU C 75 29.32 -13.82 46.78
C LEU C 75 29.20 -12.90 45.54
N LEU C 76 29.59 -13.39 44.39
CA LEU C 76 29.47 -12.60 43.16
C LEU C 76 28.01 -12.50 42.70
N HIS C 77 27.36 -13.66 42.64
CA HIS C 77 25.93 -13.75 42.40
C HIS C 77 25.20 -12.68 43.24
N GLU C 78 25.63 -12.50 44.47
CA GLU C 78 24.94 -11.61 45.41
C GLU C 78 25.46 -10.18 45.42
N GLY C 79 26.38 -9.86 44.54
CA GLY C 79 26.90 -8.49 44.40
C GLY C 79 27.99 -8.00 45.35
N TYR C 80 28.78 -8.91 45.89
CA TYR C 80 29.86 -8.53 46.79
C TYR C 80 31.17 -8.49 46.03
N LYS C 81 31.20 -7.55 45.08
CA LYS C 81 32.28 -7.38 44.14
C LYS C 81 33.66 -7.34 44.83
N ASP C 82 33.77 -6.52 45.85
CA ASP C 82 35.08 -6.22 46.45
C ASP C 82 35.58 -7.33 47.37
N LEU C 83 34.68 -7.88 48.18
CA LEU C 83 35.00 -9.02 49.04
C LEU C 83 35.37 -10.28 48.28
N ALA C 84 34.69 -10.53 47.17
CA ALA C 84 35.02 -11.64 46.28
C ALA C 84 36.37 -11.40 45.61
N ALA C 85 36.70 -10.12 45.39
CA ALA C 85 38.00 -9.74 44.80
C ALA C 85 39.14 -10.10 45.71
N LEU C 86 38.89 -9.98 47.01
CA LEU C 86 39.85 -10.41 48.02
C LEU C 86 40.01 -11.92 48.08
N LEU C 87 38.93 -12.67 47.84
CA LEU C 87 39.05 -14.12 47.84
C LEU C 87 39.63 -14.64 46.54
N HIS C 88 39.63 -13.81 45.50
CA HIS C 88 39.98 -14.21 44.13
C HIS C 88 41.31 -14.95 43.98
N ASP C 89 42.36 -14.44 44.60
CA ASP C 89 43.70 -14.97 44.37
C ASP C 89 43.86 -16.31 45.09
N GLY C 90 43.09 -16.50 46.16
CA GLY C 90 43.06 -17.78 46.88
C GLY C 90 42.33 -18.90 46.15
N ILE C 91 41.64 -18.60 45.04
CA ILE C 91 40.90 -19.62 44.29
C ILE C 91 41.82 -20.77 43.91
N PRO C 92 41.51 -22.00 44.37
CA PRO C 92 42.36 -23.09 43.88
C PRO C 92 42.19 -23.31 42.36
N VAL C 93 43.32 -23.43 41.67
CA VAL C 93 43.36 -23.53 40.21
C VAL C 93 42.61 -24.79 39.73
N VAL C 94 42.77 -25.90 40.45
CA VAL C 94 42.10 -27.16 40.09
C VAL C 94 40.54 -27.06 40.16
N SER C 95 40.02 -26.01 40.81
CA SER C 95 38.58 -25.81 40.98
C SER C 95 38.08 -24.56 40.25
N SER C 96 38.90 -24.02 39.34
CA SER C 96 38.74 -22.64 38.83
C SER C 96 37.42 -22.34 38.12
N SER C 97 36.96 -23.28 37.30
CA SER C 97 35.63 -23.16 36.69
C SER C 97 34.95 -24.52 36.75
N SER C 98 33.94 -24.62 37.60
CA SER C 98 33.30 -25.89 37.92
C SER C 98 32.40 -26.41 36.78
N GLY C 99 31.98 -27.67 36.92
CA GLY C 99 31.10 -28.33 35.95
C GLY C 99 29.80 -27.60 35.65
N LYS C 100 29.41 -26.67 36.53
CA LYS C 100 28.25 -25.83 36.28
C LYS C 100 28.59 -24.72 35.26
N ASP C 101 29.64 -23.95 35.52
CA ASP C 101 30.08 -22.84 34.62
C ASP C 101 30.27 -23.25 33.15
N SER C 102 30.85 -24.43 32.96
CA SER C 102 31.20 -24.97 31.63
C SER C 102 30.09 -24.87 30.56
N VAL C 103 28.97 -25.56 30.79
CA VAL C 103 27.89 -25.62 29.80
C VAL C 103 26.78 -24.59 30.10
N SER C 104 26.76 -24.02 31.30
CA SER C 104 25.77 -22.96 31.59
C SER C 104 26.06 -21.68 30.78
N GLY C 105 27.33 -21.31 30.66
CA GLY C 105 27.72 -20.00 30.10
C GLY C 105 27.72 -18.89 31.13
N ILE C 106 27.54 -19.25 32.40
CA ILE C 106 27.53 -18.26 33.49
C ILE C 106 28.85 -18.29 34.26
N THR C 107 29.66 -17.27 34.01
CA THR C 107 30.96 -17.13 34.60
C THR C 107 30.94 -16.10 35.72
N SER C 108 32.08 -15.92 36.36
CA SER C 108 32.33 -14.84 37.33
C SER C 108 32.15 -13.50 36.67
N TYR C 109 32.72 -13.37 35.47
CA TYR C 109 32.51 -12.20 34.61
C TYR C 109 31.04 -11.87 34.48
N VAL C 110 30.25 -12.84 34.06
CA VAL C 110 28.79 -12.60 33.90
C VAL C 110 28.13 -12.15 35.20
N ARG C 111 28.44 -12.85 36.30
CA ARG C 111 27.83 -12.51 37.57
C ARG C 111 28.15 -11.07 38.00
N THR C 112 29.40 -10.64 37.83
CA THR C 112 29.83 -9.27 38.18
C THR C 112 29.19 -8.22 37.29
N VAL C 113 29.31 -8.39 35.98
CA VAL C 113 28.69 -7.49 35.02
C VAL C 113 27.22 -7.24 35.33
N LEU C 114 26.45 -8.31 35.55
CA LEU C 114 24.99 -8.18 35.74
C LEU C 114 24.62 -7.50 37.07
N CYS C 115 25.31 -7.88 38.13
CA CYS C 115 25.12 -7.21 39.41
C CYS C 115 25.54 -5.70 39.38
N GLU C 116 26.70 -5.38 38.80
CA GLU C 116 27.05 -3.99 38.50
C GLU C 116 25.89 -3.22 37.82
N GLY C 117 25.26 -3.82 36.82
CA GLY C 117 24.17 -3.17 36.09
C GLY C 117 22.81 -3.19 36.75
N GLY C 118 22.68 -3.86 37.90
CA GLY C 118 21.41 -3.95 38.60
C GLY C 118 20.41 -4.89 37.94
N VAL C 119 20.91 -5.92 37.25
CA VAL C 119 20.03 -6.87 36.58
C VAL C 119 19.49 -7.80 37.68
N PRO C 120 18.15 -7.97 37.75
CA PRO C 120 17.57 -8.87 38.76
C PRO C 120 18.18 -10.26 38.78
N GLN C 121 18.39 -10.83 39.95
CA GLN C 121 18.78 -12.23 40.04
C GLN C 121 17.67 -13.16 39.46
N ARG C 122 18.02 -14.39 39.13
CA ARG C 122 17.02 -15.38 38.79
C ARG C 122 15.95 -15.56 39.83
N PRO C 123 14.71 -15.91 39.38
CA PRO C 123 13.65 -16.25 40.35
C PRO C 123 14.04 -17.39 41.29
N VAL C 124 13.43 -17.41 42.47
CA VAL C 124 13.71 -18.44 43.47
C VAL C 124 13.74 -19.86 42.85
N VAL C 125 12.77 -20.15 41.95
CA VAL C 125 12.80 -21.35 41.11
C VAL C 125 12.74 -20.86 39.66
N PHE C 126 13.60 -21.42 38.81
CA PHE C 126 13.82 -20.97 37.43
C PHE C 126 13.80 -22.15 36.47
N VAL C 127 13.01 -22.04 35.40
CA VAL C 127 13.10 -23.02 34.32
C VAL C 127 13.60 -22.33 33.03
N THR C 128 14.37 -23.06 32.25
CA THR C 128 14.90 -22.56 31.00
C THR C 128 13.77 -22.34 29.97
N ARG C 129 13.98 -21.39 29.09
CA ARG C 129 13.08 -21.10 28.03
C ARG C 129 13.97 -20.79 26.88
N LYS C 130 14.63 -21.85 26.38
CA LYS C 130 15.79 -21.73 25.49
C LYS C 130 15.47 -21.09 24.18
N LYS C 131 14.36 -21.47 23.57
CA LYS C 131 13.98 -20.93 22.26
C LYS C 131 13.75 -19.40 22.34
N LEU C 132 13.05 -18.95 23.37
CA LEU C 132 12.85 -17.51 23.55
C LEU C 132 14.14 -16.79 23.89
N VAL C 133 14.93 -17.35 24.81
CA VAL C 133 16.21 -16.72 25.21
C VAL C 133 17.18 -16.63 24.03
N ASN C 134 17.29 -17.71 23.25
CA ASN C 134 18.12 -17.70 22.02
C ASN C 134 17.67 -16.68 20.97
N ALA C 135 16.35 -16.57 20.77
CA ALA C 135 15.83 -15.57 19.83
C ALA C 135 16.14 -14.13 20.28
N ILE C 136 16.08 -13.86 21.59
CA ILE C 136 16.44 -12.52 22.09
C ILE C 136 17.94 -12.22 21.84
N GLN C 137 18.77 -13.22 22.14
CA GLN C 137 20.23 -13.14 22.01
C GLN C 137 20.64 -12.98 20.56
N GLN C 138 19.94 -13.67 19.67
CA GLN C 138 20.13 -13.48 18.23
C GLN C 138 19.86 -12.07 17.76
N LYS C 139 18.76 -11.47 18.24
CA LYS C 139 18.45 -10.08 17.90
C LYS C 139 19.49 -9.13 18.46
N LEU C 140 19.84 -9.31 19.72
CA LEU C 140 20.87 -8.48 20.32
C LEU C 140 22.18 -8.53 19.54
N SER C 141 22.51 -9.70 19.00
CA SER C 141 23.72 -9.87 18.22
C SER C 141 23.65 -9.22 16.84
N LYS C 142 22.47 -8.82 16.39
CA LYS C 142 22.35 -8.06 15.15
C LYS C 142 22.64 -6.58 15.33
N LEU C 143 22.73 -6.10 16.57
CA LEU C 143 22.96 -4.67 16.81
C LEU C 143 24.36 -4.24 16.36
N LYS C 144 25.34 -5.13 16.54
CA LYS C 144 26.69 -4.96 15.99
C LYS C 144 27.39 -3.67 16.41
N GLY C 145 27.27 -3.31 17.68
CA GLY C 145 27.91 -2.11 18.20
C GLY C 145 27.28 -0.79 17.72
N GLU C 146 26.15 -0.87 17.04
CA GLU C 146 25.46 0.31 16.53
C GLU C 146 24.14 0.45 17.28
N PRO C 147 23.64 1.68 17.37
CA PRO C 147 22.32 1.92 17.98
C PRO C 147 21.16 1.11 17.38
N GLY C 148 20.19 0.78 18.22
CA GLY C 148 19.07 -0.03 17.80
C GLY C 148 18.24 -0.51 18.96
N TRP C 149 17.08 -1.07 18.63
CA TRP C 149 16.11 -1.47 19.63
C TRP C 149 15.75 -2.95 19.46
N VAL C 150 15.68 -3.66 20.57
CA VAL C 150 15.19 -5.04 20.60
C VAL C 150 14.04 -5.03 21.57
N THR C 151 12.84 -5.37 21.10
CA THR C 151 11.64 -5.34 21.96
C THR C 151 11.07 -6.75 22.27
N ILE C 152 10.98 -7.04 23.57
CA ILE C 152 10.32 -8.24 24.06
C ILE C 152 8.91 -7.85 24.44
N HIS C 153 7.91 -8.41 23.76
CA HIS C 153 6.54 -8.00 24.01
C HIS C 153 5.60 -9.16 24.29
N GLY C 154 4.62 -8.88 25.13
CA GLY C 154 3.70 -9.89 25.60
C GLY C 154 2.97 -9.42 26.85
N MET C 155 2.02 -10.25 27.26
CA MET C 155 1.12 -9.91 28.37
C MET C 155 1.85 -9.75 29.72
N ALA C 156 1.26 -8.94 30.59
CA ALA C 156 1.76 -8.78 31.93
C ALA C 156 1.86 -10.12 32.64
N GLY C 157 2.98 -10.36 33.28
CA GLY C 157 3.24 -11.62 33.99
C GLY C 157 3.65 -12.84 33.19
N CYS C 158 3.85 -12.69 31.87
CA CYS C 158 4.20 -13.85 31.02
C CYS C 158 5.71 -14.24 31.12
N GLY C 159 6.50 -13.44 31.81
CA GLY C 159 7.92 -13.75 32.06
C GLY C 159 8.92 -12.97 31.23
N LYS C 160 8.57 -11.77 30.76
CA LYS C 160 9.46 -10.99 29.88
C LYS C 160 10.69 -10.43 30.60
N SER C 161 10.54 -10.01 31.85
CA SER C 161 11.68 -9.43 32.55
C SER C 161 12.71 -10.51 32.96
N VAL C 162 12.22 -11.69 33.31
CA VAL C 162 13.08 -12.83 33.58
C VAL C 162 13.80 -13.22 32.31
N LEU C 163 13.12 -13.19 31.16
CA LEU C 163 13.72 -13.47 29.85
C LEU C 163 14.81 -12.47 29.47
N ALA C 164 14.56 -11.19 29.66
CA ALA C 164 15.54 -10.14 29.31
C ALA C 164 16.84 -10.26 30.13
N ALA C 165 16.70 -10.61 31.42
CA ALA C 165 17.86 -10.89 32.26
C ALA C 165 18.60 -12.16 31.84
N GLU C 166 17.88 -13.21 31.49
CA GLU C 166 18.54 -14.45 31.06
C GLU C 166 19.33 -14.24 29.79
N ALA C 167 18.77 -13.47 28.88
CA ALA C 167 19.41 -13.23 27.59
C ALA C 167 20.81 -12.70 27.75
N VAL C 168 21.04 -11.84 28.75
CA VAL C 168 22.36 -11.24 28.98
C VAL C 168 23.21 -12.05 29.99
N ARG C 169 22.64 -13.12 30.52
CA ARG C 169 23.32 -13.95 31.49
C ARG C 169 24.15 -14.97 30.68
N ASP C 170 25.03 -14.46 29.82
CA ASP C 170 25.79 -15.25 28.89
C ASP C 170 27.13 -14.57 28.61
N HIS C 171 28.22 -15.30 28.87
CA HIS C 171 29.57 -14.78 28.76
C HIS C 171 29.94 -14.35 27.34
N SER C 172 29.69 -15.18 26.34
CA SER C 172 30.06 -14.89 24.93
C SER C 172 29.38 -13.68 24.38
N LEU C 173 28.06 -13.66 24.52
CA LEU C 173 27.24 -12.51 24.13
C LEU C 173 27.73 -11.22 24.79
N LEU C 174 27.95 -11.32 26.09
CA LEU C 174 28.31 -10.15 26.89
C LEU C 174 29.69 -9.62 26.47
N GLU C 175 30.67 -10.51 26.41
CA GLU C 175 32.04 -10.17 26.03
C GLU C 175 32.11 -9.78 24.54
N GLY C 176 31.44 -10.53 23.67
CA GLY C 176 31.44 -10.22 22.24
C GLY C 176 30.63 -9.00 21.81
N CYS C 177 29.45 -8.83 22.41
CA CYS C 177 28.52 -7.79 21.94
C CYS C 177 28.53 -6.56 22.82
N PHE C 178 28.73 -6.73 24.13
CA PHE C 178 28.55 -5.62 25.08
C PHE C 178 29.66 -5.54 26.09
N PRO C 179 30.91 -5.34 25.63
CA PRO C 179 32.06 -5.12 26.52
C PRO C 179 31.93 -3.97 27.53
N GLY C 180 31.07 -3.01 27.25
CA GLY C 180 30.83 -1.91 28.17
C GLY C 180 29.82 -2.23 29.27
N GLY C 181 29.25 -3.42 29.21
CA GLY C 181 28.33 -3.89 30.23
C GLY C 181 26.88 -3.71 29.87
N VAL C 182 26.04 -3.82 30.90
CA VAL C 182 24.58 -3.70 30.81
C VAL C 182 24.11 -2.88 32.02
N HIS C 183 23.06 -2.11 31.82
CA HIS C 183 22.41 -1.39 32.90
C HIS C 183 20.93 -1.59 32.79
N TRP C 184 20.35 -2.06 33.87
CA TRP C 184 18.94 -2.36 33.96
C TRP C 184 18.15 -1.17 34.49
N VAL C 185 17.10 -0.76 33.80
CA VAL C 185 16.19 0.29 34.28
C VAL C 185 14.77 -0.24 34.40
N SER C 186 14.26 -0.20 35.62
CA SER C 186 12.90 -0.59 35.91
C SER C 186 11.99 0.64 35.68
N VAL C 187 11.13 0.62 34.66
CA VAL C 187 10.39 1.81 34.27
C VAL C 187 8.95 1.73 34.77
N GLY C 188 8.17 0.84 34.17
CA GLY C 188 6.74 0.79 34.41
C GLY C 188 5.96 1.99 33.89
N LYS C 189 4.68 2.06 34.27
CA LYS C 189 3.80 3.14 33.87
C LYS C 189 4.23 4.40 34.58
N GLN C 190 4.63 5.42 33.81
CA GLN C 190 5.09 6.69 34.40
C GLN C 190 4.41 7.89 33.75
N ASP C 191 4.27 8.94 34.54
CA ASP C 191 4.02 10.28 34.02
C ASP C 191 5.38 10.99 33.89
N LYS C 192 5.39 12.26 33.54
CA LYS C 192 6.66 13.00 33.34
C LYS C 192 7.54 13.01 34.60
N SER C 193 6.94 13.34 35.73
CA SER C 193 7.71 13.48 36.96
C SER C 193 8.16 12.12 37.47
N GLY C 194 7.35 11.08 37.24
CA GLY C 194 7.71 9.69 37.51
C GLY C 194 8.89 9.22 36.70
N LEU C 195 8.88 9.51 35.39
CA LEU C 195 10.03 9.19 34.55
C LEU C 195 11.26 9.99 34.94
N LEU C 196 11.10 11.25 35.26
CA LEU C 196 12.26 12.07 35.68
C LEU C 196 12.95 11.46 36.91
N MET C 197 12.17 11.02 37.89
CA MET C 197 12.74 10.34 39.07
C MET C 197 13.58 9.15 38.65
N LYS C 198 13.08 8.37 37.69
CA LYS C 198 13.78 7.20 37.15
C LYS C 198 15.04 7.59 36.41
N LEU C 199 14.96 8.62 35.57
CA LEU C 199 16.14 9.11 34.85
C LEU C 199 17.19 9.72 35.74
N GLN C 200 16.78 10.45 36.78
CA GLN C 200 17.73 11.03 37.75
C GLN C 200 18.52 9.90 38.46
N ASN C 201 17.81 8.91 38.93
CA ASN C 201 18.45 7.72 39.54
C ASN C 201 19.39 6.97 38.59
N LEU C 202 19.01 6.86 37.32
CA LEU C 202 19.87 6.26 36.32
C LEU C 202 21.15 7.08 36.07
N CYS C 203 21.00 8.38 35.93
CA CYS C 203 22.18 9.23 35.68
C CYS C 203 23.18 9.12 36.83
N THR C 204 22.67 9.00 38.05
CA THR C 204 23.54 8.81 39.23
C THR C 204 24.29 7.46 39.19
N ARG C 205 23.57 6.40 38.87
CA ARG C 205 24.17 5.08 38.70
C ARG C 205 25.28 5.07 37.64
N LEU C 206 25.05 5.80 36.56
CA LEU C 206 25.94 5.75 35.39
C LEU C 206 27.15 6.63 35.53
N ASP C 207 27.17 7.48 36.54
CA ASP C 207 28.31 8.36 36.80
C ASP C 207 28.72 8.28 38.26
N GLN C 208 29.14 7.12 38.72
CA GLN C 208 29.44 6.92 40.15
C GLN C 208 30.73 7.64 40.52
N ASP C 209 31.79 7.39 39.76
CA ASP C 209 33.07 8.08 39.97
C ASP C 209 32.97 9.60 39.79
N GLU C 210 31.80 10.09 39.39
CA GLU C 210 31.47 11.52 39.38
C GLU C 210 32.31 12.37 38.40
N SER C 211 32.78 11.74 37.33
CA SER C 211 33.58 12.45 36.31
C SER C 211 32.77 13.47 35.51
N PHE C 212 31.45 13.48 35.71
CA PHE C 212 30.58 14.48 35.10
C PHE C 212 29.76 15.14 36.22
N SER C 213 28.74 15.93 35.87
CA SER C 213 28.08 16.86 36.81
C SER C 213 27.65 16.19 38.13
N GLN C 214 27.87 16.88 39.25
CA GLN C 214 27.49 16.38 40.59
C GLN C 214 25.99 16.59 40.88
N ARG C 215 25.38 17.53 40.18
CA ARG C 215 23.96 17.79 40.33
C ARG C 215 23.14 16.99 39.31
N LEU C 216 21.93 16.62 39.69
CA LEU C 216 21.03 15.83 38.86
C LEU C 216 20.48 16.63 37.69
N PRO C 217 20.07 15.94 36.61
CA PRO C 217 19.30 16.62 35.57
C PRO C 217 17.92 17.00 36.14
N LEU C 218 17.44 18.17 35.76
CA LEU C 218 16.30 18.78 36.45
C LEU C 218 14.99 18.70 35.66
N ASN C 219 15.09 18.26 34.41
CA ASN C 219 13.93 18.01 33.57
C ASN C 219 14.21 16.92 32.54
N ILE C 220 13.20 16.44 31.86
CA ILE C 220 13.39 15.31 30.97
C ILE C 220 14.41 15.60 29.85
N GLU C 221 14.37 16.80 29.30
CA GLU C 221 15.26 17.20 28.23
C GLU C 221 16.72 17.17 28.67
N GLU C 222 17.00 17.74 29.83
CA GLU C 222 18.32 17.66 30.43
C GLU C 222 18.79 16.21 30.72
N ALA C 223 17.89 15.39 31.23
CA ALA C 223 18.20 14.00 31.57
C ALA C 223 18.50 13.19 30.31
N LYS C 224 17.75 13.47 29.25
CA LYS C 224 17.98 12.79 27.97
C LYS C 224 19.37 13.15 27.41
N ASP C 225 19.69 14.44 27.42
CA ASP C 225 21.03 14.93 27.05
C ASP C 225 22.17 14.41 27.97
N ARG C 226 21.96 14.37 29.28
CA ARG C 226 22.97 13.79 30.16
C ARG C 226 23.16 12.30 29.91
N LEU C 227 22.07 11.59 29.64
CA LEU C 227 22.13 10.16 29.36
C LEU C 227 22.91 9.93 28.08
N ARG C 228 22.69 10.78 27.08
CA ARG C 228 23.44 10.71 25.82
C ARG C 228 24.94 10.79 26.07
N ILE C 229 25.35 11.75 26.91
CA ILE C 229 26.77 12.01 27.17
C ILE C 229 27.38 10.85 27.96
N LEU C 230 26.68 10.38 28.99
CA LEU C 230 27.20 9.29 29.83
C LEU C 230 27.33 7.97 29.06
N MET C 231 26.40 7.67 28.15
CA MET C 231 26.48 6.41 27.40
C MET C 231 27.56 6.49 26.34
N LEU C 232 27.79 7.67 25.81
CA LEU C 232 28.87 7.91 24.87
C LEU C 232 30.25 7.89 25.55
N ARG C 233 30.41 8.69 26.59
CA ARG C 233 31.70 8.90 27.23
C ARG C 233 32.08 7.87 28.31
N LYS C 234 31.10 7.29 28.99
CA LYS C 234 31.38 6.39 30.10
C LYS C 234 31.01 4.96 29.83
N HIS C 235 30.05 4.73 28.92
CA HIS C 235 29.50 3.37 28.71
C HIS C 235 29.33 3.01 27.24
N PRO C 236 30.38 3.27 26.45
CA PRO C 236 30.29 2.93 25.03
C PRO C 236 30.26 1.42 24.91
N ARG C 237 29.68 0.92 23.82
CA ARG C 237 29.53 -0.52 23.60
C ARG C 237 28.83 -1.28 24.77
N SER C 238 27.75 -0.71 25.30
CA SER C 238 27.01 -1.34 26.39
C SER C 238 25.54 -1.40 26.05
N LEU C 239 24.78 -2.17 26.82
CA LEU C 239 23.36 -2.34 26.61
C LEU C 239 22.55 -1.67 27.74
N LEU C 240 21.50 -0.95 27.35
CA LEU C 240 20.52 -0.45 28.27
C LEU C 240 19.32 -1.36 28.20
N ILE C 241 18.87 -1.86 29.34
CA ILE C 241 17.66 -2.65 29.39
C ILE C 241 16.53 -1.93 30.16
N LEU C 242 15.43 -1.69 29.45
CA LEU C 242 14.27 -0.94 29.95
C LEU C 242 13.11 -1.88 30.22
N ASP C 243 12.82 -2.09 31.50
CA ASP C 243 11.78 -3.04 31.89
C ASP C 243 10.39 -2.40 31.98
N ASP C 244 9.46 -2.87 31.15
CA ASP C 244 8.07 -2.44 31.18
C ASP C 244 7.83 -0.96 30.79
N VAL C 245 8.06 -0.70 29.51
CA VAL C 245 7.75 0.59 28.91
C VAL C 245 6.28 0.57 28.46
N TRP C 246 5.56 1.61 28.88
CA TRP C 246 4.12 1.74 28.56
C TRP C 246 3.83 2.68 27.41
N ASP C 247 4.69 3.68 27.19
CA ASP C 247 4.35 4.75 26.23
C ASP C 247 5.53 5.11 25.35
N SER C 248 5.24 5.40 24.08
CA SER C 248 6.26 5.75 23.10
C SER C 248 7.04 7.01 23.50
N TRP C 249 6.38 7.92 24.20
CA TRP C 249 7.03 9.15 24.62
C TRP C 249 8.11 8.86 25.60
N VAL C 250 7.95 7.79 26.40
CA VAL C 250 8.97 7.40 27.38
C VAL C 250 10.25 6.98 26.67
N LEU C 251 10.06 6.23 25.58
CA LEU C 251 11.18 5.73 24.76
C LEU C 251 11.98 6.83 24.11
N LYS C 252 11.31 7.91 23.74
CA LYS C 252 11.98 9.09 23.21
C LYS C 252 13.01 9.69 24.15
N ALA C 253 12.73 9.61 25.45
CA ALA C 253 13.67 10.10 26.46
C ALA C 253 14.97 9.31 26.47
N PHE C 254 14.93 8.07 25.97
CA PHE C 254 16.12 7.19 25.86
C PHE C 254 16.68 7.09 24.42
N ASP C 255 16.17 7.91 23.49
CA ASP C 255 16.60 7.86 22.10
C ASP C 255 17.90 8.67 21.88
N SER C 256 19.02 8.12 22.33
CA SER C 256 20.28 8.85 22.37
C SER C 256 21.48 8.08 21.83
N GLN C 257 21.29 7.41 20.69
CA GLN C 257 22.33 6.64 20.01
C GLN C 257 22.82 5.46 20.85
N CYS C 258 21.89 4.81 21.53
CA CYS C 258 22.17 3.67 22.41
C CYS C 258 21.70 2.36 21.79
N GLN C 259 22.17 1.28 22.38
CA GLN C 259 21.70 -0.06 22.14
C GLN C 259 20.74 -0.38 23.27
N ILE C 260 19.50 -0.69 22.92
CA ILE C 260 18.44 -0.85 23.94
C ILE C 260 17.61 -2.12 23.76
N LEU C 261 17.51 -2.86 24.86
CA LEU C 261 16.61 -3.97 25.00
C LEU C 261 15.50 -3.49 25.94
N LEU C 262 14.24 -3.62 25.52
CA LEU C 262 13.12 -3.24 26.36
C LEU C 262 12.04 -4.34 26.38
N THR C 263 11.29 -4.39 27.47
CA THR C 263 10.07 -5.20 27.59
C THR C 263 8.83 -4.27 27.62
N THR C 264 7.75 -4.76 27.04
CA THR C 264 6.51 -3.99 26.91
C THR C 264 5.30 -4.93 26.70
N ARG C 265 4.15 -4.50 27.20
CA ARG C 265 2.87 -5.12 26.84
C ARG C 265 2.38 -4.64 25.48
N ASP C 266 2.92 -3.50 25.02
CA ASP C 266 2.46 -2.83 23.81
C ASP C 266 3.59 -2.64 22.81
N LYS C 267 3.61 -3.50 21.80
CA LYS C 267 4.57 -3.45 20.69
C LYS C 267 4.69 -2.08 19.98
N SER C 268 3.64 -1.27 20.09
CA SER C 268 3.61 0.02 19.41
C SER C 268 4.41 1.12 20.08
N VAL C 269 4.99 0.85 21.25
CA VAL C 269 5.74 1.88 21.97
C VAL C 269 6.98 2.39 21.22
N THR C 270 7.36 1.66 20.19
CA THR C 270 8.57 1.92 19.45
C THR C 270 8.33 2.82 18.22
N ASP C 271 7.10 3.33 18.09
CA ASP C 271 6.67 4.06 16.88
C ASP C 271 7.27 5.45 16.73
N SER C 272 7.50 6.13 17.83
CA SER C 272 8.04 7.50 17.78
C SER C 272 9.57 7.50 17.71
N VAL C 273 10.15 6.32 17.53
CA VAL C 273 11.57 6.11 17.64
C VAL C 273 12.04 5.47 16.34
N MET C 274 13.31 5.70 15.96
CA MET C 274 13.84 5.27 14.66
C MET C 274 15.15 4.50 14.83
N GLY C 275 15.54 3.82 13.76
CA GLY C 275 16.76 3.01 13.72
C GLY C 275 16.35 1.55 13.65
N PRO C 276 17.33 0.62 13.63
CA PRO C 276 17.04 -0.82 13.57
C PRO C 276 16.14 -1.27 14.73
N LYS C 277 15.09 -2.01 14.40
CA LYS C 277 14.08 -2.48 15.36
C LYS C 277 13.85 -3.97 15.19
N TYR C 278 14.10 -4.72 16.25
CA TYR C 278 13.89 -6.16 16.26
C TYR C 278 12.91 -6.48 17.37
N VAL C 279 12.09 -7.50 17.12
CA VAL C 279 10.98 -7.85 18.01
C VAL C 279 10.99 -9.35 18.36
N VAL C 280 10.74 -9.65 19.63
CA VAL C 280 10.51 -11.02 20.05
C VAL C 280 9.15 -11.11 20.73
N PRO C 281 8.18 -11.76 20.10
CA PRO C 281 6.91 -12.00 20.79
C PRO C 281 7.03 -13.11 21.84
N VAL C 282 6.44 -12.90 23.01
CA VAL C 282 6.39 -13.93 24.02
C VAL C 282 4.95 -14.42 24.17
N GLU C 283 4.80 -15.73 24.11
CA GLU C 283 3.50 -16.37 24.24
C GLU C 283 2.90 -16.04 25.61
N SER C 284 1.58 -15.83 25.61
CA SER C 284 0.92 -15.32 26.81
C SER C 284 0.86 -16.39 27.91
N SER C 285 1.01 -17.66 27.51
CA SER C 285 1.05 -18.79 28.41
C SER C 285 2.38 -19.52 28.32
N LEU C 286 2.92 -19.86 29.48
CA LEU C 286 3.93 -20.91 29.58
C LEU C 286 3.23 -22.22 29.20
N GLY C 287 3.98 -23.14 28.64
CA GLY C 287 3.38 -24.43 28.29
C GLY C 287 3.18 -25.29 29.53
N LYS C 288 2.32 -26.29 29.40
CA LYS C 288 2.08 -27.29 30.42
C LYS C 288 3.36 -27.91 31.03
N GLU C 289 4.27 -28.37 30.17
CA GLU C 289 5.47 -29.06 30.61
C GLU C 289 6.39 -28.18 31.40
N LYS C 290 6.56 -26.93 30.97
CA LYS C 290 7.37 -25.97 31.70
C LYS C 290 6.75 -25.51 33.04
N GLY C 291 5.41 -25.41 33.07
CA GLY C 291 4.66 -25.17 34.31
C GLY C 291 4.78 -26.35 35.29
N LEU C 292 4.64 -27.57 34.77
CA LEU C 292 4.89 -28.78 35.54
C LEU C 292 6.33 -28.86 36.09
N GLU C 293 7.27 -28.38 35.26
CA GLU C 293 8.69 -28.36 35.63
C GLU C 293 8.95 -27.40 36.78
N ILE C 294 8.25 -26.27 36.78
CA ILE C 294 8.31 -25.32 37.89
C ILE C 294 7.83 -26.00 39.15
N LEU C 295 6.65 -26.58 39.09
CA LEU C 295 6.10 -27.35 40.22
C LEU C 295 7.06 -28.38 40.78
N SER C 296 7.65 -29.18 39.90
CA SER C 296 8.55 -30.25 40.30
C SER C 296 9.84 -29.74 41.01
N LEU C 297 10.30 -28.56 40.63
CA LEU C 297 11.46 -27.96 41.23
C LEU C 297 11.11 -27.39 42.59
N PHE C 298 9.92 -26.82 42.73
CA PHE C 298 9.45 -26.39 44.03
C PHE C 298 9.30 -27.55 45.00
N VAL C 299 8.70 -28.65 44.57
CA VAL C 299 8.41 -29.78 45.46
C VAL C 299 9.52 -30.83 45.50
N ASN C 300 10.58 -30.60 44.75
CA ASN C 300 11.77 -31.46 44.72
C ASN C 300 11.43 -32.90 44.37
N MET C 301 10.71 -33.06 43.27
CA MET C 301 10.56 -34.37 42.68
C MET C 301 10.66 -34.32 41.17
N LYS C 302 10.95 -35.47 40.59
CA LYS C 302 10.97 -35.56 39.13
C LYS C 302 9.58 -35.30 38.59
N LYS C 303 9.54 -34.72 37.39
CA LYS C 303 8.30 -34.31 36.76
C LYS C 303 7.36 -35.51 36.56
N ALA C 304 7.93 -36.67 36.25
CA ALA C 304 7.15 -37.90 36.08
C ALA C 304 6.67 -38.58 37.39
N ASP C 305 7.11 -38.10 38.55
CA ASP C 305 6.69 -38.64 39.84
C ASP C 305 5.71 -37.73 40.52
N LEU C 306 5.30 -36.69 39.79
CA LEU C 306 4.29 -35.72 40.24
C LEU C 306 2.94 -36.36 40.35
N PRO C 307 2.13 -35.97 41.36
CA PRO C 307 0.82 -36.60 41.45
C PRO C 307 -0.10 -36.10 40.33
N GLU C 308 -1.25 -36.75 40.22
CA GLU C 308 -2.20 -36.49 39.12
C GLU C 308 -2.76 -35.07 39.18
N GLN C 309 -2.87 -34.51 40.39
CA GLN C 309 -3.41 -33.18 40.60
C GLN C 309 -2.55 -32.10 39.94
N ALA C 310 -1.26 -32.38 39.78
CA ALA C 310 -0.35 -31.43 39.19
C ALA C 310 -0.83 -30.90 37.83
N HIS C 311 -1.31 -31.80 36.99
CA HIS C 311 -1.75 -31.40 35.65
C HIS C 311 -3.02 -30.53 35.70
N SER C 312 -3.91 -30.85 36.64
CA SER C 312 -5.11 -30.05 36.89
C SER C 312 -4.77 -28.66 37.45
N ILE C 313 -3.77 -28.63 38.33
CA ILE C 313 -3.32 -27.38 38.90
C ILE C 313 -2.72 -26.47 37.84
N ILE C 314 -1.93 -27.04 36.93
CA ILE C 314 -1.37 -26.25 35.84
C ILE C 314 -2.46 -25.68 34.94
N LYS C 315 -3.44 -26.50 34.61
CA LYS C 315 -4.62 -26.05 33.86
C LYS C 315 -5.29 -24.86 34.55
N GLU C 316 -5.48 -24.97 35.86
CA GLU C 316 -6.08 -23.86 36.63
C GLU C 316 -5.23 -22.61 36.66
N CYS C 317 -3.92 -22.76 36.51
CA CYS C 317 -3.02 -21.60 36.54
C CYS C 317 -3.03 -20.79 35.25
N LYS C 318 -3.56 -21.38 34.17
CA LYS C 318 -3.75 -20.69 32.89
C LYS C 318 -2.44 -20.16 32.30
N GLY C 319 -1.38 -20.94 32.45
CA GLY C 319 -0.08 -20.57 31.93
C GLY C 319 0.73 -19.47 32.60
N SER C 320 0.23 -18.83 33.65
CA SER C 320 0.96 -17.73 34.25
C SER C 320 2.08 -18.26 35.17
N PRO C 321 3.35 -17.97 34.85
CA PRO C 321 4.46 -18.39 35.70
C PRO C 321 4.47 -17.81 37.12
N LEU C 322 3.90 -16.63 37.33
CA LEU C 322 3.74 -16.10 38.68
C LEU C 322 2.77 -16.94 39.51
N VAL C 323 1.65 -17.31 38.90
CA VAL C 323 0.63 -18.15 39.57
C VAL C 323 1.16 -19.56 39.82
N VAL C 324 1.82 -20.14 38.85
CA VAL C 324 2.40 -21.48 39.06
C VAL C 324 3.41 -21.41 40.20
N SER C 325 4.18 -20.32 40.27
CA SER C 325 5.18 -20.17 41.34
C SER C 325 4.58 -20.02 42.72
N LEU C 326 3.48 -19.26 42.81
CA LEU C 326 2.76 -19.11 44.08
C LEU C 326 2.24 -20.45 44.63
N ILE C 327 1.63 -21.22 43.75
CA ILE C 327 1.14 -22.54 44.08
C ILE C 327 2.28 -23.50 44.37
N GLY C 328 3.32 -23.49 43.53
CA GLY C 328 4.50 -24.31 43.75
C GLY C 328 5.09 -24.17 45.15
N ALA C 329 5.15 -22.90 45.61
CA ALA C 329 5.69 -22.56 46.93
C ALA C 329 4.79 -23.11 48.03
N LEU C 330 3.48 -22.94 47.87
CA LEU C 330 2.51 -23.52 48.80
C LEU C 330 2.71 -25.01 48.89
N LEU C 331 2.80 -25.67 47.74
CA LEU C 331 2.93 -27.13 47.73
C LEU C 331 4.23 -27.60 48.38
N ARG C 332 5.30 -26.85 48.21
CA ARG C 332 6.55 -27.11 48.91
C ARG C 332 6.40 -26.92 50.46
N ASP C 333 5.60 -25.93 50.86
CA ASP C 333 5.41 -25.56 52.27
C ASP C 333 4.40 -26.42 53.02
N PHE C 334 3.49 -27.05 52.28
CA PHE C 334 2.41 -27.91 52.83
C PHE C 334 2.27 -29.11 51.86
N PRO C 335 3.28 -29.99 51.86
CA PRO C 335 3.51 -31.01 50.85
C PRO C 335 2.50 -32.13 50.55
N ASN C 336 1.55 -32.45 51.44
CA ASN C 336 0.62 -33.54 51.12
C ASN C 336 -0.79 -32.99 50.89
N ARG C 337 -0.87 -31.82 50.28
CA ARG C 337 -2.11 -31.04 50.18
C ARG C 337 -2.48 -30.73 48.73
N TRP C 338 -2.11 -31.63 47.83
CA TRP C 338 -2.36 -31.46 46.39
C TRP C 338 -3.83 -31.37 46.03
N GLU C 339 -4.66 -32.26 46.61
CA GLU C 339 -6.10 -32.23 46.39
C GLU C 339 -6.70 -30.96 46.98
N TYR C 340 -6.31 -30.66 48.22
CA TYR C 340 -6.80 -29.49 48.93
C TYR C 340 -6.61 -28.19 48.16
N TYR C 341 -5.41 -27.98 47.63
CA TYR C 341 -5.15 -26.76 46.86
C TYR C 341 -5.74 -26.78 45.47
N LEU C 342 -5.82 -27.95 44.83
CA LEU C 342 -6.52 -28.03 43.55
C LEU C 342 -7.96 -27.57 43.69
N LYS C 343 -8.65 -28.06 44.73
CA LYS C 343 -10.04 -27.69 45.00
C LYS C 343 -10.25 -26.20 45.28
N GLN C 344 -9.40 -25.61 46.11
CA GLN C 344 -9.42 -24.16 46.31
C GLN C 344 -9.22 -23.35 45.02
N LEU C 345 -8.36 -23.83 44.13
CA LEU C 345 -8.18 -23.18 42.81
C LEU C 345 -9.39 -23.33 41.91
N GLN C 346 -10.04 -24.49 41.98
CA GLN C 346 -11.25 -24.72 41.17
C GLN C 346 -12.49 -24.02 41.73
N ASN C 347 -12.55 -23.89 43.05
CA ASN C 347 -13.67 -23.23 43.75
C ASN C 347 -13.22 -21.80 44.13
N LYS C 348 -13.26 -20.90 43.13
CA LYS C 348 -12.70 -19.56 43.28
C LYS C 348 -13.63 -18.65 44.07
N GLN C 349 -13.14 -18.17 45.22
CA GLN C 349 -13.95 -17.41 46.18
C GLN C 349 -13.64 -15.92 46.22
N PHE C 350 -12.52 -15.48 45.66
CA PHE C 350 -12.11 -14.09 45.77
C PHE C 350 -12.99 -13.18 44.91
N LYS C 351 -13.40 -12.06 45.49
CA LYS C 351 -14.34 -11.13 44.85
C LYS C 351 -13.69 -9.79 44.49
N ARG C 352 -13.52 -9.63 43.17
CA ARG C 352 -13.09 -8.40 42.55
C ARG C 352 -14.15 -7.32 42.61
N ILE C 353 -13.72 -6.08 42.82
CA ILE C 353 -14.57 -4.93 42.65
C ILE C 353 -14.09 -4.15 41.42
N ARG C 354 -12.80 -3.80 41.36
CA ARG C 354 -12.24 -3.15 40.15
C ARG C 354 -11.93 -4.19 39.06
N LYS C 355 -12.89 -4.37 38.16
CA LYS C 355 -12.77 -5.29 37.03
C LYS C 355 -11.99 -4.60 35.89
N SER C 356 -10.80 -5.13 35.58
CA SER C 356 -9.92 -4.55 34.56
C SER C 356 -10.27 -4.95 33.12
N SER C 357 -9.66 -4.25 32.17
CA SER C 357 -9.78 -4.55 30.74
C SER C 357 -8.79 -5.63 30.31
N SER C 358 -7.49 -5.30 30.35
CA SER C 358 -6.45 -6.07 29.66
C SER C 358 -5.80 -7.27 30.42
N TYR C 359 -6.29 -7.64 31.60
CA TYR C 359 -5.72 -8.80 32.34
C TYR C 359 -6.77 -9.70 32.99
N ASP C 360 -6.61 -11.04 32.90
CA ASP C 360 -7.49 -11.94 33.64
C ASP C 360 -6.87 -12.34 34.98
N TYR C 361 -7.44 -11.77 36.03
CA TYR C 361 -6.95 -11.88 37.40
C TYR C 361 -7.30 -13.18 38.13
N GLU C 362 -8.36 -13.83 37.65
CA GLU C 362 -9.01 -14.91 38.35
C GLU C 362 -8.03 -15.81 39.13
N ALA C 363 -7.08 -16.39 38.41
CA ALA C 363 -6.18 -17.38 38.94
C ALA C 363 -5.16 -16.70 39.84
N LEU C 364 -4.60 -15.59 39.38
CA LEU C 364 -3.63 -14.88 40.21
C LEU C 364 -4.22 -14.44 41.54
N ASP C 365 -5.41 -13.85 41.50
CA ASP C 365 -6.11 -13.43 42.70
C ASP C 365 -6.30 -14.56 43.68
N GLU C 366 -6.75 -15.72 43.18
CA GLU C 366 -7.03 -16.87 44.04
C GLU C 366 -5.78 -17.46 44.62
N ALA C 367 -4.75 -17.60 43.78
CA ALA C 367 -3.43 -18.05 44.23
C ALA C 367 -2.85 -17.12 45.31
N MET C 368 -2.96 -15.83 45.09
CA MET C 368 -2.51 -14.84 46.06
C MET C 368 -3.30 -15.01 47.38
N SER C 369 -4.60 -15.20 47.24
CA SER C 369 -5.50 -15.29 48.38
C SER C 369 -5.20 -16.55 49.24
N ILE C 370 -5.02 -17.67 48.57
CA ILE C 370 -4.67 -18.90 49.25
C ILE C 370 -3.29 -18.78 49.92
N SER C 371 -2.33 -18.23 49.19
CA SER C 371 -0.96 -18.09 49.73
C SER C 371 -0.92 -17.19 50.95
N VAL C 372 -1.59 -16.05 50.85
CA VAL C 372 -1.69 -15.09 51.94
C VAL C 372 -2.37 -15.71 53.17
N GLU C 373 -3.42 -16.50 52.91
CA GLU C 373 -4.16 -17.24 53.96
C GLU C 373 -3.31 -18.25 54.75
N MET C 374 -2.33 -18.83 54.08
CA MET C 374 -1.46 -19.81 54.71
C MET C 374 -0.25 -19.22 55.42
N LEU C 375 -0.08 -17.90 55.39
CA LEU C 375 0.99 -17.25 56.15
C LEU C 375 0.78 -17.52 57.63
N ARG C 376 1.86 -17.87 58.32
CA ARG C 376 1.76 -18.09 59.75
C ARG C 376 1.30 -16.77 60.34
N GLU C 377 0.57 -16.86 61.44
CA GLU C 377 -0.26 -15.77 61.93
C GLU C 377 0.50 -14.50 62.32
N ASP C 378 1.73 -14.65 62.80
CA ASP C 378 2.49 -13.49 63.29
C ASP C 378 3.21 -12.71 62.18
N ILE C 379 3.03 -13.11 60.91
CA ILE C 379 3.53 -12.32 59.77
C ILE C 379 2.46 -11.87 58.76
N LYS C 380 1.22 -12.33 58.94
CA LYS C 380 0.11 -11.88 58.08
C LYS C 380 -0.05 -10.36 58.06
N ASP C 381 0.00 -9.72 59.23
CA ASP C 381 -0.15 -8.28 59.33
C ASP C 381 0.97 -7.53 58.63
N TYR C 382 2.20 -8.03 58.82
CA TYR C 382 3.32 -7.47 58.10
C TYR C 382 3.08 -7.49 56.60
N TYR C 383 2.54 -8.58 56.05
CA TYR C 383 2.30 -8.66 54.61
C TYR C 383 1.22 -7.64 54.17
N THR C 384 0.18 -7.51 54.97
CA THR C 384 -0.89 -6.55 54.75
C THR C 384 -0.33 -5.13 54.67
N ASP C 385 0.65 -4.83 55.53
CA ASP C 385 1.33 -3.54 55.47
C ASP C 385 1.96 -3.19 54.11
N LEU C 386 2.44 -4.20 53.40
CA LEU C 386 3.07 -4.00 52.11
C LEU C 386 2.07 -3.61 51.01
N SER C 387 0.79 -3.60 51.34
CA SER C 387 -0.23 -3.05 50.47
C SER C 387 -0.01 -1.56 50.10
N ILE C 388 0.81 -0.84 50.87
CA ILE C 388 1.18 0.56 50.52
C ILE C 388 2.40 0.71 49.61
N LEU C 389 3.08 -0.40 49.30
CA LEU C 389 4.11 -0.38 48.28
C LEU C 389 3.46 -0.12 46.92
N GLN C 390 4.16 0.68 46.13
CA GLN C 390 3.69 1.15 44.84
C GLN C 390 4.23 0.30 43.73
N LYS C 391 3.55 0.35 42.60
CA LYS C 391 4.06 -0.31 41.42
C LYS C 391 5.39 0.37 41.06
N ASP C 392 6.36 -0.41 40.58
CA ASP C 392 7.58 0.12 40.01
C ASP C 392 8.40 0.96 40.98
N VAL C 393 8.32 0.64 42.28
CA VAL C 393 9.19 1.25 43.26
C VAL C 393 9.81 0.12 44.06
N LYS C 394 11.14 0.17 44.15
CA LYS C 394 11.94 -0.80 44.89
C LYS C 394 12.38 -0.13 46.16
N VAL C 395 11.90 -0.64 47.27
CA VAL C 395 12.03 0.03 48.57
C VAL C 395 13.21 -0.54 49.36
N PRO C 396 14.08 0.34 49.88
CA PRO C 396 15.15 -0.18 50.73
C PRO C 396 14.64 -0.66 52.07
N THR C 397 15.41 -1.57 52.66
CA THR C 397 15.09 -2.21 53.94
C THR C 397 14.74 -1.21 55.05
N LYS C 398 15.48 -0.13 55.10
CA LYS C 398 15.35 0.89 56.18
C LYS C 398 13.92 1.46 56.25
N VAL C 399 13.27 1.59 55.09
CA VAL C 399 11.87 2.06 55.05
C VAL C 399 10.95 1.15 55.83
N LEU C 400 11.17 -0.15 55.76
CA LEU C 400 10.36 -1.15 56.45
C LEU C 400 10.75 -1.37 57.90
N CYS C 401 12.02 -1.17 58.22
CA CYS C 401 12.47 -1.05 59.63
C CYS C 401 11.69 0.06 60.34
N ILE C 402 11.52 1.19 59.65
CA ILE C 402 10.75 2.35 60.15
C ILE C 402 9.29 1.98 60.35
N LEU C 403 8.66 1.51 59.28
CA LEU C 403 7.26 1.05 59.26
C LEU C 403 6.95 0.10 60.40
N TRP C 404 7.86 -0.84 60.65
CA TRP C 404 7.65 -1.90 61.65
C TRP C 404 8.39 -1.67 62.97
N ASP C 405 9.13 -0.57 63.07
CA ASP C 405 9.94 -0.22 64.23
C ASP C 405 10.83 -1.38 64.67
N MET C 406 11.47 -2.00 63.69
CA MET C 406 12.26 -3.21 63.90
C MET C 406 13.68 -3.04 63.39
N GLU C 407 14.58 -3.81 63.98
CA GLU C 407 15.95 -3.92 63.52
C GLU C 407 16.05 -4.64 62.15
N THR C 408 17.05 -4.25 61.37
CA THR C 408 17.27 -4.76 60.02
C THR C 408 17.25 -6.28 59.89
N GLU C 409 17.94 -6.98 60.78
CA GLU C 409 18.07 -8.43 60.68
C GLU C 409 16.68 -9.08 60.81
N GLU C 410 15.88 -8.58 61.74
CA GLU C 410 14.51 -9.08 61.93
C GLU C 410 13.59 -8.77 60.73
N VAL C 411 13.70 -7.57 60.19
CA VAL C 411 12.93 -7.18 59.01
C VAL C 411 13.29 -8.06 57.84
N GLU C 412 14.60 -8.27 57.62
CA GLU C 412 15.07 -9.01 56.46
C GLU C 412 14.68 -10.49 56.55
N ASP C 413 14.65 -11.02 57.76
CA ASP C 413 14.16 -12.37 57.99
C ASP C 413 12.67 -12.54 57.60
N ILE C 414 11.82 -11.63 58.05
CA ILE C 414 10.40 -11.65 57.73
C ILE C 414 10.22 -11.51 56.22
N LEU C 415 10.90 -10.55 55.59
CA LEU C 415 10.77 -10.34 54.13
C LEU C 415 11.22 -11.53 53.27
N GLN C 416 12.21 -12.25 53.77
CA GLN C 416 12.73 -13.40 53.10
C GLN C 416 11.70 -14.52 53.01
N GLU C 417 10.90 -14.67 54.07
CA GLU C 417 9.76 -15.58 54.05
C GLU C 417 8.79 -15.24 52.94
N PHE C 418 8.50 -13.97 52.75
CA PHE C 418 7.65 -13.57 51.62
C PHE C 418 8.30 -13.86 50.28
N VAL C 419 9.60 -13.54 50.18
CA VAL C 419 10.36 -13.73 48.95
C VAL C 419 10.39 -15.24 48.56
N ASN C 420 10.61 -16.10 49.55
CA ASN C 420 10.63 -17.55 49.33
C ASN C 420 9.28 -18.09 48.87
N LYS C 421 8.20 -17.37 49.18
CA LYS C 421 6.85 -17.77 48.79
C LYS C 421 6.37 -17.18 47.45
N SER C 422 7.26 -16.44 46.77
CA SER C 422 6.97 -15.64 45.55
C SER C 422 5.92 -14.55 45.77
N LEU C 423 5.81 -14.08 47.01
CA LEU C 423 4.89 -13.00 47.42
C LEU C 423 5.59 -11.62 47.45
N LEU C 424 6.89 -11.63 47.16
CA LEU C 424 7.75 -10.45 47.23
C LEU C 424 9.02 -10.78 46.47
N PHE C 425 9.67 -9.73 45.99
CA PHE C 425 10.93 -9.83 45.28
C PHE C 425 11.97 -8.96 45.94
N CYS C 426 13.21 -9.40 45.82
CA CYS C 426 14.34 -8.73 46.45
C CYS C 426 15.50 -8.67 45.46
N ASP C 427 15.98 -7.46 45.17
CA ASP C 427 17.19 -7.24 44.37
C ASP C 427 18.35 -6.94 45.31
N ARG C 428 19.40 -7.73 45.22
CA ARG C 428 20.56 -7.64 46.10
C ARG C 428 21.76 -7.06 45.35
N ASN C 429 22.26 -5.91 45.78
CA ASN C 429 23.59 -5.45 45.35
C ASN C 429 24.50 -5.33 46.57
N GLY C 430 25.13 -6.46 46.91
CA GLY C 430 25.93 -6.57 48.11
C GLY C 430 25.10 -6.36 49.37
N LYS C 431 25.42 -5.27 50.07
CA LYS C 431 24.77 -4.95 51.35
C LYS C 431 23.41 -4.25 51.19
N SER C 432 23.19 -3.60 50.06
CA SER C 432 21.91 -2.93 49.78
C SER C 432 20.82 -3.91 49.28
N PHE C 433 19.72 -4.01 50.04
CA PHE C 433 18.57 -4.87 49.70
C PHE C 433 17.39 -3.95 49.36
N ARG C 434 16.71 -4.26 48.27
CA ARG C 434 15.51 -3.51 47.84
C ARG C 434 14.41 -4.47 47.50
N TYR C 435 13.20 -4.16 47.96
CA TYR C 435 12.08 -5.08 47.85
C TYR C 435 11.00 -4.48 46.98
N TYR C 436 10.33 -5.33 46.22
CA TYR C 436 9.25 -4.92 45.33
C TYR C 436 8.25 -6.05 45.05
N LEU C 437 7.09 -5.63 44.57
CA LEU C 437 5.99 -6.50 44.23
C LEU C 437 5.84 -6.43 42.74
N HIS C 438 5.34 -7.52 42.14
CA HIS C 438 4.93 -7.47 40.75
C HIS C 438 3.68 -6.59 40.73
N ASP C 439 3.49 -5.82 39.66
CA ASP C 439 2.29 -5.00 39.47
C ASP C 439 1.00 -5.76 39.79
N LEU C 440 0.91 -7.00 39.34
CA LEU C 440 -0.31 -7.76 39.52
C LEU C 440 -0.56 -8.04 41.03
N GLN C 441 0.50 -8.09 41.84
CA GLN C 441 0.39 -8.32 43.27
C GLN C 441 -0.02 -7.06 43.99
N VAL C 442 0.42 -5.91 43.46
CA VAL C 442 -0.02 -4.62 43.98
C VAL C 442 -1.52 -4.49 43.80
N ASP C 443 -2.00 -4.85 42.60
CA ASP C 443 -3.44 -4.87 42.28
C ASP C 443 -4.23 -5.78 43.22
N PHE C 444 -3.74 -6.99 43.46
CA PHE C 444 -4.39 -7.88 44.43
C PHE C 444 -4.50 -7.26 45.84
N LEU C 445 -3.40 -6.71 46.34
CA LEU C 445 -3.36 -6.19 47.72
C LEU C 445 -4.19 -4.92 47.88
N THR C 446 -4.21 -4.13 46.83
CA THR C 446 -5.00 -2.90 46.81
C THR C 446 -6.50 -3.25 46.85
N GLU C 447 -6.87 -4.28 46.09
CA GLU C 447 -8.23 -4.82 46.10
C GLU C 447 -8.59 -5.47 47.44
N LYS C 448 -7.81 -6.49 47.84
CA LYS C 448 -8.02 -7.19 49.11
C LYS C 448 -8.09 -6.24 50.33
N ASN C 449 -7.21 -5.26 50.38
CA ASN C 449 -7.08 -4.44 51.58
C ASN C 449 -7.55 -2.98 51.34
N CYS C 450 -8.44 -2.76 50.35
CA CYS C 450 -8.90 -1.36 49.99
C CYS C 450 -9.28 -0.51 51.20
N SER C 451 -10.05 -1.11 52.09
CA SER C 451 -10.64 -0.43 53.24
C SER C 451 -9.63 -0.09 54.33
N GLN C 452 -8.48 -0.76 54.32
CA GLN C 452 -7.42 -0.48 55.27
C GLN C 452 -6.35 0.47 54.72
N LEU C 453 -6.42 0.78 53.43
CA LEU C 453 -5.28 1.44 52.76
C LEU C 453 -4.92 2.74 53.42
N GLN C 454 -5.91 3.59 53.68
CA GLN C 454 -5.67 4.93 54.32
C GLN C 454 -4.97 4.86 55.66
N ASP C 455 -5.36 3.90 56.48
CA ASP C 455 -4.74 3.67 57.79
C ASP C 455 -3.33 3.13 57.71
N LEU C 456 -3.04 2.39 56.63
CA LEU C 456 -1.66 1.89 56.39
C LEU C 456 -0.77 3.07 55.99
N HIS C 457 -1.27 3.92 55.11
CA HIS C 457 -0.54 5.12 54.74
C HIS C 457 -0.30 6.02 55.97
N LYS C 458 -1.33 6.22 56.79
CA LYS C 458 -1.16 6.96 58.07
C LYS C 458 -0.12 6.32 58.99
N LYS C 459 -0.06 5.00 58.94
CA LYS C 459 0.89 4.23 59.74
C LYS C 459 2.34 4.58 59.39
N ILE C 460 2.64 4.62 58.09
CA ILE C 460 4.01 4.90 57.66
C ILE C 460 4.41 6.34 58.03
N ILE C 461 3.47 7.29 57.95
CA ILE C 461 3.77 8.68 58.35
C ILE C 461 4.02 8.80 59.84
N THR C 462 3.17 8.15 60.63
CA THR C 462 3.36 8.07 62.10
C THR C 462 4.73 7.51 62.48
N GLN C 463 5.10 6.42 61.82
CA GLN C 463 6.38 5.77 62.06
C GLN C 463 7.56 6.61 61.60
N PHE C 464 7.39 7.24 60.44
CA PHE C 464 8.42 8.16 59.94
C PHE C 464 8.73 9.30 60.92
N GLN C 465 7.69 9.85 61.53
CA GLN C 465 7.86 10.95 62.49
C GLN C 465 8.59 10.56 63.78
N ARG C 466 8.82 9.27 64.00
CA ARG C 466 9.57 8.80 65.16
C ARG C 466 11.04 8.50 64.83
N TYR C 467 11.37 8.52 63.55
CA TYR C 467 12.73 8.29 63.07
C TYR C 467 13.35 9.52 62.43
N HIS C 468 12.52 10.36 61.79
CA HIS C 468 13.03 11.52 61.08
C HIS C 468 12.13 12.74 61.29
N GLN C 469 12.69 13.87 60.92
CA GLN C 469 11.95 15.08 60.64
C GLN C 469 12.30 15.40 59.19
N PRO C 470 11.41 16.06 58.44
CA PRO C 470 11.70 16.45 57.06
C PRO C 470 13.04 17.22 56.90
N HIS C 471 13.33 18.13 57.83
CA HIS C 471 14.57 18.92 57.77
C HIS C 471 15.82 18.15 58.17
N THR C 472 15.62 16.97 58.72
CA THR C 472 16.68 16.12 59.23
C THR C 472 17.11 15.03 58.19
N LEU C 473 16.51 15.05 56.99
CA LEU C 473 16.86 14.11 55.92
C LEU C 473 18.19 14.47 55.24
N SER C 474 19.06 13.48 55.00
CA SER C 474 20.34 13.72 54.33
C SER C 474 20.70 12.58 53.38
N PRO C 475 21.28 12.88 52.20
CA PRO C 475 21.43 11.90 51.11
C PRO C 475 22.37 10.73 51.38
N ASP C 476 23.15 10.82 52.45
CA ASP C 476 23.97 9.69 52.89
C ASP C 476 23.11 8.53 53.40
N GLN C 477 21.92 8.81 53.89
CA GLN C 477 21.07 7.74 54.41
C GLN C 477 20.23 7.01 53.32
N GLU C 478 20.11 5.69 53.49
CA GLU C 478 19.64 4.78 52.43
C GLU C 478 18.19 5.07 51.96
N ASP C 479 17.37 5.58 52.87
CA ASP C 479 15.94 5.85 52.65
C ASP C 479 15.63 7.31 52.26
N CYS C 480 16.66 8.14 52.14
CA CYS C 480 16.49 9.57 51.97
C CYS C 480 15.68 9.92 50.73
N MET C 481 16.02 9.36 49.57
CA MET C 481 15.30 9.66 48.34
C MET C 481 13.88 9.08 48.31
N TYR C 482 13.68 7.96 49.01
CA TYR C 482 12.37 7.42 49.18
C TYR C 482 11.46 8.47 49.83
N TRP C 483 11.92 9.10 50.90
CA TRP C 483 11.11 10.08 51.61
C TRP C 483 10.93 11.36 50.84
N TYR C 484 11.96 11.89 50.19
CA TYR C 484 11.80 13.08 49.33
C TYR C 484 10.79 12.81 48.23
N ASN C 485 10.85 11.60 47.66
CA ASN C 485 9.94 11.23 46.56
C ASN C 485 8.51 10.93 47.01
N PHE C 486 8.35 10.38 48.21
CA PHE C 486 7.07 9.74 48.55
C PHE C 486 6.49 10.13 49.88
N LEU C 487 7.13 10.99 50.64
CA LEU C 487 6.55 11.43 51.92
C LEU C 487 5.18 12.07 51.69
N ALA C 488 5.12 13.01 50.75
CA ALA C 488 3.88 13.72 50.40
C ALA C 488 2.85 12.76 49.87
N TYR C 489 3.30 11.82 49.02
CA TYR C 489 2.41 10.81 48.47
C TYR C 489 1.70 10.02 49.61
N HIS C 490 2.45 9.58 50.60
CA HIS C 490 1.86 8.78 51.68
C HIS C 490 0.95 9.62 52.59
N MET C 491 1.33 10.87 52.86
CA MET C 491 0.46 11.79 53.62
C MET C 491 -0.86 12.09 52.89
N ALA C 492 -0.78 12.24 51.56
CA ALA C 492 -1.95 12.56 50.76
C ALA C 492 -2.85 11.34 50.66
N SER C 493 -2.24 10.18 50.46
CA SER C 493 -2.94 8.90 50.45
C SER C 493 -3.58 8.58 51.81
N ALA C 494 -2.96 9.04 52.91
CA ALA C 494 -3.53 8.88 54.27
C ALA C 494 -4.57 9.94 54.60
N LYS C 495 -4.84 10.83 53.63
CA LYS C 495 -5.67 12.03 53.80
C LYS C 495 -5.24 12.95 54.96
N MET C 496 -3.94 12.99 55.22
CA MET C 496 -3.42 13.77 56.34
C MET C 496 -3.11 15.19 55.83
N HIS C 497 -4.18 15.95 55.60
CA HIS C 497 -4.09 17.30 55.01
C HIS C 497 -3.31 18.28 55.90
N LYS C 498 -3.43 18.16 57.22
CA LYS C 498 -2.67 19.00 58.13
C LYS C 498 -1.16 18.77 58.03
N GLU C 499 -0.74 17.49 58.06
CA GLU C 499 0.67 17.13 57.94
C GLU C 499 1.20 17.49 56.55
N LEU C 500 0.41 17.27 55.51
CA LEU C 500 0.79 17.63 54.14
C LEU C 500 1.12 19.10 53.97
N CYS C 501 0.24 19.93 54.53
CA CYS C 501 0.42 21.35 54.53
C CYS C 501 1.66 21.75 55.32
N ALA C 502 1.85 21.16 56.51
CA ALA C 502 3.02 21.53 57.33
C ALA C 502 4.31 21.17 56.58
N LEU C 503 4.30 20.04 55.87
CA LEU C 503 5.47 19.64 55.06
C LEU C 503 5.71 20.58 53.87
N MET C 504 4.70 20.75 53.03
CA MET C 504 4.87 21.40 51.74
C MET C 504 4.78 22.91 51.74
N PHE C 505 4.01 23.50 52.65
CA PHE C 505 3.85 24.96 52.70
C PHE C 505 5.02 25.54 53.48
N SER C 506 6.22 25.33 52.95
CA SER C 506 7.44 25.53 53.74
C SER C 506 8.59 25.86 52.85
N LEU C 507 9.17 27.05 53.05
CA LEU C 507 10.36 27.47 52.33
C LEU C 507 11.58 26.54 52.61
N ASP C 508 11.66 25.98 53.81
CA ASP C 508 12.74 25.04 54.17
C ASP C 508 12.68 23.78 53.31
N TRP C 509 11.49 23.23 53.17
CA TRP C 509 11.28 22.03 52.38
C TRP C 509 11.52 22.31 50.89
N ILE C 510 11.03 23.44 50.42
CA ILE C 510 11.30 23.85 49.05
C ILE C 510 12.76 23.99 48.79
N LYS C 511 13.48 24.66 49.68
CA LYS C 511 14.93 24.76 49.56
C LYS C 511 15.59 23.36 49.57
N ALA C 512 15.34 22.54 50.58
CA ALA C 512 16.00 21.23 50.70
C ALA C 512 15.72 20.32 49.49
N LYS C 513 14.45 20.18 49.10
CA LYS C 513 14.08 19.32 48.00
C LYS C 513 14.51 19.84 46.63
N THR C 514 14.35 21.13 46.36
CA THR C 514 14.77 21.67 45.07
C THR C 514 16.27 21.65 44.88
N GLU C 515 17.02 21.82 45.96
CA GLU C 515 18.48 21.77 45.88
C GLU C 515 19.02 20.36 45.54
N LEU C 516 18.25 19.32 45.86
CA LEU C 516 18.57 17.94 45.45
C LEU C 516 18.05 17.50 44.08
N VAL C 517 16.78 17.80 43.79
CA VAL C 517 16.13 17.24 42.57
C VAL C 517 15.45 18.28 41.67
N GLY C 518 15.55 19.56 42.04
CA GLY C 518 14.89 20.62 41.25
C GLY C 518 13.41 20.75 41.55
N PRO C 519 12.70 21.60 40.79
CA PRO C 519 11.31 21.95 41.11
C PRO C 519 10.22 21.05 40.57
N ALA C 520 10.54 20.21 39.60
CA ALA C 520 9.48 19.59 38.79
C ALA C 520 8.53 18.67 39.56
N HIS C 521 9.07 17.74 40.32
CA HIS C 521 8.23 16.81 41.05
C HIS C 521 7.42 17.56 42.13
N LEU C 522 8.04 18.51 42.82
CA LEU C 522 7.34 19.33 43.80
C LEU C 522 6.14 19.99 43.18
N ILE C 523 6.33 20.64 42.05
CA ILE C 523 5.24 21.33 41.35
C ILE C 523 4.12 20.33 41.10
N HIS C 524 4.48 19.17 40.57
CA HIS C 524 3.50 18.10 40.32
C HIS C 524 2.77 17.62 41.60
N GLU C 525 3.47 17.54 42.73
CA GLU C 525 2.83 17.13 44.00
C GLU C 525 1.81 18.18 44.47
N PHE C 526 2.10 19.47 44.27
CA PHE C 526 1.15 20.52 44.58
C PHE C 526 -0.15 20.35 43.76
N VAL C 527 -0.01 20.06 42.47
CA VAL C 527 -1.16 19.89 41.59
C VAL C 527 -1.95 18.60 41.92
N GLU C 528 -1.22 17.50 42.01
CA GLU C 528 -1.75 16.16 42.23
C GLU C 528 -2.50 16.00 43.55
N TYR C 529 -2.02 16.63 44.62
CA TYR C 529 -2.59 16.36 45.94
C TYR C 529 -3.50 17.48 46.42
N ARG C 530 -3.69 18.52 45.62
CA ARG C 530 -4.55 19.64 45.97
C ARG C 530 -6.00 19.22 46.31
N HIS C 531 -6.49 18.17 45.65
CA HIS C 531 -7.89 17.75 45.79
C HIS C 531 -8.29 17.27 47.19
N ILE C 532 -7.31 16.94 48.05
CA ILE C 532 -7.63 16.55 49.43
C ILE C 532 -7.76 17.75 50.39
N LEU C 533 -7.51 18.96 49.90
CA LEU C 533 -7.40 20.11 50.77
C LEU C 533 -8.73 20.85 50.89
N ASP C 534 -8.96 21.49 52.03
CA ASP C 534 -10.10 22.41 52.14
C ASP C 534 -9.83 23.66 51.29
N GLU C 535 -10.80 24.59 51.27
CA GLU C 535 -10.76 25.77 50.41
C GLU C 535 -9.60 26.71 50.73
N LYS C 536 -9.33 26.86 52.02
CA LYS C 536 -8.31 27.76 52.51
C LYS C 536 -6.90 27.27 52.13
N ASP C 537 -6.65 26.00 52.41
CA ASP C 537 -5.36 25.36 52.12
C ASP C 537 -5.12 25.23 50.62
N CYS C 538 -6.19 24.97 49.89
CA CYS C 538 -6.15 24.94 48.44
C CYS C 538 -5.62 26.24 47.82
N ALA C 539 -6.04 27.39 48.34
CA ALA C 539 -5.52 28.70 47.92
C ALA C 539 -4.02 28.85 48.22
N VAL C 540 -3.61 28.51 49.46
CA VAL C 540 -2.20 28.51 49.82
C VAL C 540 -1.38 27.60 48.91
N SER C 541 -1.89 26.39 48.67
CA SER C 541 -1.27 25.47 47.73
C SER C 541 -0.97 26.17 46.38
N GLU C 542 -1.94 26.92 45.90
CA GLU C 542 -1.82 27.63 44.62
C GLU C 542 -0.78 28.75 44.67
N ASN C 543 -0.68 29.46 45.80
CA ASN C 543 0.42 30.41 46.08
C ASN C 543 1.80 29.79 45.93
N PHE C 544 2.02 28.66 46.61
CA PHE C 544 3.30 27.95 46.53
C PHE C 544 3.58 27.43 45.14
N GLN C 545 2.55 26.90 44.47
CA GLN C 545 2.75 26.34 43.12
C GLN C 545 3.20 27.41 42.10
N GLU C 546 2.60 28.60 42.20
CA GLU C 546 2.89 29.65 41.26
C GLU C 546 4.27 30.27 41.56
N PHE C 547 4.66 30.26 42.83
CA PHE C 547 6.00 30.65 43.26
C PHE C 547 7.05 29.74 42.63
N LEU C 548 6.79 28.44 42.64
CA LEU C 548 7.72 27.45 42.09
C LEU C 548 7.80 27.50 40.58
N SER C 549 6.65 27.68 39.94
CA SER C 549 6.62 27.69 38.49
C SER C 549 7.28 28.97 37.94
N LEU C 550 7.06 30.10 38.62
CA LEU C 550 7.72 31.37 38.28
C LEU C 550 9.26 31.24 38.33
N ASN C 551 9.74 30.57 39.38
CA ASN C 551 11.15 30.51 39.69
C ASN C 551 11.77 29.21 39.26
N GLY C 552 11.03 28.44 38.47
CA GLY C 552 11.37 27.04 38.18
C GLY C 552 12.70 26.85 37.49
N HIS C 553 13.04 27.82 36.65
CA HIS C 553 14.32 27.83 35.94
C HIS C 553 15.53 28.12 36.82
N LEU C 554 15.31 28.61 38.03
CA LEU C 554 16.39 28.93 38.94
C LEU C 554 16.64 27.83 39.99
N LEU C 555 15.58 27.11 40.35
CA LEU C 555 15.62 26.21 41.52
C LEU C 555 16.43 24.94 41.21
N GLY C 556 17.33 24.62 42.13
CA GLY C 556 18.19 23.45 42.00
C GLY C 556 19.38 23.67 41.10
N ARG C 557 19.61 24.92 40.70
CA ARG C 557 20.76 25.26 39.84
C ARG C 557 21.81 26.01 40.62
N GLN C 558 23.00 25.41 40.68
CA GLN C 558 24.12 25.95 41.40
C GLN C 558 24.67 27.13 40.58
N PRO C 559 25.01 28.26 41.22
CA PRO C 559 24.90 28.61 42.63
C PRO C 559 23.44 28.80 42.99
N PHE C 560 23.04 28.22 44.11
CA PHE C 560 21.64 28.10 44.45
C PHE C 560 21.01 29.46 44.77
N PRO C 561 19.79 29.73 44.25
CA PRO C 561 19.12 30.96 44.61
C PRO C 561 18.80 31.08 46.10
N ASN C 562 18.71 32.33 46.58
CA ASN C 562 18.25 32.65 47.90
C ASN C 562 16.74 32.58 47.88
N ILE C 563 16.19 31.54 48.51
CA ILE C 563 14.76 31.27 48.49
C ILE C 563 13.91 32.27 49.29
N VAL C 564 14.52 32.92 50.31
CA VAL C 564 13.88 34.03 51.05
C VAL C 564 13.77 35.30 50.18
N GLN C 565 14.86 35.69 49.52
CA GLN C 565 14.83 36.77 48.53
C GLN C 565 13.74 36.56 47.47
N LEU C 566 13.70 35.38 46.91
CA LEU C 566 12.72 35.01 45.92
C LEU C 566 11.27 35.09 46.42
N GLY C 567 11.07 34.63 47.64
CA GLY C 567 9.77 34.73 48.30
C GLY C 567 9.34 36.16 48.58
N LEU C 568 10.30 37.04 48.86
CA LEU C 568 10.00 38.44 49.12
C LEU C 568 9.51 39.15 47.87
N CYS C 569 9.68 38.50 46.71
CA CYS C 569 9.18 39.02 45.44
C CYS C 569 7.77 38.61 45.14
N GLU C 570 7.20 37.75 45.98
CA GLU C 570 5.82 37.33 45.78
C GLU C 570 4.88 38.44 46.27
N PRO C 571 3.62 38.42 45.80
CA PRO C 571 2.62 39.36 46.32
C PRO C 571 2.48 39.26 47.86
N GLU C 572 2.25 40.39 48.50
CA GLU C 572 2.20 40.47 49.95
C GLU C 572 1.02 39.70 50.58
N THR C 573 0.04 39.36 49.75
CA THR C 573 -1.09 38.51 50.14
C THR C 573 -0.68 37.04 50.21
N SER C 574 0.36 36.68 49.45
CA SER C 574 0.87 35.29 49.34
C SER C 574 1.49 34.83 50.66
N GLU C 575 1.18 33.60 51.05
CA GLU C 575 1.79 32.97 52.25
C GLU C 575 3.28 32.72 52.09
N VAL C 576 3.73 32.66 50.84
CA VAL C 576 5.13 32.51 50.51
C VAL C 576 5.86 33.77 50.97
N TYR C 577 5.33 34.92 50.56
CA TYR C 577 5.81 36.22 50.97
C TYR C 577 5.82 36.42 52.50
N GLN C 578 4.74 36.03 53.14
CA GLN C 578 4.61 36.16 54.57
C GLN C 578 5.63 35.29 55.29
N GLN C 579 5.84 34.06 54.81
CA GLN C 579 6.90 33.20 55.34
C GLN C 579 8.29 33.78 55.09
N ALA C 580 8.50 34.31 53.89
CA ALA C 580 9.79 34.92 53.51
C ALA C 580 10.10 36.11 54.38
N LYS C 581 9.08 36.91 54.66
CA LYS C 581 9.20 38.09 55.54
C LYS C 581 9.62 37.72 56.97
N LEU C 582 9.07 36.64 57.51
CA LEU C 582 9.43 36.16 58.85
C LEU C 582 10.88 35.74 58.92
N GLN C 583 11.30 34.90 57.97
CA GLN C 583 12.69 34.43 57.89
C GLN C 583 13.69 35.56 57.74
N ALA C 584 13.36 36.58 56.96
CA ALA C 584 14.25 37.73 56.80
C ALA C 584 14.52 38.41 58.15
N LYS C 585 13.46 38.72 58.87
CA LYS C 585 13.56 39.23 60.24
C LYS C 585 14.34 38.30 61.18
N GLN C 586 13.96 37.02 61.20
CA GLN C 586 14.57 36.08 62.14
C GLN C 586 16.05 35.82 61.82
N MET D 1 19.60 -52.09 16.65
CA MET D 1 19.97 -51.08 15.61
C MET D 1 21.47 -50.70 15.66
N ASP D 2 21.93 -50.10 14.56
CA ASP D 2 23.30 -49.60 14.43
C ASP D 2 23.66 -48.60 15.51
N ALA D 3 24.94 -48.60 15.90
CA ALA D 3 25.46 -47.64 16.88
C ALA D 3 25.45 -46.22 16.33
N LYS D 4 25.53 -46.10 15.00
CA LYS D 4 25.33 -44.80 14.34
C LYS D 4 23.97 -44.26 14.72
N ALA D 5 22.95 -45.12 14.55
CA ALA D 5 21.56 -44.74 14.70
C ALA D 5 21.19 -44.42 16.16
N ARG D 6 21.67 -45.23 17.10
CA ARG D 6 21.35 -45.05 18.53
C ARG D 6 21.94 -43.75 19.01
N ASN D 7 23.26 -43.59 18.83
CA ASN D 7 23.98 -42.37 19.25
C ASN D 7 23.27 -41.17 18.68
N CYS D 8 22.88 -41.28 17.41
CA CYS D 8 22.09 -40.27 16.72
C CYS D 8 20.68 -40.06 17.31
N LEU D 9 19.99 -41.16 17.65
CA LEU D 9 18.69 -41.07 18.30
C LEU D 9 18.87 -40.40 19.67
N LEU D 10 19.72 -41.01 20.51
CA LEU D 10 20.02 -40.48 21.83
C LEU D 10 20.43 -39.01 21.77
N GLN D 11 21.17 -38.66 20.72
CA GLN D 11 21.67 -37.30 20.54
C GLN D 11 20.58 -36.26 20.35
N HIS D 12 19.49 -36.65 19.69
CA HIS D 12 18.41 -35.72 19.28
C HIS D 12 17.09 -35.92 20.02
N ARG D 13 17.12 -36.85 20.98
CA ARG D 13 15.97 -37.22 21.80
C ARG D 13 15.26 -36.00 22.39
N GLU D 14 16.05 -35.12 23.01
CA GLU D 14 15.50 -33.94 23.68
C GLU D 14 14.74 -33.06 22.70
N ALA D 15 15.31 -32.87 21.52
CA ALA D 15 14.68 -32.11 20.44
C ALA D 15 13.42 -32.82 19.86
N LEU D 16 13.46 -34.15 19.80
CA LEU D 16 12.32 -34.91 19.31
C LEU D 16 11.18 -34.79 20.32
N GLU D 17 11.48 -35.10 21.58
CA GLU D 17 10.54 -35.03 22.73
C GLU D 17 9.81 -33.69 22.81
N LYS D 18 10.58 -32.62 22.66
CA LYS D 18 10.05 -31.26 22.73
C LYS D 18 8.99 -30.97 21.69
N ASP D 19 9.07 -31.57 20.50
CA ASP D 19 8.25 -31.10 19.38
C ASP D 19 7.22 -32.06 18.80
N ILE D 20 7.42 -33.36 18.94
CA ILE D 20 6.57 -34.29 18.18
C ILE D 20 5.26 -34.65 18.87
N LYS D 21 4.18 -34.56 18.11
CA LYS D 21 2.90 -35.17 18.46
C LYS D 21 2.92 -36.61 17.90
N THR D 22 2.54 -37.57 18.72
CA THR D 22 2.83 -38.97 18.48
C THR D 22 1.70 -39.70 17.74
N SER D 23 0.51 -39.15 17.76
CA SER D 23 -0.68 -39.89 17.34
C SER D 23 -0.61 -40.44 15.90
N TYR D 24 -0.34 -39.56 14.94
CA TYR D 24 -0.28 -39.96 13.52
C TYR D 24 1.07 -40.60 13.22
N ILE D 25 2.14 -40.16 13.87
CA ILE D 25 3.40 -40.90 13.77
C ILE D 25 3.20 -42.39 14.11
N MET D 26 2.47 -42.70 15.18
CA MET D 26 2.32 -44.09 15.61
C MET D 26 1.44 -44.88 14.63
N ASP D 27 0.38 -44.27 14.14
CA ASP D 27 -0.44 -44.88 13.07
C ASP D 27 0.42 -45.41 11.92
N HIS D 28 1.27 -44.53 11.38
CA HIS D 28 2.27 -44.91 10.37
C HIS D 28 3.10 -46.12 10.77
N MET D 29 3.67 -46.09 11.96
CA MET D 29 4.53 -47.18 12.40
C MET D 29 3.76 -48.46 12.69
N ILE D 30 2.49 -48.35 13.07
CA ILE D 30 1.64 -49.51 13.26
C ILE D 30 1.35 -50.15 11.90
N SER D 31 0.99 -49.32 10.92
CA SER D 31 0.77 -49.76 9.54
C SER D 31 2.03 -50.45 8.97
N ASP D 32 3.20 -49.86 9.22
CA ASP D 32 4.47 -50.48 8.85
C ASP D 32 4.78 -51.77 9.64
N GLY D 33 4.03 -52.03 10.71
CA GLY D 33 4.22 -53.25 11.52
C GLY D 33 5.32 -53.18 12.57
N PHE D 34 5.94 -52.00 12.74
CA PHE D 34 7.04 -51.83 13.71
C PHE D 34 6.62 -51.26 15.07
N LEU D 35 5.31 -51.22 15.36
CA LEU D 35 4.81 -50.74 16.65
C LEU D 35 3.47 -51.42 16.93
N THR D 36 3.32 -51.99 18.13
CA THR D 36 2.09 -52.73 18.49
C THR D 36 1.04 -51.82 19.13
N ILE D 37 -0.20 -52.30 19.16
CA ILE D 37 -1.35 -51.56 19.72
C ILE D 37 -1.22 -51.32 21.23
N SER D 38 -0.55 -52.24 21.93
CA SER D 38 -0.32 -52.10 23.36
C SER D 38 0.78 -51.08 23.61
N GLU D 39 1.77 -51.08 22.73
CA GLU D 39 2.81 -50.06 22.76
C GLU D 39 2.20 -48.68 22.55
N GLU D 40 1.26 -48.57 21.61
CA GLU D 40 0.50 -47.33 21.40
C GLU D 40 -0.31 -46.89 22.63
N GLU D 41 -1.05 -47.85 23.18
CA GLU D 41 -1.93 -47.65 24.35
C GLU D 41 -1.16 -47.07 25.53
N LYS D 42 0.02 -47.67 25.78
CA LYS D 42 0.96 -47.22 26.78
C LYS D 42 1.40 -45.74 26.53
N VAL D 43 1.68 -45.40 25.27
CA VAL D 43 2.05 -44.02 24.92
C VAL D 43 0.89 -43.05 25.16
N ARG D 44 -0.32 -43.43 24.76
CA ARG D 44 -1.47 -42.53 24.86
C ARG D 44 -1.96 -42.30 26.29
N ASN D 45 -1.53 -43.18 27.19
CA ASN D 45 -1.83 -43.05 28.58
C ASN D 45 -1.06 -41.87 29.20
N GLU D 46 0.13 -41.58 28.69
CA GLU D 46 0.99 -40.56 29.29
C GLU D 46 0.28 -39.20 29.31
N PRO D 47 0.45 -38.43 30.40
CA PRO D 47 -0.38 -37.24 30.62
C PRO D 47 -0.14 -36.10 29.63
N THR D 48 1.04 -36.00 29.04
CA THR D 48 1.35 -34.83 28.21
C THR D 48 1.94 -35.24 26.89
N GLN D 49 1.95 -34.28 25.98
CA GLN D 49 2.51 -34.41 24.64
C GLN D 49 3.97 -34.83 24.66
N GLN D 50 4.75 -34.17 25.52
CA GLN D 50 6.17 -34.50 25.68
C GLN D 50 6.41 -35.84 26.31
N GLN D 51 5.55 -36.23 27.26
CA GLN D 51 5.70 -37.51 27.95
C GLN D 51 5.27 -38.65 27.04
N ARG D 52 4.24 -38.43 26.22
CA ARG D 52 3.93 -39.36 25.12
C ARG D 52 5.13 -39.55 24.18
N ALA D 53 5.76 -38.44 23.77
CA ALA D 53 6.95 -38.48 22.91
C ALA D 53 8.15 -39.19 23.58
N ALA D 54 8.51 -38.76 24.78
CA ALA D 54 9.51 -39.45 25.62
C ALA D 54 9.33 -40.99 25.66
N MET D 55 8.11 -41.43 25.97
CA MET D 55 7.74 -42.84 25.97
C MET D 55 7.97 -43.51 24.62
N LEU D 56 7.47 -42.92 23.54
CA LEU D 56 7.66 -43.53 22.23
C LEU D 56 9.14 -43.67 21.91
N ILE D 57 9.88 -42.58 21.93
CA ILE D 57 11.31 -42.65 21.62
C ILE D 57 12.03 -43.68 22.48
N LYS D 58 11.63 -43.79 23.76
CA LYS D 58 12.09 -44.85 24.68
C LYS D 58 11.77 -46.28 24.18
N MET D 59 10.64 -46.44 23.49
CA MET D 59 10.28 -47.75 22.94
C MET D 59 11.11 -48.01 21.67
N ILE D 60 11.04 -47.06 20.74
CA ILE D 60 11.85 -47.11 19.52
C ILE D 60 13.32 -47.41 19.80
N LEU D 61 13.85 -46.89 20.91
CA LEU D 61 15.25 -47.15 21.27
C LEU D 61 15.57 -48.63 21.43
N LYS D 62 14.58 -49.42 21.86
CA LYS D 62 14.76 -50.85 22.04
C LYS D 62 14.29 -51.60 20.80
N LYS D 63 14.71 -51.14 19.62
CA LYS D 63 14.14 -51.62 18.36
C LYS D 63 15.10 -51.58 17.17
N ASP D 64 14.84 -52.50 16.23
CA ASP D 64 15.69 -52.74 15.06
C ASP D 64 15.91 -51.52 14.15
N ASN D 65 16.73 -51.74 13.11
CA ASN D 65 17.05 -50.71 12.12
C ASN D 65 15.87 -50.26 11.27
N ASP D 66 14.91 -51.17 11.06
CA ASP D 66 13.74 -50.88 10.22
C ASP D 66 12.78 -49.88 10.91
N SER D 67 12.67 -50.01 12.23
CA SER D 67 11.81 -49.13 13.04
C SER D 67 12.31 -47.68 13.05
N TYR D 68 13.62 -47.52 13.21
CA TYR D 68 14.26 -46.22 13.03
C TYR D 68 13.84 -45.58 11.69
N VAL D 69 13.97 -46.32 10.59
CA VAL D 69 13.60 -45.80 9.26
C VAL D 69 12.06 -45.56 9.14
N SER D 70 11.28 -46.46 9.75
CA SER D 70 9.83 -46.31 9.84
C SER D 70 9.48 -45.00 10.56
N PHE D 71 10.16 -44.78 11.69
CA PHE D 71 10.00 -43.59 12.50
C PHE D 71 10.49 -42.39 11.70
N TYR D 72 11.63 -42.57 11.02
CA TYR D 72 12.13 -41.54 10.08
C TYR D 72 11.09 -41.15 9.04
N ASN D 73 10.41 -42.14 8.46
CA ASN D 73 9.46 -41.90 7.39
C ASN D 73 8.14 -41.32 7.89
N ALA D 74 7.72 -41.76 9.07
CA ALA D 74 6.59 -41.16 9.78
C ALA D 74 6.81 -39.68 10.02
N LEU D 75 7.98 -39.34 10.56
CA LEU D 75 8.38 -37.92 10.69
C LEU D 75 8.26 -37.13 9.39
N LEU D 76 8.84 -37.62 8.29
CA LEU D 76 8.71 -36.96 6.99
C LEU D 76 7.26 -36.85 6.51
N HIS D 77 6.55 -37.97 6.58
CA HIS D 77 5.13 -38.11 6.27
C HIS D 77 4.28 -37.07 6.99
N GLU D 78 4.65 -36.75 8.23
CA GLU D 78 3.88 -35.84 9.09
C GLU D 78 4.46 -34.47 9.15
N GLY D 79 5.52 -34.22 8.38
CA GLY D 79 6.07 -32.87 8.27
C GLY D 79 7.07 -32.51 9.34
N TYR D 80 7.82 -33.48 9.84
CA TYR D 80 8.91 -33.17 10.74
C TYR D 80 10.23 -33.28 9.96
N LYS D 81 10.34 -32.38 8.97
CA LYS D 81 11.51 -32.24 8.07
C LYS D 81 12.83 -31.99 8.82
N ASP D 82 12.79 -31.12 9.82
CA ASP D 82 14.02 -30.68 10.49
C ASP D 82 14.50 -31.68 11.56
N LEU D 83 13.55 -32.39 12.17
CA LEU D 83 13.89 -33.47 13.12
C LEU D 83 14.38 -34.68 12.37
N ALA D 84 13.79 -34.91 11.20
CA ALA D 84 14.21 -36.00 10.32
C ALA D 84 15.63 -35.77 9.79
N ALA D 85 15.94 -34.51 9.50
CA ALA D 85 17.28 -34.09 9.06
C ALA D 85 18.36 -34.46 10.06
N LEU D 86 18.08 -34.28 11.35
CA LEU D 86 19.02 -34.68 12.40
C LEU D 86 19.12 -36.21 12.51
N LEU D 87 18.04 -36.92 12.18
CA LEU D 87 18.03 -38.39 12.18
C LEU D 87 18.60 -39.03 10.90
N HIS D 88 18.70 -38.24 9.82
CA HIS D 88 19.28 -38.69 8.54
C HIS D 88 20.70 -39.22 8.80
N ASP D 89 21.55 -38.36 9.36
CA ASP D 89 22.86 -38.73 9.89
C ASP D 89 22.95 -40.24 10.12
N GLY D 90 22.21 -40.75 11.11
CA GLY D 90 22.36 -42.13 11.57
C GLY D 90 21.45 -43.17 10.94
N ILE D 91 20.80 -42.84 9.82
CA ILE D 91 19.91 -43.78 9.10
C ILE D 91 20.63 -45.10 8.75
N PRO D 92 20.14 -46.23 9.30
CA PRO D 92 20.67 -47.54 8.90
C PRO D 92 20.11 -48.05 7.57
N VAL D 93 20.60 -49.22 7.13
CA VAL D 93 20.09 -49.91 5.94
C VAL D 93 18.83 -50.69 6.34
N VAL D 94 17.96 -50.93 5.37
CA VAL D 94 16.59 -51.36 5.61
C VAL D 94 16.38 -52.85 5.24
N GLY D 105 7.27 -45.95 -5.74
CA GLY D 105 7.52 -44.57 -6.15
C GLY D 105 7.30 -43.60 -5.03
N ILE D 106 7.02 -44.09 -3.80
CA ILE D 106 7.00 -43.20 -2.64
C ILE D 106 8.31 -43.27 -1.82
N THR D 107 9.17 -42.29 -2.09
CA THR D 107 10.45 -42.15 -1.45
C THR D 107 10.37 -41.07 -0.35
N SER D 108 11.47 -40.91 0.40
CA SER D 108 11.62 -39.82 1.37
C SER D 108 11.52 -38.46 0.71
N TYR D 109 12.16 -38.36 -0.46
CA TYR D 109 12.02 -37.18 -1.31
C TYR D 109 10.56 -36.83 -1.62
N VAL D 110 9.76 -37.80 -2.00
CA VAL D 110 8.34 -37.53 -2.24
C VAL D 110 7.63 -37.10 -0.98
N ARG D 111 7.87 -37.81 0.13
CA ARG D 111 7.21 -37.50 1.40
C ARG D 111 7.51 -36.05 1.83
N THR D 112 8.75 -35.62 1.73
CA THR D 112 9.20 -34.24 2.10
C THR D 112 8.66 -33.13 1.17
N VAL D 113 8.85 -33.32 -0.12
CA VAL D 113 8.29 -32.42 -1.11
C VAL D 113 6.80 -32.18 -0.92
N LEU D 114 6.00 -33.24 -0.73
CA LEU D 114 4.54 -33.09 -0.61
C LEU D 114 4.13 -32.40 0.68
N CYS D 115 4.76 -32.78 1.79
CA CYS D 115 4.53 -32.12 3.06
C CYS D 115 4.87 -30.64 3.05
N GLU D 116 6.06 -30.30 2.56
CA GLU D 116 6.46 -28.89 2.33
C GLU D 116 5.42 -28.10 1.54
N GLY D 117 4.81 -28.74 0.55
CA GLY D 117 3.79 -28.10 -0.26
C GLY D 117 2.39 -28.09 0.32
N GLY D 118 2.19 -28.73 1.48
CA GLY D 118 0.88 -28.77 2.11
C GLY D 118 -0.10 -29.64 1.37
N VAL D 119 0.41 -30.67 0.70
CA VAL D 119 -0.45 -31.63 -0.02
C VAL D 119 -1.07 -32.56 1.02
N PRO D 120 -2.41 -32.72 1.02
CA PRO D 120 -3.07 -33.59 2.02
C PRO D 120 -2.50 -34.97 2.06
N GLN D 121 -2.33 -35.54 3.27
CA GLN D 121 -1.99 -36.98 3.37
C GLN D 121 -3.07 -37.86 2.73
N ARG D 122 -2.74 -39.11 2.41
CA ARG D 122 -3.76 -40.10 1.98
C ARG D 122 -4.88 -40.27 3.00
N PRO D 123 -6.11 -40.58 2.51
CA PRO D 123 -7.20 -40.89 3.42
C PRO D 123 -6.88 -42.04 4.38
N VAL D 124 -7.61 -42.08 5.49
CA VAL D 124 -7.44 -43.15 6.49
C VAL D 124 -7.37 -44.49 5.80
N VAL D 125 -8.30 -44.77 4.87
CA VAL D 125 -8.26 -45.98 4.07
C VAL D 125 -8.22 -45.52 2.62
N PHE D 126 -7.35 -46.17 1.83
CA PHE D 126 -7.04 -45.72 0.48
C PHE D 126 -7.00 -46.87 -0.47
N VAL D 127 -7.66 -46.73 -1.61
CA VAL D 127 -7.55 -47.67 -2.69
C VAL D 127 -6.98 -47.02 -3.94
N THR D 128 -6.18 -47.76 -4.70
CA THR D 128 -5.58 -47.23 -5.89
C THR D 128 -6.63 -47.01 -6.98
N ARG D 129 -6.37 -46.05 -7.86
CA ARG D 129 -7.22 -45.75 -8.99
C ARG D 129 -6.23 -45.50 -10.10
N LYS D 130 -5.61 -46.57 -10.56
CA LYS D 130 -4.39 -46.51 -11.36
C LYS D 130 -4.60 -45.82 -12.70
N LYS D 131 -5.70 -46.15 -13.37
CA LYS D 131 -5.95 -45.60 -14.69
C LYS D 131 -6.17 -44.09 -14.65
N LEU D 132 -6.91 -43.62 -13.64
CA LEU D 132 -7.09 -42.17 -13.44
C LEU D 132 -5.79 -41.48 -13.04
N VAL D 133 -5.08 -42.05 -12.08
CA VAL D 133 -3.82 -41.44 -11.62
C VAL D 133 -2.80 -41.38 -12.77
N ASN D 134 -2.65 -42.47 -13.52
CA ASN D 134 -1.76 -42.46 -14.70
C ASN D 134 -2.18 -41.44 -15.78
N ALA D 135 -3.47 -41.29 -16.01
CA ALA D 135 -3.92 -40.28 -16.98
C ALA D 135 -3.61 -38.83 -16.53
N ILE D 136 -3.71 -38.57 -15.23
CA ILE D 136 -3.35 -37.22 -14.70
C ILE D 136 -1.84 -36.99 -14.89
N GLN D 137 -1.06 -38.00 -14.51
CA GLN D 137 0.40 -37.95 -14.60
C GLN D 137 0.89 -37.74 -16.04
N GLN D 138 0.23 -38.43 -16.95
CA GLN D 138 0.50 -38.27 -18.36
C GLN D 138 0.27 -36.86 -18.87
N LYS D 139 -0.84 -36.22 -18.50
CA LYS D 139 -1.06 -34.80 -18.85
C LYS D 139 -0.04 -33.88 -18.18
N LEU D 140 0.24 -34.12 -16.91
CA LEU D 140 1.21 -33.29 -16.19
C LEU D 140 2.56 -33.32 -16.90
N SER D 141 2.90 -34.49 -17.46
CA SER D 141 4.16 -34.70 -18.14
C SER D 141 4.15 -34.07 -19.55
N LYS D 142 3.01 -33.63 -20.02
CA LYS D 142 2.99 -32.84 -21.26
C LYS D 142 3.29 -31.35 -21.08
N LEU D 143 3.33 -30.87 -19.83
CA LEU D 143 3.57 -29.46 -19.59
C LEU D 143 5.02 -29.09 -19.97
N LYS D 144 5.96 -30.02 -19.76
CA LYS D 144 7.36 -29.87 -20.20
C LYS D 144 8.02 -28.56 -19.74
N GLY D 145 7.84 -28.20 -18.47
CA GLY D 145 8.50 -27.01 -17.95
C GLY D 145 7.94 -25.69 -18.43
N GLU D 146 6.86 -25.74 -19.20
CA GLU D 146 6.23 -24.54 -19.72
C GLU D 146 4.85 -24.40 -19.07
N PRO D 147 4.33 -23.16 -19.01
CA PRO D 147 3.00 -22.90 -18.46
C PRO D 147 1.87 -23.70 -19.09
N GLY D 148 0.85 -23.97 -18.30
CA GLY D 148 -0.28 -24.73 -18.78
C GLY D 148 -1.17 -25.18 -17.66
N TRP D 149 -2.28 -25.79 -18.05
CA TRP D 149 -3.36 -26.15 -17.15
C TRP D 149 -3.71 -27.62 -17.33
N VAL D 150 -3.82 -28.33 -16.22
CA VAL D 150 -4.38 -29.70 -16.26
C VAL D 150 -5.58 -29.68 -15.34
N THR D 151 -6.74 -30.02 -15.88
CA THR D 151 -7.97 -29.94 -15.12
C THR D 151 -8.57 -31.32 -14.84
N ILE D 152 -8.77 -31.61 -13.55
CA ILE D 152 -9.47 -32.82 -13.12
C ILE D 152 -10.89 -32.39 -12.80
N HIS D 153 -11.86 -32.94 -13.54
CA HIS D 153 -13.25 -32.53 -13.34
C HIS D 153 -14.21 -33.68 -13.10
N GLY D 154 -15.22 -33.39 -12.29
CA GLY D 154 -16.19 -34.39 -11.87
C GLY D 154 -17.01 -33.90 -10.68
N MET D 155 -18.01 -34.68 -10.34
CA MET D 155 -18.95 -34.30 -9.30
C MET D 155 -18.29 -34.15 -7.92
N ALA D 156 -18.94 -33.39 -7.07
CA ALA D 156 -18.54 -33.25 -5.66
C ALA D 156 -18.44 -34.62 -4.99
N GLY D 157 -17.35 -34.83 -4.27
CA GLY D 157 -17.12 -36.10 -3.57
C GLY D 157 -16.67 -37.31 -4.40
N CYS D 158 -16.42 -37.14 -5.69
CA CYS D 158 -16.03 -38.29 -6.51
C CYS D 158 -14.58 -38.75 -6.34
N GLY D 159 -13.80 -38.00 -5.55
CA GLY D 159 -12.41 -38.32 -5.20
C GLY D 159 -11.34 -37.52 -5.95
N LYS D 160 -11.67 -36.33 -6.45
CA LYS D 160 -10.73 -35.57 -7.29
C LYS D 160 -9.50 -35.06 -6.49
N SER D 161 -9.72 -34.62 -5.26
CA SER D 161 -8.62 -34.06 -4.49
C SER D 161 -7.65 -35.16 -4.06
N VAL D 162 -8.19 -36.31 -3.69
CA VAL D 162 -7.40 -37.49 -3.44
C VAL D 162 -6.60 -37.91 -4.71
N LEU D 163 -7.19 -37.82 -5.88
CA LEU D 163 -6.52 -38.14 -7.12
C LEU D 163 -5.39 -37.16 -7.44
N ALA D 164 -5.62 -35.88 -7.22
CA ALA D 164 -4.60 -34.85 -7.49
C ALA D 164 -3.36 -35.03 -6.63
N ALA D 165 -3.57 -35.35 -5.36
CA ALA D 165 -2.47 -35.65 -4.43
C ALA D 165 -1.72 -36.93 -4.83
N GLU D 166 -2.45 -38.00 -5.17
CA GLU D 166 -1.80 -39.24 -5.61
C GLU D 166 -0.97 -39.05 -6.85
N ALA D 167 -1.46 -38.29 -7.81
CA ALA D 167 -0.70 -38.02 -9.04
C ALA D 167 0.70 -37.44 -8.80
N VAL D 168 0.86 -36.62 -7.77
CA VAL D 168 2.19 -36.06 -7.47
C VAL D 168 2.97 -36.86 -6.44
N ARG D 169 2.34 -37.94 -5.93
CA ARG D 169 2.95 -38.82 -4.95
C ARG D 169 3.81 -39.84 -5.72
N ASP D 170 4.72 -39.32 -6.54
CA ASP D 170 5.55 -40.15 -7.43
C ASP D 170 6.93 -39.50 -7.61
N HIS D 171 8.00 -40.24 -7.31
CA HIS D 171 9.36 -39.74 -7.39
C HIS D 171 9.81 -39.27 -8.79
N SER D 172 9.60 -40.11 -9.78
CA SER D 172 10.04 -39.85 -11.15
C SER D 172 9.38 -38.62 -11.75
N LEU D 173 8.05 -38.58 -11.64
CA LEU D 173 7.29 -37.43 -12.06
C LEU D 173 7.74 -36.17 -11.38
N LEU D 174 7.90 -36.25 -10.05
CA LEU D 174 8.24 -35.06 -9.28
C LEU D 174 9.65 -34.58 -9.65
N GLU D 175 10.63 -35.49 -9.62
CA GLU D 175 12.01 -35.16 -9.93
C GLU D 175 12.19 -34.74 -11.39
N GLY D 176 11.56 -35.46 -12.30
CA GLY D 176 11.66 -35.16 -13.71
C GLY D 176 10.86 -33.97 -14.22
N CYS D 177 9.66 -33.77 -13.67
CA CYS D 177 8.80 -32.71 -14.18
C CYS D 177 8.77 -31.48 -13.31
N PHE D 178 8.88 -31.65 -11.99
CA PHE D 178 8.67 -30.56 -11.04
C PHE D 178 9.71 -30.46 -9.94
N PRO D 179 10.99 -30.26 -10.34
CA PRO D 179 12.11 -30.13 -9.39
C PRO D 179 11.97 -28.95 -8.42
N GLY D 180 11.12 -27.98 -8.75
CA GLY D 180 10.80 -26.86 -7.88
C GLY D 180 9.73 -27.14 -6.84
N GLY D 181 9.16 -28.35 -6.87
CA GLY D 181 8.19 -28.78 -5.87
C GLY D 181 6.75 -28.60 -6.31
N VAL D 182 5.85 -28.72 -5.33
CA VAL D 182 4.42 -28.59 -5.55
C VAL D 182 3.90 -27.80 -4.37
N HIS D 183 2.89 -26.97 -4.62
CA HIS D 183 2.21 -26.26 -3.53
C HIS D 183 0.73 -26.43 -3.74
N TRP D 184 0.05 -26.86 -2.70
CA TRP D 184 -1.37 -27.12 -2.72
C TRP D 184 -2.15 -25.95 -2.19
N VAL D 185 -3.16 -25.49 -2.94
CA VAL D 185 -4.05 -24.43 -2.50
C VAL D 185 -5.47 -24.96 -2.47
N SER D 186 -6.07 -24.95 -1.28
CA SER D 186 -7.51 -25.26 -1.11
C SER D 186 -8.31 -24.00 -1.42
N VAL D 187 -9.12 -24.02 -2.46
CA VAL D 187 -9.78 -22.82 -2.91
C VAL D 187 -11.25 -22.89 -2.50
N GLY D 188 -12.00 -23.75 -3.14
CA GLY D 188 -13.45 -23.78 -2.98
C GLY D 188 -14.19 -22.56 -3.53
N LYS D 189 -15.48 -22.48 -3.23
CA LYS D 189 -16.31 -21.35 -3.68
C LYS D 189 -15.90 -20.11 -2.90
N GLN D 190 -15.47 -19.08 -3.62
CA GLN D 190 -14.99 -17.86 -2.99
C GLN D 190 -15.56 -16.64 -3.70
N ASP D 191 -15.80 -15.58 -2.90
CA ASP D 191 -16.00 -14.23 -3.41
C ASP D 191 -14.62 -13.55 -3.44
N LYS D 192 -14.56 -12.28 -3.80
CA LYS D 192 -13.26 -11.58 -3.95
C LYS D 192 -12.47 -11.55 -2.65
N SER D 193 -13.13 -11.25 -1.54
CA SER D 193 -12.43 -11.12 -0.24
C SER D 193 -12.03 -12.49 0.32
N GLY D 194 -12.82 -13.50 -0.02
CA GLY D 194 -12.50 -14.90 0.29
C GLY D 194 -11.28 -15.39 -0.47
N LEU D 195 -11.23 -15.08 -1.75
CA LEU D 195 -10.05 -15.44 -2.52
C LEU D 195 -8.81 -14.67 -2.06
N LEU D 196 -8.97 -13.39 -1.74
CA LEU D 196 -7.84 -12.59 -1.21
C LEU D 196 -7.25 -13.22 0.05
N MET D 197 -8.11 -13.65 0.96
CA MET D 197 -7.63 -14.36 2.16
C MET D 197 -6.75 -15.54 1.78
N LYS D 198 -7.21 -16.33 0.81
CA LYS D 198 -6.46 -17.51 0.34
C LYS D 198 -5.17 -17.12 -0.35
N LEU D 199 -5.21 -16.09 -1.19
CA LEU D 199 -3.98 -15.60 -1.84
C LEU D 199 -2.97 -15.05 -0.83
N GLN D 200 -3.43 -14.30 0.18
CA GLN D 200 -2.51 -13.75 1.20
C GLN D 200 -1.77 -14.89 1.97
N ASN D 201 -2.53 -15.89 2.38
CA ASN D 201 -1.96 -17.08 3.00
C ASN D 201 -0.96 -17.86 2.09
N LEU D 202 -1.29 -17.96 0.79
CA LEU D 202 -0.40 -18.58 -0.18
C LEU D 202 0.89 -17.81 -0.38
N CYS D 203 0.79 -16.48 -0.48
CA CYS D 203 1.99 -15.68 -0.65
C CYS D 203 2.92 -15.79 0.55
N THR D 204 2.35 -15.89 1.75
CA THR D 204 3.14 -16.09 2.95
C THR D 204 3.86 -17.45 2.92
N ARG D 205 3.14 -18.51 2.53
CA ARG D 205 3.72 -19.85 2.41
C ARG D 205 4.85 -19.92 1.40
N LEU D 206 4.71 -19.20 0.29
CA LEU D 206 5.67 -19.28 -0.80
C LEU D 206 6.92 -18.43 -0.57
N ASP D 207 6.91 -17.58 0.45
CA ASP D 207 8.05 -16.72 0.77
C ASP D 207 8.30 -16.75 2.28
N GLN D 208 8.70 -17.92 2.78
CA GLN D 208 8.93 -18.07 4.20
C GLN D 208 10.21 -17.37 4.62
N ASP D 209 11.31 -17.65 3.93
CA ASP D 209 12.60 -16.99 4.23
C ASP D 209 12.55 -15.48 4.05
N GLU D 210 11.42 -14.97 3.56
CA GLU D 210 11.10 -13.54 3.52
C GLU D 210 12.01 -12.70 2.60
N SER D 211 12.52 -13.32 1.54
CA SER D 211 13.39 -12.66 0.57
C SER D 211 12.66 -11.60 -0.28
N PHE D 212 11.33 -11.58 -0.16
CA PHE D 212 10.48 -10.59 -0.81
C PHE D 212 9.61 -9.94 0.26
N SER D 213 8.64 -9.12 -0.14
CA SER D 213 7.96 -8.19 0.79
C SER D 213 7.48 -8.85 2.09
N GLN D 214 7.65 -8.14 3.21
CA GLN D 214 7.18 -8.62 4.51
C GLN D 214 5.68 -8.39 4.69
N ARG D 215 5.13 -7.44 3.96
CA ARG D 215 3.70 -7.14 4.04
C ARG D 215 2.90 -7.95 3.01
N LEU D 216 1.66 -8.27 3.35
CA LEU D 216 0.79 -9.04 2.49
C LEU D 216 0.30 -8.20 1.31
N PRO D 217 -0.02 -8.86 0.18
CA PRO D 217 -0.70 -8.17 -0.91
C PRO D 217 -2.08 -7.76 -0.40
N LEU D 218 -2.54 -6.59 -0.83
CA LEU D 218 -3.70 -5.96 -0.20
C LEU D 218 -4.93 -6.03 -1.04
N ASN D 219 -4.78 -6.44 -2.27
CA ASN D 219 -5.91 -6.69 -3.17
C ASN D 219 -5.55 -7.82 -4.16
N ILE D 220 -6.52 -8.24 -4.95
CA ILE D 220 -6.31 -9.36 -5.85
C ILE D 220 -5.27 -9.08 -6.93
N GLU D 221 -5.25 -7.87 -7.47
CA GLU D 221 -4.25 -7.51 -8.50
C GLU D 221 -2.84 -7.57 -7.95
N GLU D 222 -2.63 -7.01 -6.75
CA GLU D 222 -1.32 -7.09 -6.08
C GLU D 222 -0.90 -8.53 -5.75
N ALA D 223 -1.86 -9.34 -5.33
CA ALA D 223 -1.59 -10.72 -4.96
C ALA D 223 -1.25 -11.55 -6.21
N LYS D 224 -1.94 -11.29 -7.31
CA LYS D 224 -1.66 -11.97 -8.58
C LYS D 224 -0.24 -11.63 -9.04
N ASP D 225 0.09 -10.34 -9.00
CA ASP D 225 1.45 -9.87 -9.27
C ASP D 225 2.54 -10.47 -8.34
N ARG D 226 2.27 -10.52 -7.05
CA ARG D 226 3.23 -11.08 -6.14
C ARG D 226 3.42 -12.57 -6.39
N LEU D 227 2.33 -13.28 -6.68
CA LEU D 227 2.38 -14.68 -6.98
C LEU D 227 3.23 -14.93 -8.23
N ARG D 228 3.07 -14.08 -9.23
CA ARG D 228 3.89 -14.14 -10.45
C ARG D 228 5.38 -14.08 -10.14
N ILE D 229 5.76 -13.16 -9.26
CA ILE D 229 7.15 -12.94 -8.89
C ILE D 229 7.70 -14.11 -8.05
N LEU D 230 6.92 -14.58 -7.09
CA LEU D 230 7.38 -15.68 -6.23
C LEU D 230 7.51 -16.99 -7.03
N MET D 231 6.65 -17.22 -8.01
CA MET D 231 6.74 -18.45 -8.80
C MET D 231 7.91 -18.41 -9.78
N LEU D 232 8.24 -17.23 -10.23
CA LEU D 232 9.38 -17.01 -11.11
C LEU D 232 10.70 -17.05 -10.34
N ARG D 233 10.78 -16.26 -9.27
CA ARG D 233 12.04 -16.10 -8.54
C ARG D 233 12.29 -17.13 -7.43
N LYS D 234 11.25 -17.74 -6.89
CA LYS D 234 11.42 -18.68 -5.78
C LYS D 234 11.06 -20.07 -6.14
N HIS D 235 10.10 -20.23 -7.05
CA HIS D 235 9.56 -21.58 -7.31
C HIS D 235 9.48 -21.91 -8.78
N PRO D 236 10.58 -21.68 -9.52
CA PRO D 236 10.54 -22.01 -10.92
C PRO D 236 10.46 -23.52 -11.06
N ARG D 237 9.96 -24.00 -12.20
CA ARG D 237 9.78 -25.45 -12.46
C ARG D 237 9.02 -26.24 -11.37
N SER D 238 7.94 -25.65 -10.87
CA SER D 238 7.11 -26.24 -9.82
C SER D 238 5.68 -26.33 -10.29
N LEU D 239 4.87 -27.07 -9.56
CA LEU D 239 3.44 -27.17 -9.83
C LEU D 239 2.63 -26.47 -8.72
N LEU D 240 1.61 -25.74 -9.14
CA LEU D 240 0.59 -25.22 -8.25
C LEU D 240 -0.63 -26.11 -8.39
N ILE D 241 -1.12 -26.68 -7.28
CA ILE D 241 -2.36 -27.44 -7.27
C ILE D 241 -3.49 -26.67 -6.59
N LEU D 242 -4.55 -26.40 -7.36
CA LEU D 242 -5.72 -25.64 -6.92
C LEU D 242 -6.91 -26.58 -6.72
N ASP D 243 -7.35 -26.72 -5.50
CA ASP D 243 -8.40 -27.66 -5.20
C ASP D 243 -9.75 -26.97 -5.20
N ASP D 244 -10.63 -27.42 -6.09
CA ASP D 244 -12.04 -26.99 -6.13
C ASP D 244 -12.25 -25.51 -6.52
N VAL D 245 -11.96 -25.24 -7.79
CA VAL D 245 -12.14 -23.92 -8.39
C VAL D 245 -13.56 -23.89 -8.93
N TRP D 246 -14.29 -22.84 -8.58
CA TRP D 246 -15.72 -22.70 -8.99
C TRP D 246 -15.93 -21.69 -10.11
N ASP D 247 -15.01 -20.75 -10.26
CA ASP D 247 -15.23 -19.66 -11.20
C ASP D 247 -14.00 -19.37 -12.04
N SER D 248 -14.24 -19.06 -13.32
CA SER D 248 -13.15 -18.74 -14.23
C SER D 248 -12.37 -17.46 -13.82
N TRP D 249 -13.06 -16.51 -13.17
CA TRP D 249 -12.41 -15.32 -12.64
C TRP D 249 -11.40 -15.68 -11.56
N VAL D 250 -11.67 -16.72 -10.81
CA VAL D 250 -10.70 -17.15 -9.80
C VAL D 250 -9.40 -17.63 -10.45
N LEU D 251 -9.54 -18.42 -11.50
CA LEU D 251 -8.40 -18.97 -12.23
C LEU D 251 -7.50 -17.89 -12.87
N LYS D 252 -8.12 -16.78 -13.30
CA LYS D 252 -7.41 -15.62 -13.83
C LYS D 252 -6.47 -14.97 -12.80
N ALA D 253 -6.84 -15.03 -11.52
CA ALA D 253 -5.95 -14.58 -10.40
C ALA D 253 -4.64 -15.37 -10.31
N PHE D 254 -4.66 -16.59 -10.85
CA PHE D 254 -3.51 -17.49 -10.91
C PHE D 254 -2.85 -17.59 -12.28
N ASP D 255 -3.26 -16.76 -13.22
CA ASP D 255 -2.76 -16.83 -14.58
C ASP D 255 -1.46 -16.04 -14.73
N SER D 256 -0.36 -16.61 -14.23
CA SER D 256 0.91 -15.88 -14.13
C SER D 256 2.12 -16.69 -14.59
N GLN D 257 1.96 -17.35 -15.75
CA GLN D 257 3.02 -18.13 -16.41
C GLN D 257 3.45 -19.33 -15.55
N CYS D 258 2.46 -19.99 -14.93
CA CYS D 258 2.64 -21.13 -14.01
C CYS D 258 2.21 -22.44 -14.64
N GLN D 259 2.62 -23.54 -14.01
CA GLN D 259 2.11 -24.86 -14.30
C GLN D 259 1.10 -25.21 -13.24
N ILE D 260 -0.12 -25.46 -13.67
CA ILE D 260 -1.24 -25.58 -12.73
C ILE D 260 -2.05 -26.86 -12.92
N LEU D 261 -2.25 -27.58 -11.84
CA LEU D 261 -3.22 -28.64 -11.75
C LEU D 261 -4.35 -28.11 -10.90
N LEU D 262 -5.57 -28.29 -11.38
CA LEU D 262 -6.76 -27.88 -10.63
C LEU D 262 -7.86 -28.94 -10.66
N THR D 263 -8.68 -28.96 -9.62
CA THR D 263 -9.88 -29.78 -9.60
C THR D 263 -11.08 -28.82 -9.66
N THR D 264 -12.16 -29.32 -10.26
CA THR D 264 -13.37 -28.54 -10.47
C THR D 264 -14.58 -29.44 -10.71
N ARG D 265 -15.75 -28.99 -10.29
CA ARG D 265 -17.01 -29.61 -10.73
C ARG D 265 -17.42 -29.06 -12.10
N ASP D 266 -16.83 -27.93 -12.53
CA ASP D 266 -17.23 -27.27 -13.78
C ASP D 266 -16.03 -27.09 -14.71
N LYS D 267 -15.95 -27.93 -15.75
CA LYS D 267 -14.86 -27.86 -16.72
C LYS D 267 -14.73 -26.52 -17.46
N SER D 268 -15.76 -25.68 -17.43
CA SER D 268 -15.70 -24.40 -18.12
C SER D 268 -14.94 -23.31 -17.37
N VAL D 269 -14.44 -23.61 -16.15
CA VAL D 269 -13.71 -22.63 -15.37
C VAL D 269 -12.42 -22.15 -16.03
N THR D 270 -12.01 -22.86 -17.07
CA THR D 270 -10.78 -22.54 -17.76
C THR D 270 -10.97 -21.66 -19.01
N ASP D 271 -12.18 -21.15 -19.19
CA ASP D 271 -12.55 -20.40 -20.40
C ASP D 271 -11.93 -19.02 -20.54
N SER D 272 -11.64 -18.37 -19.42
CA SER D 272 -11.08 -17.02 -19.44
C SER D 272 -9.55 -17.03 -19.46
N VAL D 273 -8.98 -18.22 -19.57
CA VAL D 273 -7.56 -18.43 -19.40
C VAL D 273 -7.03 -19.07 -20.69
N MET D 274 -5.75 -18.87 -20.96
CA MET D 274 -5.14 -19.37 -22.19
C MET D 274 -3.86 -20.16 -21.97
N GLY D 275 -3.44 -20.84 -23.03
CA GLY D 275 -2.25 -21.68 -23.02
C GLY D 275 -2.71 -23.11 -23.16
N PRO D 276 -1.77 -24.07 -23.03
CA PRO D 276 -2.07 -25.49 -23.14
C PRO D 276 -3.04 -25.91 -22.05
N LYS D 277 -4.04 -26.68 -22.45
CA LYS D 277 -5.10 -27.13 -21.55
C LYS D 277 -5.33 -28.62 -21.74
N TYR D 278 -5.21 -29.37 -20.66
CA TYR D 278 -5.44 -30.80 -20.65
C TYR D 278 -6.54 -31.10 -19.64
N VAL D 279 -7.32 -32.11 -19.91
CA VAL D 279 -8.49 -32.39 -19.09
C VAL D 279 -8.53 -33.88 -18.76
N VAL D 280 -8.87 -34.20 -17.52
CA VAL D 280 -9.13 -35.58 -17.10
C VAL D 280 -10.52 -35.66 -16.46
N PRO D 281 -11.47 -36.29 -17.16
CA PRO D 281 -12.79 -36.51 -16.53
C PRO D 281 -12.74 -37.61 -15.48
N VAL D 282 -13.38 -37.40 -14.34
CA VAL D 282 -13.50 -38.44 -13.32
C VAL D 282 -14.95 -38.93 -13.29
N GLU D 283 -15.09 -40.23 -13.31
CA GLU D 283 -16.38 -40.91 -13.25
C GLU D 283 -17.08 -40.54 -11.95
N SER D 284 -18.40 -40.33 -12.06
CA SER D 284 -19.22 -39.82 -10.98
C SER D 284 -19.34 -40.83 -9.86
N SER D 285 -19.16 -42.08 -10.23
CA SER D 285 -19.23 -43.19 -9.31
C SER D 285 -17.93 -43.99 -9.31
N LEU D 286 -17.45 -44.31 -8.11
CA LEU D 286 -16.44 -45.34 -7.89
C LEU D 286 -17.13 -46.68 -8.29
N GLY D 287 -16.39 -47.61 -8.87
CA GLY D 287 -17.02 -48.88 -9.27
C GLY D 287 -17.24 -49.78 -8.05
N LYS D 288 -18.15 -50.76 -8.20
CA LYS D 288 -18.47 -51.75 -7.19
C LYS D 288 -17.25 -52.38 -6.51
N GLU D 289 -16.31 -52.85 -7.33
CA GLU D 289 -15.15 -53.58 -6.81
C GLU D 289 -14.25 -52.73 -5.94
N LYS D 290 -14.03 -51.50 -6.36
CA LYS D 290 -13.22 -50.57 -5.58
C LYS D 290 -13.94 -50.11 -4.30
N GLY D 291 -15.26 -49.98 -4.37
CA GLY D 291 -16.06 -49.74 -3.17
C GLY D 291 -15.97 -50.89 -2.20
N LEU D 292 -16.14 -52.11 -2.68
CA LEU D 292 -15.95 -53.31 -1.85
C LEU D 292 -14.55 -53.36 -1.26
N GLU D 293 -13.55 -52.96 -2.04
CA GLU D 293 -12.17 -52.95 -1.57
C GLU D 293 -12.00 -51.95 -0.41
N ILE D 294 -12.67 -50.80 -0.49
CA ILE D 294 -12.63 -49.85 0.61
C ILE D 294 -13.20 -50.48 1.87
N LEU D 295 -14.36 -51.11 1.76
CA LEU D 295 -14.98 -51.80 2.90
C LEU D 295 -14.07 -52.86 3.50
N SER D 296 -13.46 -53.70 2.65
CA SER D 296 -12.58 -54.76 3.10
C SER D 296 -11.38 -54.24 3.89
N LEU D 297 -10.86 -53.09 3.49
CA LEU D 297 -9.72 -52.50 4.16
C LEU D 297 -10.12 -51.92 5.52
N PHE D 298 -11.29 -51.30 5.58
CA PHE D 298 -11.84 -50.83 6.84
C PHE D 298 -12.09 -52.01 7.80
N VAL D 299 -12.65 -53.12 7.32
CA VAL D 299 -13.02 -54.24 8.24
C VAL D 299 -11.94 -55.30 8.36
N ASN D 300 -10.85 -55.11 7.61
CA ASN D 300 -9.70 -55.99 7.70
C ASN D 300 -10.07 -57.43 7.34
N MET D 301 -10.64 -57.61 6.16
CA MET D 301 -10.80 -58.94 5.59
C MET D 301 -10.58 -58.86 4.11
N LYS D 302 -10.28 -59.99 3.49
CA LYS D 302 -10.21 -60.11 2.07
C LYS D 302 -11.58 -59.80 1.49
N LYS D 303 -11.58 -59.25 0.29
CA LYS D 303 -12.81 -58.90 -0.43
C LYS D 303 -13.73 -60.12 -0.54
N ALA D 304 -13.14 -61.27 -0.91
CA ALA D 304 -13.89 -62.54 -1.13
C ALA D 304 -14.49 -63.12 0.15
N ASP D 305 -14.04 -62.64 1.31
CA ASP D 305 -14.56 -63.06 2.62
C ASP D 305 -15.57 -62.08 3.21
N LEU D 306 -15.95 -61.06 2.44
CA LEU D 306 -16.97 -60.13 2.90
C LEU D 306 -18.32 -60.87 2.95
N PRO D 307 -19.17 -60.52 3.91
CA PRO D 307 -20.52 -61.05 3.87
C PRO D 307 -21.36 -60.53 2.70
N GLU D 308 -22.52 -61.16 2.51
CA GLU D 308 -23.44 -60.93 1.39
C GLU D 308 -23.99 -59.52 1.33
N GLN D 309 -24.17 -58.94 2.52
CA GLN D 309 -24.69 -57.60 2.68
C GLN D 309 -23.79 -56.55 2.06
N ALA D 310 -22.49 -56.83 1.96
CA ALA D 310 -21.51 -55.87 1.48
C ALA D 310 -21.83 -55.33 0.06
N HIS D 311 -22.31 -56.20 -0.82
CA HIS D 311 -22.64 -55.86 -2.21
C HIS D 311 -23.91 -55.01 -2.29
N SER D 312 -24.86 -55.29 -1.41
CA SER D 312 -26.03 -54.45 -1.20
C SER D 312 -25.73 -53.07 -0.60
N ILE D 313 -24.81 -53.02 0.34
CA ILE D 313 -24.36 -51.78 0.95
C ILE D 313 -23.67 -50.86 -0.08
N ILE D 314 -22.84 -51.45 -0.93
CA ILE D 314 -22.18 -50.70 -1.98
C ILE D 314 -23.18 -50.10 -2.95
N LYS D 315 -24.17 -50.90 -3.36
CA LYS D 315 -25.27 -50.44 -4.19
C LYS D 315 -25.99 -49.24 -3.55
N GLU D 316 -26.23 -49.32 -2.24
CA GLU D 316 -26.84 -48.23 -1.47
C GLU D 316 -25.99 -46.97 -1.35
N CYS D 317 -24.67 -47.11 -1.47
CA CYS D 317 -23.76 -46.00 -1.38
C CYS D 317 -23.67 -45.17 -2.66
N LYS D 318 -24.19 -45.73 -3.75
CA LYS D 318 -24.33 -45.05 -5.06
C LYS D 318 -23.00 -44.51 -5.59
N GLY D 319 -21.93 -45.28 -5.40
CA GLY D 319 -20.60 -44.93 -5.91
C GLY D 319 -19.82 -43.82 -5.19
N SER D 320 -20.37 -43.21 -4.14
CA SER D 320 -19.63 -42.15 -3.44
C SER D 320 -18.58 -42.73 -2.47
N PRO D 321 -17.28 -42.47 -2.73
CA PRO D 321 -16.25 -42.94 -1.81
C PRO D 321 -16.28 -42.37 -0.39
N LEU D 322 -16.83 -41.17 -0.19
CA LEU D 322 -17.02 -40.65 1.18
C LEU D 322 -18.05 -41.50 1.93
N VAL D 323 -19.17 -41.80 1.28
CA VAL D 323 -20.24 -42.58 1.87
C VAL D 323 -19.74 -44.01 2.17
N VAL D 324 -19.10 -44.64 1.20
CA VAL D 324 -18.51 -45.93 1.41
C VAL D 324 -17.59 -45.88 2.61
N SER D 325 -16.81 -44.83 2.74
CA SER D 325 -15.85 -44.70 3.84
C SER D 325 -16.50 -44.54 5.19
N LEU D 326 -17.57 -43.74 5.25
CA LEU D 326 -18.40 -43.57 6.47
C LEU D 326 -18.99 -44.88 6.96
N ILE D 327 -19.53 -45.66 6.03
CA ILE D 327 -20.13 -46.95 6.33
C ILE D 327 -19.07 -47.97 6.72
N GLY D 328 -17.96 -48.02 5.99
CA GLY D 328 -16.84 -48.92 6.30
C GLY D 328 -16.31 -48.71 7.71
N ALA D 329 -16.22 -47.45 8.12
CA ALA D 329 -15.76 -47.11 9.48
C ALA D 329 -16.76 -47.61 10.54
N LEU D 330 -18.05 -47.40 10.28
CA LEU D 330 -19.10 -47.96 11.15
C LEU D 330 -19.01 -49.48 11.28
N LEU D 331 -18.81 -50.15 10.15
CA LEU D 331 -18.72 -51.61 10.15
C LEU D 331 -17.47 -52.07 10.90
N ARG D 332 -16.35 -51.37 10.76
CA ARG D 332 -15.15 -51.66 11.55
C ARG D 332 -15.45 -51.50 13.06
N ASP D 333 -16.16 -50.43 13.39
CA ASP D 333 -16.44 -50.04 14.79
C ASP D 333 -17.50 -50.88 15.48
N PHE D 334 -18.41 -51.45 14.70
CA PHE D 334 -19.54 -52.27 15.19
C PHE D 334 -19.65 -53.50 14.27
N PRO D 335 -18.72 -54.47 14.44
CA PRO D 335 -18.32 -55.52 13.47
C PRO D 335 -19.31 -56.60 13.01
N ASN D 336 -20.34 -56.91 13.78
CA ASN D 336 -21.25 -57.98 13.35
C ASN D 336 -22.65 -57.44 13.08
N ARG D 337 -22.70 -56.26 12.46
CA ARG D 337 -23.96 -55.51 12.27
C ARG D 337 -24.29 -55.19 10.80
N TRP D 338 -23.80 -56.03 9.90
CA TRP D 338 -23.94 -55.87 8.46
C TRP D 338 -25.39 -55.76 8.00
N GLU D 339 -26.23 -56.64 8.55
CA GLU D 339 -27.67 -56.62 8.27
C GLU D 339 -28.35 -55.37 8.86
N TYR D 340 -28.02 -55.05 10.11
CA TYR D 340 -28.56 -53.87 10.76
C TYR D 340 -28.28 -52.59 9.96
N TYR D 341 -27.05 -52.37 9.53
CA TYR D 341 -26.70 -51.17 8.83
C TYR D 341 -27.18 -51.15 7.37
N LEU D 342 -27.21 -52.30 6.71
CA LEU D 342 -27.83 -52.38 5.38
C LEU D 342 -29.28 -51.88 5.42
N LYS D 343 -30.04 -52.35 6.43
CA LYS D 343 -31.44 -51.95 6.61
C LYS D 343 -31.63 -50.44 6.88
N GLN D 344 -30.81 -49.88 7.77
CA GLN D 344 -30.76 -48.44 8.03
C GLN D 344 -30.54 -47.63 6.73
N LEU D 345 -29.62 -48.08 5.89
CA LEU D 345 -29.34 -47.46 4.61
C LEU D 345 -30.48 -47.59 3.61
N GLN D 346 -31.17 -48.73 3.62
CA GLN D 346 -32.34 -48.94 2.75
C GLN D 346 -33.60 -48.20 3.24
N ASN D 347 -33.73 -48.03 4.55
CA ASN D 347 -34.85 -47.32 5.16
C ASN D 347 -34.40 -45.92 5.55
N LYS D 348 -34.38 -45.02 4.57
CA LYS D 348 -33.79 -43.69 4.77
C LYS D 348 -34.74 -42.77 5.51
N GLN D 349 -34.33 -42.31 6.69
CA GLN D 349 -35.19 -41.51 7.59
C GLN D 349 -34.84 -40.02 7.66
N PHE D 350 -33.68 -39.62 7.14
CA PHE D 350 -33.23 -38.23 7.26
C PHE D 350 -34.02 -37.28 6.35
N LYS D 351 -34.31 -36.08 6.85
CA LYS D 351 -35.16 -35.10 6.15
C LYS D 351 -34.39 -33.86 5.70
N ARG D 352 -33.97 -33.85 4.44
CA ARG D 352 -33.54 -32.63 3.78
C ARG D 352 -34.66 -31.60 3.74
N ILE D 353 -34.31 -30.38 4.09
CA ILE D 353 -35.22 -29.26 4.05
C ILE D 353 -34.85 -28.45 2.82
N ARG D 354 -33.59 -28.01 2.77
CA ARG D 354 -33.01 -27.40 1.58
C ARG D 354 -32.79 -28.52 0.57
N LYS D 355 -33.88 -29.05 0.00
CA LYS D 355 -33.81 -30.25 -0.86
C LYS D 355 -33.10 -29.90 -2.15
N SER D 356 -31.77 -30.00 -2.10
CA SER D 356 -30.89 -29.16 -2.93
C SER D 356 -30.21 -29.81 -4.14
N SER D 357 -29.24 -29.06 -4.67
CA SER D 357 -28.88 -29.12 -6.07
C SER D 357 -27.65 -30.01 -6.36
N SER D 358 -26.47 -29.40 -6.41
CA SER D 358 -25.27 -29.97 -7.06
C SER D 358 -25.20 -31.51 -7.17
N TYR D 359 -25.67 -32.20 -6.14
CA TYR D 359 -25.47 -33.62 -5.95
C TYR D 359 -26.75 -34.22 -5.30
N ASP D 360 -26.80 -35.54 -5.26
CA ASP D 360 -27.81 -36.30 -4.52
C ASP D 360 -27.31 -36.63 -3.14
N TYR D 361 -27.94 -36.06 -2.14
CA TYR D 361 -27.52 -36.17 -0.77
C TYR D 361 -27.94 -37.50 -0.10
N GLU D 362 -29.00 -38.11 -0.62
CA GLU D 362 -29.77 -39.15 0.11
C GLU D 362 -28.87 -40.14 0.89
N ALA D 363 -27.90 -40.72 0.20
CA ALA D 363 -27.01 -41.72 0.80
C ALA D 363 -25.98 -41.09 1.74
N LEU D 364 -25.38 -39.98 1.35
CA LEU D 364 -24.46 -39.28 2.23
C LEU D 364 -25.14 -38.83 3.53
N ASP D 365 -26.31 -38.22 3.42
CA ASP D 365 -27.09 -37.78 4.59
C ASP D 365 -27.37 -38.92 5.56
N GLU D 366 -27.81 -40.04 5.03
CA GLU D 366 -28.12 -41.19 5.86
C GLU D 366 -26.88 -41.78 6.52
N ALA D 367 -25.81 -41.91 5.74
CA ALA D 367 -24.53 -42.42 6.26
C ALA D 367 -23.99 -41.52 7.37
N MET D 368 -24.03 -40.20 7.15
CA MET D 368 -23.65 -39.25 8.18
C MET D 368 -24.54 -39.39 9.41
N SER D 369 -25.84 -39.51 9.18
CA SER D 369 -26.80 -39.60 10.28
C SER D 369 -26.63 -40.84 11.15
N ILE D 370 -26.39 -41.97 10.52
CA ILE D 370 -26.12 -43.22 11.24
C ILE D 370 -24.78 -43.13 11.95
N SER D 371 -23.76 -42.63 11.28
CA SER D 371 -22.42 -42.50 11.89
C SER D 371 -22.45 -41.60 13.14
N VAL D 372 -23.06 -40.42 12.99
CA VAL D 372 -23.20 -39.47 14.09
C VAL D 372 -24.00 -40.08 15.26
N GLU D 373 -25.04 -40.84 14.94
CA GLU D 373 -25.86 -41.55 15.94
C GLU D 373 -25.08 -42.54 16.79
N MET D 374 -24.07 -43.17 16.21
CA MET D 374 -23.27 -44.17 16.89
C MET D 374 -22.09 -43.59 17.66
N LEU D 375 -21.90 -42.28 17.62
CA LEU D 375 -20.85 -41.62 18.43
C LEU D 375 -21.12 -41.84 19.91
N ARG D 376 -20.09 -42.24 20.67
CA ARG D 376 -20.27 -42.45 22.10
C ARG D 376 -20.76 -41.15 22.70
N GLU D 377 -21.57 -41.26 23.74
CA GLU D 377 -22.39 -40.15 24.18
C GLU D 377 -21.63 -38.91 24.62
N ASP D 378 -20.42 -39.07 25.17
CA ASP D 378 -19.71 -37.90 25.66
C ASP D 378 -18.88 -37.15 24.59
N ILE D 379 -18.98 -37.57 23.32
CA ILE D 379 -18.42 -36.74 22.24
C ILE D 379 -19.45 -36.27 21.20
N LYS D 380 -20.70 -36.72 21.30
CA LYS D 380 -21.76 -36.29 20.36
C LYS D 380 -21.93 -34.78 20.30
N ASP D 381 -21.90 -34.12 21.46
CA ASP D 381 -22.05 -32.67 21.49
C ASP D 381 -20.84 -31.97 20.91
N TYR D 382 -19.64 -32.48 21.17
CA TYR D 382 -18.47 -31.90 20.53
C TYR D 382 -18.62 -31.93 18.99
N TYR D 383 -19.12 -33.02 18.43
CA TYR D 383 -19.28 -33.10 16.98
C TYR D 383 -20.33 -32.11 16.46
N THR D 384 -21.42 -31.97 17.19
CA THR D 384 -22.43 -30.97 16.88
C THR D 384 -21.79 -29.59 16.81
N ASP D 385 -20.90 -29.28 17.75
CA ASP D 385 -20.21 -27.97 17.74
C ASP D 385 -19.50 -27.67 16.41
N LEU D 386 -19.01 -28.72 15.75
CA LEU D 386 -18.30 -28.52 14.50
C LEU D 386 -19.19 -28.05 13.38
N SER D 387 -20.49 -27.98 13.63
CA SER D 387 -21.42 -27.40 12.68
C SER D 387 -21.08 -25.96 12.32
N ILE D 388 -20.30 -25.26 13.16
CA ILE D 388 -19.93 -23.86 12.86
C ILE D 388 -18.68 -23.75 12.00
N LEU D 389 -18.03 -24.88 11.71
CA LEU D 389 -16.90 -24.90 10.77
C LEU D 389 -17.45 -24.61 9.36
N GLN D 390 -16.71 -23.82 8.61
CA GLN D 390 -17.15 -23.33 7.31
C GLN D 390 -16.52 -24.18 6.25
N LYS D 391 -17.10 -24.13 5.07
CA LYS D 391 -16.53 -24.84 3.94
C LYS D 391 -15.19 -24.19 3.60
N ASP D 392 -14.21 -25.00 3.21
CA ASP D 392 -12.92 -24.51 2.76
C ASP D 392 -12.15 -23.66 3.79
N VAL D 393 -12.34 -23.95 5.07
CA VAL D 393 -11.56 -23.33 6.14
C VAL D 393 -10.99 -24.46 6.99
N LYS D 394 -9.65 -24.49 7.11
CA LYS D 394 -8.91 -25.46 7.92
C LYS D 394 -8.55 -24.79 9.25
N VAL D 395 -9.12 -25.29 10.32
CA VAL D 395 -9.07 -24.62 11.60
C VAL D 395 -8.01 -25.21 12.51
N PRO D 396 -7.14 -24.36 13.09
CA PRO D 396 -6.09 -24.89 13.95
C PRO D 396 -6.68 -25.36 15.26
N THR D 397 -5.97 -26.28 15.89
CA THR D 397 -6.37 -26.89 17.16
C THR D 397 -6.79 -25.89 18.22
N LYS D 398 -6.04 -24.80 18.31
CA LYS D 398 -6.20 -23.79 19.38
C LYS D 398 -7.59 -23.21 19.38
N VAL D 399 -8.19 -23.06 18.20
CA VAL D 399 -9.56 -22.56 18.08
C VAL D 399 -10.54 -23.47 18.80
N LEU D 400 -10.32 -24.77 18.72
CA LEU D 400 -11.21 -25.74 19.35
C LEU D 400 -10.92 -25.90 20.84
N CYS D 401 -9.66 -25.80 21.23
CA CYS D 401 -9.31 -25.66 22.64
C CYS D 401 -10.12 -24.58 23.32
N ILE D 402 -10.22 -23.45 22.64
CA ILE D 402 -10.95 -22.27 23.13
C ILE D 402 -12.44 -22.57 23.23
N LEU D 403 -13.01 -23.08 22.13
CA LEU D 403 -14.43 -23.47 22.04
C LEU D 403 -14.80 -24.40 23.18
N TRP D 404 -13.93 -25.38 23.43
CA TRP D 404 -14.25 -26.44 24.38
C TRP D 404 -13.56 -26.27 25.72
N ASP D 405 -12.77 -25.22 25.87
CA ASP D 405 -12.09 -24.94 27.12
C ASP D 405 -11.26 -26.15 27.57
N MET D 406 -10.54 -26.75 26.62
CA MET D 406 -9.77 -27.95 26.87
C MET D 406 -8.34 -27.77 26.44
N GLU D 407 -7.47 -28.58 27.02
CA GLU D 407 -6.06 -28.62 26.65
C GLU D 407 -5.89 -29.39 25.34
N THR D 408 -4.85 -28.99 24.61
CA THR D 408 -4.47 -29.50 23.29
C THR D 408 -4.53 -31.01 23.13
N GLU D 409 -3.95 -31.76 24.07
CA GLU D 409 -3.88 -33.21 23.98
C GLU D 409 -5.29 -33.79 23.94
N GLU D 410 -6.15 -33.32 24.83
CA GLU D 410 -7.53 -33.80 24.90
C GLU D 410 -8.37 -33.44 23.68
N VAL D 411 -8.22 -32.21 23.19
CA VAL D 411 -8.89 -31.78 21.97
C VAL D 411 -8.50 -32.67 20.81
N GLU D 412 -7.21 -32.90 20.67
CA GLU D 412 -6.69 -33.65 19.54
C GLU D 412 -7.11 -35.12 19.60
N ASP D 413 -7.19 -35.70 20.81
CA ASP D 413 -7.72 -37.06 20.98
C ASP D 413 -9.20 -37.20 20.56
N ILE D 414 -10.02 -36.28 21.00
CA ILE D 414 -11.41 -36.24 20.57
C ILE D 414 -11.52 -36.10 19.05
N LEU D 415 -10.79 -35.16 18.46
CA LEU D 415 -10.85 -34.95 17.02
C LEU D 415 -10.37 -36.16 16.20
N GLN D 416 -9.40 -36.91 16.72
CA GLN D 416 -8.86 -38.11 16.04
C GLN D 416 -9.94 -39.20 15.95
N GLU D 417 -10.78 -39.28 16.98
CA GLU D 417 -11.94 -40.17 16.92
C GLU D 417 -12.87 -39.82 15.76
N PHE D 418 -13.10 -38.53 15.51
CA PHE D 418 -13.91 -38.16 14.33
C PHE D 418 -13.18 -38.46 13.05
N VAL D 419 -11.88 -38.14 13.03
CA VAL D 419 -11.03 -38.34 11.86
C VAL D 419 -11.02 -39.84 11.47
N ASN D 420 -10.83 -40.70 12.46
CA ASN D 420 -10.81 -42.16 12.24
C ASN D 420 -12.14 -42.72 11.73
N LYS D 421 -13.24 -41.99 11.94
CA LYS D 421 -14.56 -42.37 11.43
C LYS D 421 -14.94 -41.73 10.07
N SER D 422 -14.01 -41.00 9.48
CA SER D 422 -14.21 -40.17 8.24
C SER D 422 -15.21 -39.02 8.39
N LEU D 423 -15.37 -38.57 9.63
CA LEU D 423 -16.30 -37.48 9.99
C LEU D 423 -15.61 -36.12 10.01
N LEU D 424 -14.31 -36.14 9.82
CA LEU D 424 -13.46 -35.00 9.98
C LEU D 424 -12.14 -35.35 9.32
N PHE D 425 -11.44 -34.35 8.83
CA PHE D 425 -10.12 -34.50 8.21
C PHE D 425 -9.13 -33.63 8.97
N CYS D 426 -7.87 -34.06 8.93
CA CYS D 426 -6.79 -33.38 9.61
C CYS D 426 -5.57 -33.33 8.71
N ASP D 427 -5.05 -32.12 8.44
CA ASP D 427 -3.80 -31.95 7.68
C ASP D 427 -2.71 -31.65 8.70
N ARG D 428 -1.66 -32.45 8.68
CA ARG D 428 -0.57 -32.33 9.63
C ARG D 428 0.67 -31.80 8.91
N ASN D 429 1.20 -30.67 9.37
CA ASN D 429 2.55 -30.26 8.98
C ASN D 429 3.41 -30.17 10.24
N GLY D 430 4.00 -31.31 10.61
CA GLY D 430 4.71 -31.44 11.86
C GLY D 430 3.80 -31.21 13.05
N LYS D 431 4.10 -30.18 13.82
CA LYS D 431 3.37 -29.90 15.06
C LYS D 431 2.06 -29.11 14.81
N SER D 432 1.95 -28.46 13.66
CA SER D 432 0.72 -27.74 13.32
C SER D 432 -0.37 -28.67 12.77
N PHE D 433 -1.49 -28.76 13.50
CA PHE D 433 -2.65 -29.60 13.14
C PHE D 433 -3.82 -28.68 12.72
N ARG D 434 -4.43 -28.97 11.57
CA ARG D 434 -5.60 -28.20 11.11
C ARG D 434 -6.73 -29.13 10.67
N TYR D 435 -7.95 -28.79 11.07
CA TYR D 435 -9.09 -29.69 10.86
C TYR D 435 -10.09 -29.08 9.90
N TYR D 436 -10.68 -29.94 9.08
CA TYR D 436 -11.70 -29.52 8.15
C TYR D 436 -12.69 -30.63 7.81
N LEU D 437 -13.81 -30.19 7.24
CA LEU D 437 -14.91 -31.02 6.83
C LEU D 437 -15.00 -30.97 5.33
N HIS D 438 -15.48 -32.06 4.71
CA HIS D 438 -15.84 -32.02 3.29
C HIS D 438 -17.06 -31.12 3.18
N ASP D 439 -17.15 -30.34 2.11
CA ASP D 439 -18.33 -29.50 1.85
C ASP D 439 -19.63 -30.21 2.09
N LEU D 440 -19.70 -31.46 1.64
CA LEU D 440 -20.91 -32.23 1.76
C LEU D 440 -21.27 -32.49 3.23
N GLN D 441 -20.27 -32.55 4.10
CA GLN D 441 -20.46 -32.76 5.54
C GLN D 441 -20.87 -31.47 6.24
N VAL D 442 -20.37 -30.34 5.73
CA VAL D 442 -20.83 -29.03 6.19
C VAL D 442 -22.35 -28.89 5.89
N ASP D 443 -22.75 -29.24 4.67
CA ASP D 443 -24.17 -29.26 4.26
C ASP D 443 -25.04 -30.13 5.18
N PHE D 444 -24.56 -31.31 5.50
CA PHE D 444 -25.28 -32.19 6.41
C PHE D 444 -25.50 -31.59 7.81
N LEU D 445 -24.44 -31.04 8.39
CA LEU D 445 -24.48 -30.52 9.77
C LEU D 445 -25.29 -29.23 9.87
N THR D 446 -25.22 -28.44 8.82
CA THR D 446 -25.98 -27.20 8.71
C THR D 446 -27.48 -27.49 8.65
N GLU D 447 -27.83 -28.51 7.88
CA GLU D 447 -29.20 -29.04 7.79
C GLU D 447 -29.64 -29.72 9.09
N LYS D 448 -28.89 -30.71 9.57
CA LYS D 448 -29.20 -31.39 10.84
C LYS D 448 -29.33 -30.46 12.05
N ASN D 449 -28.44 -29.48 12.18
CA ASN D 449 -28.35 -28.65 13.38
C ASN D 449 -28.75 -27.22 13.14
N CYS D 450 -29.55 -26.99 12.11
CA CYS D 450 -29.99 -25.65 11.71
C CYS D 450 -30.50 -24.76 12.85
N SER D 451 -31.31 -25.35 13.73
CA SER D 451 -31.95 -24.64 14.85
C SER D 451 -30.98 -24.27 15.97
N GLN D 452 -29.86 -24.97 16.06
CA GLN D 452 -28.87 -24.70 17.11
C GLN D 452 -27.76 -23.76 16.63
N LEU D 453 -27.73 -23.44 15.33
CA LEU D 453 -26.54 -22.85 14.70
C LEU D 453 -26.16 -21.53 15.33
N GLN D 454 -27.15 -20.67 15.55
CA GLN D 454 -26.93 -19.38 16.19
C GLN D 454 -26.30 -19.45 17.59
N ASP D 455 -26.77 -20.40 18.41
CA ASP D 455 -26.24 -20.64 19.76
C ASP D 455 -24.84 -21.17 19.72
N LEU D 456 -24.50 -21.95 18.69
CA LEU D 456 -23.16 -22.49 18.52
C LEU D 456 -22.19 -21.38 18.16
N HIS D 457 -22.61 -20.50 17.23
CA HIS D 457 -21.86 -19.29 16.91
C HIS D 457 -21.68 -18.36 18.12
N LYS D 458 -22.73 -18.19 18.92
CA LYS D 458 -22.63 -17.45 20.20
C LYS D 458 -21.67 -18.11 21.18
N LYS D 459 -21.65 -19.44 21.20
CA LYS D 459 -20.72 -20.20 22.05
C LYS D 459 -19.25 -19.86 21.79
N ILE D 460 -18.88 -19.82 20.51
CA ILE D 460 -17.48 -19.56 20.15
C ILE D 460 -17.07 -18.13 20.53
N ILE D 461 -17.99 -17.19 20.42
CA ILE D 461 -17.68 -15.80 20.81
C ILE D 461 -17.55 -15.67 22.34
N THR D 462 -18.45 -16.34 23.07
CA THR D 462 -18.42 -16.40 24.53
C THR D 462 -17.09 -16.97 25.02
N GLN D 463 -16.65 -18.05 24.37
CA GLN D 463 -15.43 -18.74 24.75
C GLN D 463 -14.23 -17.95 24.36
N PHE D 464 -14.27 -17.33 23.19
CA PHE D 464 -13.19 -16.45 22.75
C PHE D 464 -12.93 -15.32 23.74
N GLN D 465 -13.98 -14.73 24.26
CA GLN D 465 -13.86 -13.61 25.21
C GLN D 465 -13.28 -14.00 26.58
N ARG D 466 -12.99 -15.29 26.82
CA ARG D 466 -12.28 -15.72 28.05
C ARG D 466 -10.80 -16.05 27.82
N TYR D 467 -10.39 -16.13 26.55
CA TYR D 467 -9.01 -16.41 26.20
C TYR D 467 -8.34 -15.19 25.57
N HIS D 468 -9.12 -14.33 24.93
CA HIS D 468 -8.58 -13.21 24.21
C HIS D 468 -9.42 -11.94 24.37
N GLN D 469 -8.80 -10.84 23.98
CA GLN D 469 -9.47 -9.62 23.62
C GLN D 469 -9.03 -9.32 22.20
N PRO D 470 -9.91 -8.66 21.41
CA PRO D 470 -9.50 -8.22 20.06
C PRO D 470 -8.13 -7.52 20.00
N HIS D 471 -7.87 -6.60 20.93
CA HIS D 471 -6.60 -5.85 20.95
C HIS D 471 -5.38 -6.68 21.43
N THR D 472 -5.67 -7.84 22.03
CA THR D 472 -4.66 -8.79 22.54
C THR D 472 -4.11 -9.74 21.45
N LEU D 473 -4.66 -9.67 20.24
CA LEU D 473 -4.32 -10.61 19.17
C LEU D 473 -2.99 -10.29 18.50
N SER D 474 -2.15 -11.31 18.30
CA SER D 474 -0.80 -11.14 17.74
C SER D 474 -0.41 -12.27 16.77
N PRO D 475 0.27 -11.97 15.64
CA PRO D 475 0.43 -12.98 14.59
C PRO D 475 1.37 -14.16 14.89
N ASP D 476 2.09 -14.11 16.00
CA ASP D 476 2.85 -15.27 16.45
C ASP D 476 1.94 -16.42 16.85
N GLN D 477 0.74 -16.12 17.36
CA GLN D 477 -0.14 -17.18 17.89
C GLN D 477 -0.95 -17.87 16.77
N GLU D 478 -1.13 -19.19 16.91
CA GLU D 478 -1.58 -20.07 15.81
C GLU D 478 -3.01 -19.74 15.27
N ASP D 479 -3.86 -19.21 16.14
CA ASP D 479 -5.27 -18.90 15.81
C ASP D 479 -5.50 -17.45 15.38
N CYS D 480 -4.43 -16.65 15.31
CA CYS D 480 -4.56 -15.20 15.13
C CYS D 480 -5.33 -14.82 13.87
N MET D 481 -4.93 -15.40 12.76
CA MET D 481 -5.54 -15.08 11.50
C MET D 481 -6.96 -15.63 11.44
N TYR D 482 -7.23 -16.72 12.17
CA TYR D 482 -8.58 -17.23 12.25
C TYR D 482 -9.50 -16.12 12.77
N TRP D 483 -9.09 -15.51 13.88
CA TRP D 483 -9.94 -14.53 14.55
C TRP D 483 -10.04 -13.23 13.75
N TYR D 484 -8.96 -12.73 13.17
CA TYR D 484 -9.09 -11.55 12.29
C TYR D 484 -10.03 -11.81 11.13
N ASN D 485 -9.94 -13.02 10.60
CA ASN D 485 -10.74 -13.42 9.45
C ASN D 485 -12.21 -13.65 9.80
N PHE D 486 -12.47 -14.23 10.97
CA PHE D 486 -13.76 -14.82 11.28
C PHE D 486 -14.40 -14.42 12.60
N LEU D 487 -13.83 -13.48 13.35
CA LEU D 487 -14.48 -13.03 14.59
C LEU D 487 -15.82 -12.39 14.30
N ALA D 488 -15.79 -11.46 13.37
CA ALA D 488 -16.97 -10.72 12.98
C ALA D 488 -17.99 -11.64 12.31
N TYR D 489 -17.52 -12.59 11.51
CA TYR D 489 -18.37 -13.60 10.93
C TYR D 489 -19.16 -14.37 11.98
N HIS D 490 -18.51 -14.86 13.02
CA HIS D 490 -19.16 -15.64 14.06
C HIS D 490 -20.14 -14.79 14.87
N MET D 491 -19.75 -13.55 15.19
CA MET D 491 -20.65 -12.63 15.90
C MET D 491 -21.92 -12.37 15.10
N ALA D 492 -21.75 -12.13 13.80
CA ALA D 492 -22.88 -11.80 12.93
C ALA D 492 -23.78 -13.01 12.72
N SER D 493 -23.17 -14.18 12.61
CA SER D 493 -23.91 -15.43 12.55
C SER D 493 -24.65 -15.73 13.87
N ALA D 494 -24.07 -15.31 14.99
CA ALA D 494 -24.70 -15.46 16.31
C ALA D 494 -25.76 -14.39 16.57
N LYS D 495 -25.96 -13.50 15.58
CA LYS D 495 -26.76 -12.27 15.69
C LYS D 495 -26.40 -11.39 16.89
N MET D 496 -25.11 -11.37 17.26
CA MET D 496 -24.66 -10.60 18.43
C MET D 496 -24.29 -9.18 17.98
N HIS D 497 -25.32 -8.40 17.69
CA HIS D 497 -25.14 -7.05 17.12
C HIS D 497 -24.43 -6.08 18.08
N LYS D 498 -24.60 -6.25 19.38
CA LYS D 498 -23.86 -5.43 20.34
C LYS D 498 -22.37 -5.69 20.28
N GLU D 499 -22.00 -6.95 20.32
CA GLU D 499 -20.60 -7.35 20.30
C GLU D 499 -19.94 -7.01 18.95
N LEU D 500 -20.69 -7.17 17.85
CA LEU D 500 -20.21 -6.84 16.50
C LEU D 500 -19.89 -5.36 16.39
N CYS D 501 -20.78 -4.54 16.93
CA CYS D 501 -20.59 -3.12 16.95
C CYS D 501 -19.39 -2.76 17.82
N ALA D 502 -19.27 -3.34 19.00
CA ALA D 502 -18.14 -3.03 19.89
C ALA D 502 -16.81 -3.44 19.27
N LEU D 503 -16.80 -4.51 18.47
CA LEU D 503 -15.59 -4.91 17.76
C LEU D 503 -15.25 -3.96 16.58
N MET D 504 -16.22 -3.78 15.69
CA MET D 504 -15.97 -3.13 14.40
C MET D 504 -16.05 -1.58 14.42
N PHE D 505 -16.83 -1.03 15.33
CA PHE D 505 -16.95 0.43 15.40
C PHE D 505 -15.81 0.99 16.25
N SER D 506 -14.59 0.78 15.79
CA SER D 506 -13.40 0.91 16.65
C SER D 506 -12.18 1.23 15.80
N LEU D 507 -11.60 2.40 16.05
CA LEU D 507 -10.35 2.79 15.40
C LEU D 507 -9.20 1.83 15.70
N ASP D 508 -9.21 1.26 16.90
CA ASP D 508 -8.17 0.32 17.33
C ASP D 508 -8.20 -0.96 16.48
N TRP D 509 -9.40 -1.45 16.21
CA TRP D 509 -9.60 -2.64 15.43
C TRP D 509 -9.28 -2.37 13.98
N ILE D 510 -9.69 -1.22 13.46
CA ILE D 510 -9.34 -0.85 12.08
C ILE D 510 -7.83 -0.76 11.91
N LYS D 511 -7.16 -0.10 12.86
CA LYS D 511 -5.71 -0.01 12.85
C LYS D 511 -5.06 -1.41 12.87
N ALA D 512 -5.45 -2.22 13.84
CA ALA D 512 -4.85 -3.55 14.02
C ALA D 512 -5.06 -4.44 12.79
N LYS D 513 -6.29 -4.52 12.33
CA LYS D 513 -6.63 -5.39 11.21
C LYS D 513 -6.05 -4.87 9.87
N THR D 514 -6.20 -3.58 9.60
CA THR D 514 -5.68 -3.06 8.32
C THR D 514 -4.14 -3.10 8.22
N GLU D 515 -3.45 -2.95 9.34
CA GLU D 515 -1.98 -3.05 9.36
C GLU D 515 -1.44 -4.45 9.06
N LEU D 516 -2.26 -5.47 9.32
CA LEU D 516 -1.98 -6.84 8.89
C LEU D 516 -2.42 -7.18 7.47
N VAL D 517 -3.68 -6.91 7.14
CA VAL D 517 -4.31 -7.47 5.93
C VAL D 517 -4.88 -6.42 4.97
N GLY D 518 -4.78 -5.15 5.33
CA GLY D 518 -5.35 -4.06 4.57
C GLY D 518 -6.84 -3.91 4.80
N PRO D 519 -7.46 -3.00 4.03
CA PRO D 519 -8.89 -2.66 4.23
C PRO D 519 -9.95 -3.50 3.53
N ALA D 520 -9.59 -4.33 2.56
CA ALA D 520 -10.60 -4.91 1.68
C ALA D 520 -11.64 -5.80 2.38
N HIS D 521 -11.18 -6.74 3.20
CA HIS D 521 -12.08 -7.64 3.89
C HIS D 521 -12.96 -6.87 4.84
N LEU D 522 -12.35 -5.96 5.60
CA LEU D 522 -13.09 -5.14 6.57
C LEU D 522 -14.23 -4.45 5.91
N ILE D 523 -13.94 -3.81 4.78
CA ILE D 523 -14.96 -3.11 4.01
C ILE D 523 -16.09 -4.08 3.64
N HIS D 524 -15.74 -5.27 3.17
CA HIS D 524 -16.74 -6.31 2.85
C HIS D 524 -17.55 -6.70 4.09
N GLU D 525 -16.91 -6.83 5.25
CA GLU D 525 -17.58 -7.25 6.48
C GLU D 525 -18.62 -6.21 6.88
N PHE D 526 -18.28 -4.94 6.71
CA PHE D 526 -19.24 -3.87 6.99
C PHE D 526 -20.50 -4.02 6.11
N VAL D 527 -20.30 -4.27 4.83
CA VAL D 527 -21.40 -4.42 3.87
C VAL D 527 -22.22 -5.68 4.16
N GLU D 528 -21.52 -6.81 4.29
CA GLU D 528 -22.11 -8.14 4.47
C GLU D 528 -22.97 -8.27 5.72
N TYR D 529 -22.55 -7.62 6.81
CA TYR D 529 -23.15 -7.88 8.14
C TYR D 529 -24.06 -6.76 8.60
N ARG D 530 -24.19 -5.74 7.77
CA ARG D 530 -25.02 -4.59 8.08
C ARG D 530 -26.49 -4.93 8.30
N HIS D 531 -26.97 -5.99 7.64
CA HIS D 531 -28.38 -6.40 7.70
C HIS D 531 -28.86 -6.91 9.08
N ILE D 532 -27.95 -7.28 9.97
CA ILE D 532 -28.32 -7.72 11.33
C ILE D 532 -28.49 -6.54 12.28
N LEU D 533 -28.20 -5.32 11.81
CA LEU D 533 -28.13 -4.17 12.71
C LEU D 533 -29.44 -3.37 12.76
N ASP D 534 -29.70 -2.72 13.89
CA ASP D 534 -30.82 -1.78 13.95
C ASP D 534 -30.49 -0.54 13.11
N GLU D 535 -31.45 0.39 13.04
CA GLU D 535 -31.33 1.59 12.18
C GLU D 535 -30.16 2.49 12.58
N LYS D 536 -29.98 2.65 13.88
CA LYS D 536 -28.96 3.52 14.46
C LYS D 536 -27.55 3.00 14.15
N ASP D 537 -27.33 1.71 14.41
CA ASP D 537 -26.02 1.08 14.20
C ASP D 537 -25.71 0.93 12.70
N CYS D 538 -26.75 0.67 11.92
CA CYS D 538 -26.63 0.62 10.47
C CYS D 538 -26.05 1.94 9.87
N ALA D 539 -26.46 3.09 10.40
CA ALA D 539 -25.90 4.37 9.99
C ALA D 539 -24.40 4.45 10.37
N VAL D 540 -24.09 4.17 11.63
CA VAL D 540 -22.68 4.16 12.08
C VAL D 540 -21.85 3.19 11.24
N SER D 541 -22.38 2.01 10.96
CA SER D 541 -21.73 1.10 10.03
C SER D 541 -21.31 1.84 8.75
N GLU D 542 -22.23 2.62 8.19
CA GLU D 542 -22.00 3.32 6.93
C GLU D 542 -20.90 4.40 7.07
N ASN D 543 -20.88 5.09 8.21
CA ASN D 543 -19.76 5.95 8.59
C ASN D 543 -18.41 5.28 8.49
N PHE D 544 -18.26 4.15 9.16
CA PHE D 544 -16.97 3.44 9.13
C PHE D 544 -16.66 2.92 7.75
N GLN D 545 -17.68 2.46 7.03
CA GLN D 545 -17.46 1.93 5.67
C GLN D 545 -16.87 2.95 4.71
N GLU D 546 -17.39 4.16 4.77
CA GLU D 546 -16.98 5.19 3.85
C GLU D 546 -15.61 5.78 4.24
N PHE D 547 -15.33 5.78 5.54
CA PHE D 547 -14.01 6.12 6.09
C PHE D 547 -12.94 5.19 5.55
N LEU D 548 -13.27 3.91 5.46
CA LEU D 548 -12.35 2.91 4.93
C LEU D 548 -12.18 2.98 3.43
N SER D 549 -13.29 3.21 2.74
CA SER D 549 -13.28 3.24 1.28
C SER D 549 -12.48 4.48 0.84
N LEU D 550 -12.77 5.62 1.47
CA LEU D 550 -12.05 6.89 1.20
C LEU D 550 -10.53 6.76 1.36
N ASN D 551 -10.13 6.04 2.41
CA ASN D 551 -8.75 5.98 2.81
C ASN D 551 -8.14 4.64 2.47
N GLY D 552 -8.82 3.85 1.61
CA GLY D 552 -8.47 2.45 1.38
C GLY D 552 -7.13 2.24 0.72
N HIS D 553 -6.73 3.19 -0.10
CA HIS D 553 -5.42 3.15 -0.76
C HIS D 553 -4.25 3.39 0.23
N LEU D 554 -4.57 3.86 1.43
CA LEU D 554 -3.53 4.19 2.42
C LEU D 554 -3.38 3.11 3.50
N LEU D 555 -4.47 2.40 3.77
CA LEU D 555 -4.52 1.49 4.90
C LEU D 555 -3.72 0.22 4.62
N GLY D 556 -2.86 -0.12 5.57
CA GLY D 556 -2.02 -1.31 5.50
C GLY D 556 -0.76 -1.14 4.68
N ARG D 557 -0.49 0.09 4.26
CA ARG D 557 0.71 0.41 3.49
C ARG D 557 1.72 1.13 4.35
N GLN D 558 2.91 0.52 4.43
CA GLN D 558 4.01 1.04 5.21
C GLN D 558 4.66 2.19 4.42
N PRO D 559 5.03 3.30 5.10
CA PRO D 559 4.75 3.66 6.49
C PRO D 559 3.26 3.90 6.77
N PHE D 560 2.79 3.32 7.86
CA PHE D 560 1.35 3.23 8.12
C PHE D 560 0.75 4.62 8.39
N PRO D 561 -0.46 4.87 7.88
CA PRO D 561 -1.09 6.15 8.14
C PRO D 561 -1.52 6.30 9.61
N ASN D 562 -1.58 7.54 10.06
CA ASN D 562 -2.11 7.90 11.38
C ASN D 562 -3.62 7.87 11.31
N ILE D 563 -4.21 6.86 11.92
CA ILE D 563 -5.64 6.62 11.82
C ILE D 563 -6.46 7.69 12.51
N VAL D 564 -5.91 8.27 13.57
CA VAL D 564 -6.55 9.36 14.30
C VAL D 564 -6.58 10.69 13.49
N GLN D 565 -5.48 11.05 12.84
CA GLN D 565 -5.47 12.16 11.89
C GLN D 565 -6.49 11.94 10.76
N LEU D 566 -6.50 10.75 10.16
CA LEU D 566 -7.47 10.42 9.11
C LEU D 566 -8.91 10.55 9.56
N GLY D 567 -9.18 10.09 10.78
CA GLY D 567 -10.53 10.14 11.34
C GLY D 567 -10.96 11.54 11.68
N LEU D 568 -10.00 12.40 11.98
CA LEU D 568 -10.27 13.81 12.20
C LEU D 568 -10.65 14.57 10.92
N CYS D 569 -10.48 13.93 9.76
CA CYS D 569 -10.90 14.46 8.47
C CYS D 569 -12.27 13.97 8.05
N GLU D 570 -12.93 13.17 8.88
CA GLU D 570 -14.29 12.77 8.62
C GLU D 570 -15.28 13.85 9.07
N PRO D 571 -16.51 13.82 8.52
CA PRO D 571 -17.50 14.81 8.93
C PRO D 571 -17.71 14.77 10.45
N GLU D 572 -17.96 15.91 11.07
CA GLU D 572 -18.08 15.98 12.52
C GLU D 572 -19.30 15.25 13.07
N THR D 573 -20.23 14.91 12.19
CA THR D 573 -21.39 14.10 12.57
C THR D 573 -20.96 12.64 12.72
N SER D 574 -19.93 12.24 11.96
CA SER D 574 -19.44 10.85 11.90
C SER D 574 -18.94 10.36 13.25
N GLU D 575 -19.29 9.12 13.58
CA GLU D 575 -18.78 8.46 14.80
C GLU D 575 -17.26 8.19 14.74
N VAL D 576 -16.74 8.12 13.52
CA VAL D 576 -15.30 7.96 13.34
C VAL D 576 -14.60 9.25 13.79
N TYR D 577 -15.10 10.40 13.34
CA TYR D 577 -14.58 11.68 13.80
C TYR D 577 -14.69 11.86 15.31
N GLN D 578 -15.82 11.45 15.87
CA GLN D 578 -16.02 11.60 17.31
C GLN D 578 -15.06 10.70 18.08
N GLN D 579 -14.87 9.47 17.62
CA GLN D 579 -13.83 8.62 18.21
C GLN D 579 -12.41 9.18 18.02
N ALA D 580 -12.13 9.69 16.81
CA ALA D 580 -10.82 10.29 16.52
C ALA D 580 -10.55 11.48 17.42
N LYS D 581 -11.57 12.30 17.63
CA LYS D 581 -11.46 13.46 18.53
C LYS D 581 -11.12 13.09 19.98
N LEU D 582 -11.71 11.99 20.47
CA LEU D 582 -11.45 11.52 21.84
C LEU D 582 -10.02 11.04 22.00
N GLN D 583 -9.56 10.25 21.03
CA GLN D 583 -8.20 9.73 21.08
C GLN D 583 -7.14 10.84 20.98
N ALA D 584 -7.40 11.86 20.15
CA ALA D 584 -6.50 13.02 20.03
C ALA D 584 -6.28 13.67 21.38
N LYS D 585 -7.38 14.01 22.07
CA LYS D 585 -7.30 14.53 23.44
C LYS D 585 -6.61 13.57 24.40
N GLN D 586 -7.05 12.33 24.41
CA GLN D 586 -6.55 11.35 25.37
C GLN D 586 -5.08 11.04 25.11
#